data_3O8B
#
_entry.id   3O8B
#
_cell.length_a   91.299
_cell.length_b   111.955
_cell.length_c   139.927
_cell.angle_alpha   90.00
_cell.angle_beta   90.00
_cell.angle_gamma   90.00
#
_symmetry.space_group_name_H-M   'P 21 21 21'
#
loop_
_entity.id
_entity.type
_entity.pdbx_description
1 polymer 'HCV NS3 protease/helicase'
2 non-polymer 'ZINC ION'
3 non-polymer 'SULFATE ION'
4 water water
#
_entity_poly.entity_id   1
_entity_poly.type   'polypeptide(L)'
_entity_poly.pdbx_seq_one_letter_code
;MGSSHHHHHHSSGLVPRGSHMGSVVIVGRIILSGSGSITAYSQQTRGLLGCIITSLTGRDKNQVEGEVQVVSTATQSFLA
TCVNGVCWTVYHGAGSKTLAGPKGPITQMYTNVDQDLVGWQAPPGARSLTPCTCGSSDLYLVTRHADVIPVRRRGDSRGS
LLSPRPVSYLKGSSGGPLLCPSGHAVGIFRAAVCTRGVAKAVDFVPVESMETTMRSPVFTDNSSPPAVPQSFQVAHLHAP
TGSGKSTKVPAAYAAQGYKVLVLNPSVAATLGFGAYMSKAHGIDPNIRTGVRTITTGAPVTYSTYGKFLADGGCSGGAYD
IIICDECHSTDSTTILGIGTVLDQAETAGARLVVLATATPPGSVTVPHPNIEEVALSNTGEIPFYGKAIPIEAIRGGRHL
IFCHSKKKCDELAAKLSGLGINAVAYYRGLDVSVIPTIGDVVVVATDALMTGYTGDFDSVIDCNTCVTQTVDFSLDPTFT
IETTTVPQDAVSRSQRRGRTGRGRRGIYRFVTPGERPSGMFDSSVLCECYDAGCAWYELTPAETSVRLRAYLNTPGLPVC
QDHLEFWESVFTGLTHIDAHFLSQTKQAGDNFPYLVAYQATVCARAQAPPPSWDQMWKCLIRLKPTLHGPTPLLYRLGAV
QNEVTLTHPITKYIMACMSADLEVVT
;
_entity_poly.pdbx_strand_id   A,B
#
loop_
_chem_comp.id
_chem_comp.type
_chem_comp.name
_chem_comp.formula
SO4 non-polymer 'SULFATE ION' 'O4 S -2'
ZN non-polymer 'ZINC ION' 'Zn 2'
#
# COMPACT_ATOMS: atom_id res chain seq x y z
N GLY A 22 -4.94 -19.40 -10.09
CA GLY A 22 -4.98 -20.09 -8.81
C GLY A 22 -6.33 -19.93 -8.12
N SER A 23 -6.57 -20.79 -7.14
CA SER A 23 -7.85 -20.82 -6.43
C SER A 23 -7.83 -19.86 -5.27
N VAL A 24 -9.02 -19.46 -4.83
CA VAL A 24 -9.18 -18.77 -3.55
C VAL A 24 -8.98 -19.82 -2.47
N VAL A 25 -8.34 -19.45 -1.37
CA VAL A 25 -8.05 -20.42 -0.29
C VAL A 25 -8.51 -19.93 1.07
N ILE A 26 -9.12 -20.84 1.83
CA ILE A 26 -9.53 -20.57 3.20
C ILE A 26 -8.28 -20.60 4.09
N VAL A 27 -7.99 -19.50 4.80
CA VAL A 27 -6.80 -19.44 5.64
C VAL A 27 -7.17 -19.25 7.11
N GLY A 28 -8.47 -19.17 7.37
CA GLY A 28 -8.93 -19.04 8.73
C GLY A 28 -10.44 -18.93 8.77
N ARG A 29 -10.97 -18.67 9.95
CA ARG A 29 -12.40 -18.50 10.12
C ARG A 29 -12.68 -17.50 11.23
N ILE A 30 -13.87 -16.93 11.22
CA ILE A 30 -14.29 -16.05 12.31
C ILE A 30 -15.43 -16.77 13.02
N ILE A 31 -15.21 -17.21 14.25
CA ILE A 31 -16.22 -17.96 14.98
C ILE A 31 -17.20 -17.03 15.69
N LEU A 32 -18.50 -17.24 15.48
CA LEU A 32 -19.52 -16.38 16.05
C LEU A 32 -20.16 -17.06 17.24
N SER A 33 -20.52 -16.29 18.26
CA SER A 33 -21.24 -16.83 19.41
C SER A 33 -22.64 -17.33 19.01
N GLY A 34 -23.08 -18.43 19.61
CA GLY A 34 -24.39 -19.01 19.33
C GLY A 34 -25.44 -18.65 20.37
N SER A 35 -25.07 -17.81 21.31
CA SER A 35 -25.97 -17.39 22.37
C SER A 35 -25.49 -16.06 22.95
N GLY A 36 -26.35 -15.39 23.70
CA GLY A 36 -26.01 -14.11 24.29
C GLY A 36 -25.73 -13.03 23.25
N SER A 37 -24.98 -12.01 23.66
CA SER A 37 -24.63 -10.94 22.73
C SER A 37 -23.81 -11.53 21.59
N ILE A 38 -23.86 -10.89 20.43
CA ILE A 38 -23.06 -11.35 19.30
C ILE A 38 -21.59 -10.93 19.47
N THR A 39 -20.71 -11.92 19.55
CA THR A 39 -19.28 -11.66 19.62
C THR A 39 -18.60 -12.59 18.64
N ALA A 40 -17.30 -12.36 18.41
CA ALA A 40 -16.57 -13.11 17.41
C ALA A 40 -15.10 -13.26 17.77
N TYR A 41 -14.48 -14.32 17.26
CA TYR A 41 -13.03 -14.43 17.39
C TYR A 41 -12.45 -15.19 16.21
N SER A 42 -11.21 -14.88 15.84
CA SER A 42 -10.60 -15.54 14.69
C SER A 42 -9.84 -16.80 15.07
N GLN A 43 -9.71 -17.68 14.08
CA GLN A 43 -8.85 -18.85 14.18
C GLN A 43 -8.09 -18.89 12.87
N GLN A 44 -6.76 -18.74 12.93
CA GLN A 44 -5.94 -18.81 11.73
C GLN A 44 -5.53 -20.25 11.49
N THR A 45 -5.78 -20.75 10.27
CA THR A 45 -5.63 -22.17 10.01
C THR A 45 -4.49 -22.50 9.08
N ARG A 46 -4.00 -21.51 8.33
CA ARG A 46 -2.81 -21.77 7.53
C ARG A 46 -2.01 -20.50 7.25
N GLY A 47 -0.72 -20.67 7.03
CA GLY A 47 0.17 -19.55 6.82
C GLY A 47 0.37 -19.22 5.35
N LEU A 48 1.31 -18.33 5.08
CA LEU A 48 1.56 -17.86 3.73
C LEU A 48 1.91 -19.00 2.79
N LEU A 49 2.77 -19.90 3.24
CA LEU A 49 3.24 -20.99 2.38
C LEU A 49 2.12 -21.96 2.01
N GLY A 50 1.35 -22.38 3.00
CA GLY A 50 0.20 -23.25 2.77
C GLY A 50 -0.80 -22.62 1.81
N CYS A 51 -1.08 -21.33 2.02
CA CYS A 51 -2.01 -20.61 1.16
C CYS A 51 -1.58 -20.67 -0.31
N ILE A 52 -0.30 -20.39 -0.57
CA ILE A 52 0.18 -20.32 -1.95
C ILE A 52 0.15 -21.68 -2.62
N ILE A 53 0.61 -22.69 -1.89
CA ILE A 53 0.59 -24.05 -2.40
C ILE A 53 -0.83 -24.48 -2.73
N THR A 54 -1.75 -24.20 -1.82
CA THR A 54 -3.13 -24.64 -1.98
C THR A 54 -3.79 -23.89 -3.13
N SER A 55 -3.47 -22.62 -3.29
CA SER A 55 -3.99 -21.83 -4.40
C SER A 55 -3.61 -22.46 -5.73
N LEU A 56 -2.40 -23.01 -5.79
CA LEU A 56 -1.84 -23.56 -7.03
C LEU A 56 -2.41 -24.92 -7.39
N THR A 57 -2.61 -25.77 -6.40
CA THR A 57 -3.20 -27.08 -6.63
C THR A 57 -4.72 -27.00 -6.64
N GLY A 58 -5.29 -26.12 -5.83
CA GLY A 58 -6.74 -26.00 -5.72
C GLY A 58 -7.29 -27.10 -4.84
N ARG A 59 -6.39 -27.84 -4.21
CA ARG A 59 -6.79 -28.97 -3.37
C ARG A 59 -6.51 -28.67 -1.90
N ASP A 60 -7.57 -28.57 -1.12
CA ASP A 60 -7.46 -28.23 0.28
C ASP A 60 -8.08 -29.30 1.14
N LYS A 61 -7.24 -30.00 1.90
CA LYS A 61 -7.69 -31.10 2.74
C LYS A 61 -8.01 -30.68 4.18
N ASN A 62 -7.81 -29.41 4.51
CA ASN A 62 -8.09 -28.95 5.87
C ASN A 62 -9.54 -29.13 6.25
N GLN A 63 -9.76 -29.50 7.50
CA GLN A 63 -11.09 -29.51 8.08
C GLN A 63 -11.64 -28.10 7.95
N VAL A 64 -12.89 -27.98 7.51
CA VAL A 64 -13.53 -26.67 7.55
C VAL A 64 -14.59 -26.59 8.64
N GLU A 65 -14.61 -25.44 9.33
CA GLU A 65 -15.52 -25.23 10.44
C GLU A 65 -16.15 -23.86 10.32
N GLY A 66 -17.25 -23.65 11.03
CA GLY A 66 -17.83 -22.33 11.16
C GLY A 66 -18.52 -21.85 9.88
N GLU A 67 -19.03 -20.63 9.92
CA GLU A 67 -19.71 -20.13 8.74
C GLU A 67 -19.00 -18.97 8.03
N VAL A 68 -18.22 -18.18 8.77
CA VAL A 68 -17.47 -17.07 8.15
C VAL A 68 -16.04 -17.48 7.96
N GLN A 69 -15.62 -17.57 6.70
CA GLN A 69 -14.27 -17.99 6.36
C GLN A 69 -13.42 -16.78 6.00
N VAL A 70 -12.16 -16.80 6.44
CA VAL A 70 -11.20 -15.82 5.96
C VAL A 70 -10.55 -16.46 4.75
N VAL A 71 -10.59 -15.78 3.60
CA VAL A 71 -10.07 -16.35 2.38
C VAL A 71 -9.00 -15.47 1.78
N SER A 72 -8.11 -16.06 1.00
CA SER A 72 -7.04 -15.30 0.35
C SER A 72 -6.76 -15.80 -1.03
N THR A 73 -6.29 -14.88 -1.86
CA THR A 73 -5.67 -15.23 -3.12
C THR A 73 -4.18 -15.03 -2.92
N ALA A 74 -3.44 -14.80 -4.00
CA ALA A 74 -2.00 -14.57 -3.89
C ALA A 74 -1.74 -13.18 -3.31
N THR A 75 -2.60 -12.25 -3.64
CA THR A 75 -2.35 -10.85 -3.36
C THR A 75 -3.30 -10.21 -2.35
N GLN A 76 -4.52 -10.71 -2.24
CA GLN A 76 -5.50 -10.09 -1.35
C GLN A 76 -6.17 -11.07 -0.38
N SER A 77 -6.73 -10.53 0.69
CA SER A 77 -7.46 -11.34 1.65
C SER A 77 -8.76 -10.65 2.01
N PHE A 78 -9.80 -11.45 2.19
CA PHE A 78 -11.12 -10.93 2.47
C PHE A 78 -11.90 -12.05 3.14
N LEU A 79 -13.21 -11.96 3.12
CA LEU A 79 -14.05 -12.91 3.85
C LEU A 79 -15.01 -13.61 2.91
N ALA A 80 -15.47 -14.79 3.30
CA ALA A 80 -16.51 -15.48 2.57
C ALA A 80 -17.48 -16.04 3.59
N THR A 81 -18.78 -15.89 3.35
CA THR A 81 -19.77 -16.32 4.33
C THR A 81 -20.72 -17.37 3.79
N CYS A 82 -20.85 -18.48 4.52
CA CYS A 82 -21.77 -19.55 4.12
C CYS A 82 -23.18 -19.22 4.58
N VAL A 83 -24.10 -19.17 3.63
CA VAL A 83 -25.52 -18.96 3.90
C VAL A 83 -26.31 -19.99 3.07
N ASN A 84 -27.15 -20.78 3.73
CA ASN A 84 -27.95 -21.78 3.04
C ASN A 84 -27.15 -22.75 2.18
N GLY A 85 -25.97 -23.12 2.64
CA GLY A 85 -25.14 -24.13 1.96
C GLY A 85 -24.28 -23.68 0.79
N VAL A 86 -24.26 -22.37 0.54
CA VAL A 86 -23.40 -21.78 -0.48
C VAL A 86 -22.45 -20.84 0.25
N CYS A 87 -21.16 -20.91 -0.08
CA CYS A 87 -20.15 -20.01 0.45
C CYS A 87 -20.11 -18.78 -0.46
N TRP A 88 -20.53 -17.64 0.07
CA TRP A 88 -20.67 -16.43 -0.73
C TRP A 88 -19.53 -15.44 -0.50
N THR A 89 -19.11 -14.72 -1.54
CA THR A 89 -18.19 -13.61 -1.37
C THR A 89 -18.35 -12.62 -2.51
N VAL A 90 -17.53 -11.55 -2.50
CA VAL A 90 -17.64 -10.49 -3.52
C VAL A 90 -16.92 -10.85 -4.81
N TYR A 91 -17.52 -10.49 -5.95
CA TYR A 91 -16.86 -10.65 -7.24
C TYR A 91 -15.59 -9.80 -7.28
N HIS A 92 -15.64 -8.60 -6.70
CA HIS A 92 -14.49 -7.70 -6.82
C HIS A 92 -13.25 -8.25 -6.12
N GLY A 93 -13.45 -9.21 -5.21
CA GLY A 93 -12.36 -9.90 -4.55
C GLY A 93 -11.98 -11.21 -5.22
N ALA A 94 -12.96 -12.07 -5.49
CA ALA A 94 -12.69 -13.42 -5.96
C ALA A 94 -12.72 -13.57 -7.49
N GLY A 95 -13.26 -12.58 -8.18
CA GLY A 95 -13.46 -12.71 -9.63
C GLY A 95 -14.20 -14.00 -9.91
N SER A 96 -13.75 -14.75 -10.91
CA SER A 96 -14.42 -16.02 -11.25
C SER A 96 -13.64 -17.22 -10.75
N LYS A 97 -12.72 -16.98 -9.81
CA LYS A 97 -11.81 -18.02 -9.33
C LYS A 97 -12.53 -19.19 -8.66
N THR A 98 -11.91 -20.36 -8.75
CA THR A 98 -12.38 -21.53 -8.02
C THR A 98 -11.97 -21.41 -6.56
N LEU A 99 -12.58 -22.23 -5.71
CA LEU A 99 -12.25 -22.31 -4.29
C LEU A 99 -11.56 -23.65 -4.04
N ALA A 100 -10.41 -23.63 -3.38
CA ALA A 100 -9.72 -24.88 -3.08
C ALA A 100 -10.59 -25.76 -2.19
N GLY A 101 -10.79 -27.02 -2.58
CA GLY A 101 -11.64 -27.93 -1.83
C GLY A 101 -11.04 -29.32 -1.65
N PRO A 102 -11.71 -30.16 -0.85
CA PRO A 102 -11.14 -31.45 -0.44
C PRO A 102 -10.92 -32.42 -1.60
N LYS A 103 -11.64 -32.20 -2.70
CA LYS A 103 -11.54 -33.06 -3.87
C LYS A 103 -10.97 -32.29 -5.05
N GLY A 104 -10.34 -31.16 -4.78
CA GLY A 104 -9.84 -30.30 -5.83
C GLY A 104 -10.63 -29.01 -5.92
N PRO A 105 -10.35 -28.18 -6.93
CA PRO A 105 -10.97 -26.86 -7.05
C PRO A 105 -12.49 -26.93 -7.25
N ILE A 106 -13.18 -26.06 -6.52
CA ILE A 106 -14.63 -25.96 -6.60
C ILE A 106 -14.95 -24.78 -7.52
N THR A 107 -15.72 -25.03 -8.57
CA THR A 107 -16.09 -23.96 -9.48
C THR A 107 -17.25 -23.17 -8.91
N GLN A 108 -17.35 -21.90 -9.26
CA GLN A 108 -18.48 -21.11 -8.78
C GLN A 108 -19.78 -21.66 -9.33
N MET A 109 -20.76 -21.79 -8.45
CA MET A 109 -22.10 -22.15 -8.84
C MET A 109 -22.82 -20.90 -9.32
N TYR A 110 -22.46 -19.75 -8.74
CA TYR A 110 -23.12 -18.48 -9.05
C TYR A 110 -22.07 -17.39 -9.21
N THR A 111 -22.25 -16.58 -10.25
CA THR A 111 -21.37 -15.43 -10.50
C THR A 111 -22.24 -14.26 -10.93
N ASN A 112 -22.47 -13.31 -10.04
CA ASN A 112 -23.35 -12.21 -10.40
C ASN A 112 -22.59 -10.88 -10.29
N VAL A 113 -22.03 -10.46 -11.42
CA VAL A 113 -21.21 -9.25 -11.43
C VAL A 113 -22.03 -8.00 -11.09
N ASP A 114 -23.30 -7.96 -11.54
CA ASP A 114 -24.20 -6.84 -11.22
C ASP A 114 -24.33 -6.64 -9.71
N GLN A 115 -24.48 -7.74 -8.98
CA GLN A 115 -24.68 -7.69 -7.54
C GLN A 115 -23.36 -7.72 -6.76
N ASP A 116 -22.26 -7.97 -7.48
CA ASP A 116 -20.94 -8.09 -6.90
C ASP A 116 -20.91 -9.28 -5.94
N LEU A 117 -21.46 -10.41 -6.38
CA LEU A 117 -21.62 -11.56 -5.49
C LEU A 117 -21.39 -12.84 -6.23
N VAL A 118 -20.55 -13.72 -5.67
CA VAL A 118 -20.30 -15.05 -6.23
C VAL A 118 -20.53 -16.09 -5.16
N GLY A 119 -20.79 -17.32 -5.57
CA GLY A 119 -21.00 -18.40 -4.61
C GLY A 119 -20.46 -19.73 -5.09
N TRP A 120 -19.84 -20.45 -4.15
CA TRP A 120 -19.40 -21.83 -4.35
C TRP A 120 -20.23 -22.74 -3.45
N GLN A 121 -20.58 -23.93 -3.93
CA GLN A 121 -21.25 -24.87 -3.03
C GLN A 121 -20.32 -25.11 -1.85
N ALA A 122 -20.81 -24.94 -0.63
CA ALA A 122 -19.95 -24.99 0.54
C ALA A 122 -19.31 -26.36 0.72
N PRO A 123 -17.99 -26.39 0.95
CA PRO A 123 -17.24 -27.64 1.16
C PRO A 123 -17.71 -28.32 2.45
N PRO A 124 -17.62 -29.66 2.49
CA PRO A 124 -18.11 -30.37 3.69
C PRO A 124 -17.47 -29.85 4.96
N GLY A 125 -18.26 -29.74 6.00
CA GLY A 125 -17.75 -29.25 7.28
C GLY A 125 -18.21 -27.83 7.57
N ALA A 126 -18.34 -27.01 6.53
CA ALA A 126 -18.80 -25.64 6.73
C ALA A 126 -20.22 -25.64 7.30
N ARG A 127 -20.47 -24.75 8.24
CA ARG A 127 -21.82 -24.51 8.72
C ARG A 127 -22.37 -23.32 7.97
N SER A 128 -23.68 -23.20 7.89
CA SER A 128 -24.29 -22.07 7.21
C SER A 128 -25.09 -21.19 8.15
N LEU A 129 -25.03 -19.90 7.91
CA LEU A 129 -25.98 -18.97 8.52
C LEU A 129 -27.29 -19.15 7.80
N THR A 130 -28.39 -18.68 8.39
CA THR A 130 -29.68 -18.69 7.70
C THR A 130 -30.29 -17.30 7.75
N PRO A 131 -31.17 -16.98 6.79
CA PRO A 131 -31.73 -15.63 6.66
C PRO A 131 -32.53 -15.19 7.88
N CYS A 132 -32.51 -13.88 8.13
CA CYS A 132 -33.25 -13.28 9.22
C CYS A 132 -34.75 -13.27 8.93
N THR A 133 -35.56 -13.57 9.94
CA THR A 133 -37.02 -13.55 9.79
C THR A 133 -37.65 -12.41 10.61
N CYS A 134 -36.86 -11.80 11.49
CA CYS A 134 -37.38 -10.85 12.48
C CYS A 134 -37.53 -9.42 11.95
N GLY A 135 -36.88 -9.11 10.83
CA GLY A 135 -37.04 -7.82 10.18
C GLY A 135 -36.42 -6.64 10.95
N SER A 136 -35.55 -6.94 11.90
CA SER A 136 -34.92 -5.89 12.70
C SER A 136 -34.07 -4.93 11.86
N SER A 137 -34.00 -3.69 12.33
CA SER A 137 -33.16 -2.70 11.67
C SER A 137 -31.84 -2.54 12.39
N ASP A 138 -31.69 -3.24 13.51
CA ASP A 138 -30.46 -3.18 14.28
C ASP A 138 -29.50 -4.28 13.84
N LEU A 139 -28.49 -3.88 13.08
CA LEU A 139 -27.57 -4.84 12.46
C LEU A 139 -26.19 -4.85 13.07
N TYR A 140 -25.44 -5.93 12.80
CA TYR A 140 -24.08 -6.09 13.31
C TYR A 140 -23.17 -6.61 12.21
N LEU A 141 -22.15 -5.83 11.88
CA LEU A 141 -21.20 -6.22 10.84
C LEU A 141 -19.98 -6.88 11.45
N VAL A 142 -19.63 -8.05 10.94
CA VAL A 142 -18.50 -8.80 11.45
C VAL A 142 -17.32 -8.59 10.53
N THR A 143 -16.21 -8.12 11.07
CA THR A 143 -15.06 -7.74 10.26
C THR A 143 -14.01 -8.86 10.25
N ARG A 144 -12.99 -8.72 9.42
CA ARG A 144 -11.97 -9.75 9.34
C ARG A 144 -11.15 -9.83 10.62
N HIS A 145 -11.25 -8.80 11.45
CA HIS A 145 -10.50 -8.80 12.70
C HIS A 145 -11.38 -9.29 13.83
N ALA A 146 -12.54 -9.82 13.46
CA ALA A 146 -13.51 -10.32 14.42
C ALA A 146 -14.05 -9.21 15.33
N ASP A 147 -14.10 -7.99 14.79
CA ASP A 147 -14.86 -6.93 15.43
C ASP A 147 -16.33 -7.15 15.10
N VAL A 148 -17.21 -6.76 16.01
CA VAL A 148 -18.63 -6.79 15.75
C VAL A 148 -19.13 -5.35 15.84
N ILE A 149 -19.55 -4.81 14.71
CA ILE A 149 -19.79 -3.39 14.56
C ILE A 149 -21.27 -3.09 14.35
N PRO A 150 -21.87 -2.27 15.22
CA PRO A 150 -23.30 -1.96 15.09
C PRO A 150 -23.61 -1.06 13.90
N VAL A 151 -24.69 -1.38 13.20
CA VAL A 151 -25.07 -0.71 11.97
C VAL A 151 -26.58 -0.62 11.96
N ARG A 152 -27.13 0.56 11.69
CA ARG A 152 -28.57 0.77 11.60
C ARG A 152 -29.03 0.67 10.15
N ARG A 153 -29.87 -0.31 9.83
CA ARG A 153 -30.30 -0.50 8.45
C ARG A 153 -31.05 0.74 7.97
N ARG A 154 -30.77 1.16 6.75
CA ARG A 154 -31.35 2.41 6.23
C ARG A 154 -32.14 2.19 4.94
N GLY A 155 -31.91 1.04 4.31
CA GLY A 155 -32.60 0.64 3.10
C GLY A 155 -32.25 -0.80 2.80
N ASP A 156 -32.70 -1.32 1.67
CA ASP A 156 -32.50 -2.72 1.34
C ASP A 156 -31.04 -3.16 1.47
N SER A 157 -30.13 -2.28 1.06
CA SER A 157 -28.74 -2.65 0.86
C SER A 157 -27.78 -1.68 1.51
N ARG A 158 -28.28 -0.83 2.39
CA ARG A 158 -27.46 0.21 3.02
C ARG A 158 -27.70 0.24 4.53
N GLY A 159 -26.66 0.58 5.29
CA GLY A 159 -26.82 0.78 6.73
C GLY A 159 -25.81 1.78 7.24
N SER A 160 -26.19 2.56 8.25
CA SER A 160 -25.27 3.56 8.82
C SER A 160 -24.50 3.03 10.02
N LEU A 161 -23.20 3.35 10.07
CA LEU A 161 -22.39 2.96 11.22
C LEU A 161 -22.72 3.85 12.39
N LEU A 162 -22.96 3.26 13.55
CA LEU A 162 -23.19 4.05 14.76
C LEU A 162 -21.96 4.90 15.09
N SER A 163 -20.79 4.32 14.90
CA SER A 163 -19.54 5.05 15.04
C SER A 163 -18.73 5.02 13.74
N PRO A 164 -18.75 6.14 13.00
CA PRO A 164 -17.90 6.25 11.80
C PRO A 164 -16.45 5.90 12.07
N ARG A 165 -15.81 5.28 11.10
CA ARG A 165 -14.44 4.81 11.23
C ARG A 165 -13.68 5.02 9.92
N PRO A 166 -12.38 5.26 10.01
CA PRO A 166 -11.53 5.31 8.82
C PRO A 166 -11.82 4.10 7.96
N VAL A 167 -11.84 4.30 6.65
CA VAL A 167 -12.19 3.22 5.76
C VAL A 167 -11.19 2.06 5.85
N SER A 168 -9.96 2.38 6.23
CA SER A 168 -8.93 1.35 6.41
C SER A 168 -9.38 0.25 7.39
N TYR A 169 -10.22 0.64 8.34
CA TYR A 169 -10.71 -0.29 9.37
C TYR A 169 -11.55 -1.41 8.78
N LEU A 170 -12.20 -1.14 7.65
CA LEU A 170 -13.10 -2.09 6.98
C LEU A 170 -12.43 -2.86 5.85
N LYS A 171 -11.19 -2.50 5.52
CA LYS A 171 -10.50 -3.15 4.42
C LYS A 171 -10.29 -4.64 4.69
N GLY A 172 -10.56 -5.47 3.67
CA GLY A 172 -10.45 -6.90 3.83
C GLY A 172 -11.64 -7.55 4.52
N SER A 173 -12.68 -6.77 4.77
CA SER A 173 -13.90 -7.34 5.38
C SER A 173 -15.00 -7.61 4.36
N SER A 174 -14.73 -7.31 3.09
CA SER A 174 -15.67 -7.64 2.03
C SER A 174 -16.00 -9.11 2.13
N GLY A 175 -17.28 -9.46 1.98
CA GLY A 175 -17.72 -10.84 2.07
C GLY A 175 -18.18 -11.26 3.46
N GLY A 176 -17.96 -10.38 4.42
CA GLY A 176 -18.42 -10.62 5.79
C GLY A 176 -19.90 -10.39 5.94
N PRO A 177 -20.51 -10.99 6.97
CA PRO A 177 -21.96 -10.92 7.15
C PRO A 177 -22.44 -9.67 7.89
N LEU A 178 -23.64 -9.21 7.53
CA LEU A 178 -24.42 -8.34 8.40
C LEU A 178 -25.43 -9.24 9.10
N LEU A 179 -25.45 -9.19 10.43
CA LEU A 179 -26.36 -10.02 11.21
C LEU A 179 -27.42 -9.19 11.91
N CYS A 180 -28.58 -9.80 12.16
CA CYS A 180 -29.62 -9.19 12.97
C CYS A 180 -29.32 -9.56 14.43
N PRO A 181 -30.06 -8.98 15.40
CA PRO A 181 -29.69 -9.27 16.80
C PRO A 181 -29.77 -10.76 17.17
N SER A 182 -30.47 -11.56 16.38
CA SER A 182 -30.60 -13.00 16.63
C SER A 182 -29.49 -13.82 15.96
N GLY A 183 -28.54 -13.16 15.32
CA GLY A 183 -27.44 -13.86 14.69
C GLY A 183 -27.76 -14.45 13.32
N HIS A 184 -28.88 -14.04 12.73
CA HIS A 184 -29.22 -14.49 11.37
C HIS A 184 -28.75 -13.53 10.27
N ALA A 185 -28.59 -14.06 9.06
CA ALA A 185 -28.01 -13.28 7.96
C ALA A 185 -28.99 -12.29 7.38
N VAL A 186 -28.54 -11.04 7.29
CA VAL A 186 -29.30 -9.99 6.63
C VAL A 186 -28.65 -9.66 5.28
N GLY A 187 -27.34 -9.88 5.21
CA GLY A 187 -26.66 -9.70 3.94
C GLY A 187 -25.15 -9.81 4.06
N ILE A 188 -24.48 -9.49 2.95
CA ILE A 188 -23.05 -9.63 2.80
C ILE A 188 -22.43 -8.27 2.45
N PHE A 189 -21.50 -7.82 3.28
CA PHE A 189 -20.80 -6.55 3.15
C PHE A 189 -20.01 -6.45 1.84
N ARG A 190 -20.20 -5.37 1.07
CA ARG A 190 -19.42 -5.22 -0.16
C ARG A 190 -18.66 -3.90 -0.34
N ALA A 191 -19.13 -2.82 0.28
CA ALA A 191 -18.45 -1.54 0.12
C ALA A 191 -18.77 -0.55 1.23
N ALA A 192 -17.90 0.43 1.39
CA ALA A 192 -18.06 1.46 2.41
C ALA A 192 -18.41 2.79 1.74
N VAL A 193 -19.38 3.50 2.31
CA VAL A 193 -19.71 4.82 1.81
C VAL A 193 -18.99 5.82 2.70
N CYS A 194 -18.13 6.64 2.11
CA CYS A 194 -17.23 7.49 2.88
C CYS A 194 -17.44 8.97 2.65
N THR A 195 -17.15 9.74 3.70
CA THR A 195 -17.08 11.17 3.61
C THR A 195 -15.63 11.51 3.92
N ARG A 196 -14.88 11.89 2.90
CA ARG A 196 -13.46 12.19 3.03
C ARG A 196 -12.66 11.09 3.72
N GLY A 197 -12.81 9.86 3.23
CA GLY A 197 -12.02 8.76 3.75
C GLY A 197 -12.56 8.13 5.04
N VAL A 198 -13.62 8.72 5.59
CA VAL A 198 -14.23 8.20 6.82
C VAL A 198 -15.53 7.45 6.49
N ALA A 199 -15.59 6.16 6.81
CA ALA A 199 -16.80 5.38 6.50
C ALA A 199 -17.93 5.77 7.43
N LYS A 200 -19.04 6.19 6.85
CA LYS A 200 -20.22 6.56 7.64
C LYS A 200 -21.33 5.53 7.43
N ALA A 201 -21.22 4.73 6.38
CA ALA A 201 -22.26 3.76 6.07
C ALA A 201 -21.66 2.59 5.31
N VAL A 202 -22.43 1.50 5.22
CA VAL A 202 -21.95 0.33 4.50
C VAL A 202 -22.99 -0.11 3.49
N ASP A 203 -22.49 -0.68 2.39
CA ASP A 203 -23.33 -1.22 1.34
C ASP A 203 -23.19 -2.72 1.35
N PHE A 204 -24.31 -3.43 1.27
CA PHE A 204 -24.27 -4.87 1.39
C PHE A 204 -25.25 -5.50 0.43
N VAL A 205 -24.97 -6.73 0.01
CA VAL A 205 -25.87 -7.46 -0.85
C VAL A 205 -26.94 -8.11 0.01
N PRO A 206 -28.21 -7.78 -0.21
CA PRO A 206 -29.19 -8.32 0.75
C PRO A 206 -29.35 -9.83 0.59
N VAL A 207 -29.72 -10.49 1.68
CA VAL A 207 -29.87 -11.94 1.67
C VAL A 207 -30.98 -12.41 0.69
N GLU A 208 -32.02 -11.60 0.50
CA GLU A 208 -33.06 -12.02 -0.43
C GLU A 208 -32.58 -12.11 -1.88
N SER A 209 -31.56 -11.34 -2.23
CA SER A 209 -30.91 -11.51 -3.55
C SER A 209 -30.22 -12.88 -3.65
N MET A 210 -29.59 -13.32 -2.58
CA MET A 210 -28.98 -14.63 -2.56
C MET A 210 -30.04 -15.73 -2.66
N GLU A 211 -31.15 -15.55 -1.95
CA GLU A 211 -32.26 -16.51 -2.01
C GLU A 211 -32.83 -16.62 -3.43
N THR A 212 -32.99 -15.48 -4.09
CA THR A 212 -33.48 -15.46 -5.45
C THR A 212 -32.51 -16.21 -6.37
N THR A 213 -31.22 -15.88 -6.24
CA THR A 213 -30.19 -16.53 -7.03
C THR A 213 -30.30 -18.05 -6.91
N MET A 214 -30.47 -18.53 -5.68
CA MET A 214 -30.52 -19.98 -5.47
C MET A 214 -31.78 -20.65 -6.06
N ARG A 215 -32.83 -19.84 -6.29
CA ARG A 215 -34.06 -20.34 -6.92
C ARG A 215 -33.98 -20.29 -8.44
N SER A 216 -32.90 -19.72 -8.98
CA SER A 216 -32.86 -19.42 -10.40
C SER A 216 -31.89 -20.34 -11.14
N PRO A 217 -31.96 -20.35 -12.48
CA PRO A 217 -31.09 -21.27 -13.23
C PRO A 217 -29.62 -20.98 -12.97
N VAL A 218 -28.82 -22.04 -13.04
CA VAL A 218 -27.39 -21.95 -12.90
C VAL A 218 -26.79 -21.70 -14.26
N PHE A 219 -27.43 -22.26 -15.29
CA PHE A 219 -26.94 -22.16 -16.67
C PHE A 219 -27.89 -21.32 -17.51
N THR A 220 -27.33 -20.41 -18.30
CA THR A 220 -28.11 -19.61 -19.24
C THR A 220 -27.40 -19.55 -20.59
N ASP A 221 -28.16 -19.23 -21.62
CA ASP A 221 -27.60 -19.18 -22.97
C ASP A 221 -28.05 -17.89 -23.63
N ASN A 222 -27.09 -17.13 -24.14
CA ASN A 222 -27.39 -15.90 -24.85
C ASN A 222 -26.67 -15.87 -26.20
N SER A 223 -26.46 -17.04 -26.78
CA SER A 223 -25.66 -17.17 -28.02
C SER A 223 -26.43 -16.94 -29.32
N SER A 224 -27.76 -17.03 -29.26
CA SER A 224 -28.55 -16.83 -30.47
C SER A 224 -28.99 -15.38 -30.59
N PRO A 225 -28.92 -14.84 -31.81
CA PRO A 225 -29.38 -13.46 -32.06
C PRO A 225 -30.79 -13.30 -31.55
N PRO A 226 -31.05 -12.25 -30.77
CA PRO A 226 -32.38 -12.00 -30.23
C PRO A 226 -33.41 -11.81 -31.33
N ALA A 227 -34.63 -12.26 -31.07
CA ALA A 227 -35.74 -11.99 -31.96
C ALA A 227 -36.14 -10.55 -31.73
N VAL A 228 -36.71 -9.92 -32.76
CA VAL A 228 -37.16 -8.54 -32.61
C VAL A 228 -38.52 -8.53 -31.95
N PRO A 229 -38.62 -7.97 -30.74
CA PRO A 229 -39.89 -7.97 -30.02
C PRO A 229 -40.83 -6.94 -30.59
N GLN A 230 -42.08 -6.96 -30.15
CA GLN A 230 -43.07 -5.99 -30.61
C GLN A 230 -42.74 -4.62 -30.06
N SER A 231 -42.43 -4.54 -28.78
CA SER A 231 -42.04 -3.28 -28.17
C SER A 231 -40.62 -3.37 -27.61
N PHE A 232 -40.04 -2.20 -27.34
CA PHE A 232 -38.65 -2.05 -26.96
C PHE A 232 -38.14 -3.03 -25.91
N GLN A 233 -37.04 -3.70 -26.22
CA GLN A 233 -36.34 -4.53 -25.25
C GLN A 233 -34.84 -4.37 -25.42
N VAL A 234 -34.10 -4.51 -24.33
CA VAL A 234 -32.64 -4.64 -24.39
C VAL A 234 -32.29 -6.13 -24.26
N ALA A 235 -31.46 -6.64 -25.15
CA ALA A 235 -31.09 -8.05 -25.13
C ALA A 235 -29.57 -8.20 -25.20
N HIS A 236 -29.08 -9.35 -24.76
CA HIS A 236 -27.64 -9.62 -24.80
C HIS A 236 -27.35 -10.69 -25.82
N LEU A 237 -26.26 -10.48 -26.57
CA LEU A 237 -25.74 -11.52 -27.47
C LEU A 237 -24.34 -11.91 -27.03
N HIS A 238 -24.20 -13.10 -26.46
CA HIS A 238 -22.89 -13.62 -26.12
C HIS A 238 -22.49 -14.74 -27.10
N ALA A 239 -21.55 -14.44 -27.96
CA ALA A 239 -21.18 -15.37 -29.01
C ALA A 239 -19.72 -15.18 -29.39
N PRO A 240 -19.07 -16.29 -29.74
CA PRO A 240 -17.62 -16.38 -29.96
C PRO A 240 -17.14 -15.43 -31.04
N THR A 241 -15.91 -14.96 -30.91
CA THR A 241 -15.25 -14.24 -31.98
C THR A 241 -15.30 -15.10 -33.26
N GLY A 242 -15.67 -14.47 -34.37
CA GLY A 242 -15.78 -15.15 -35.64
C GLY A 242 -17.13 -15.77 -35.90
N SER A 243 -18.08 -15.56 -35.00
CA SER A 243 -19.40 -16.14 -35.18
C SER A 243 -20.33 -15.24 -36.00
N GLY A 244 -19.84 -14.06 -36.39
CA GLY A 244 -20.60 -13.16 -37.23
C GLY A 244 -21.44 -12.09 -36.56
N LYS A 245 -21.17 -11.80 -35.29
CA LYS A 245 -21.96 -10.80 -34.56
C LYS A 245 -22.02 -9.44 -35.27
N SER A 246 -20.93 -9.06 -35.89
CA SER A 246 -20.78 -7.72 -36.47
C SER A 246 -21.22 -7.66 -37.93
N THR A 247 -21.31 -8.84 -38.54
CA THR A 247 -21.51 -8.95 -39.99
C THR A 247 -22.73 -9.80 -40.30
N LYS A 248 -22.64 -11.07 -39.99
CA LYS A 248 -23.74 -11.99 -40.29
C LYS A 248 -25.06 -11.57 -39.63
N VAL A 249 -24.99 -11.18 -38.36
CA VAL A 249 -26.18 -10.82 -37.60
C VAL A 249 -26.97 -9.61 -38.14
N PRO A 250 -26.30 -8.45 -38.29
CA PRO A 250 -27.05 -7.32 -38.85
C PRO A 250 -27.57 -7.61 -40.28
N ALA A 251 -26.80 -8.32 -41.08
CA ALA A 251 -27.21 -8.63 -42.45
C ALA A 251 -28.50 -9.46 -42.45
N ALA A 252 -28.62 -10.39 -41.50
CA ALA A 252 -29.84 -11.17 -41.35
C ALA A 252 -31.03 -10.32 -40.96
N TYR A 253 -30.87 -9.46 -39.95
CA TYR A 253 -31.95 -8.56 -39.53
C TYR A 253 -32.42 -7.70 -40.72
N ALA A 254 -31.45 -7.20 -41.50
CA ALA A 254 -31.78 -6.35 -42.62
C ALA A 254 -32.56 -7.13 -43.69
N ALA A 255 -32.10 -8.35 -43.96
CA ALA A 255 -32.81 -9.24 -44.87
C ALA A 255 -34.27 -9.44 -44.44
N GLN A 256 -34.53 -9.28 -43.15
CA GLN A 256 -35.88 -9.43 -42.60
C GLN A 256 -36.71 -8.15 -42.64
N GLY A 257 -36.15 -7.06 -43.16
CA GLY A 257 -36.91 -5.83 -43.30
C GLY A 257 -36.63 -4.74 -42.26
N TYR A 258 -35.66 -4.97 -41.38
CA TYR A 258 -35.37 -4.02 -40.31
C TYR A 258 -34.27 -3.03 -40.67
N LYS A 259 -34.32 -1.85 -40.06
CA LYS A 259 -33.26 -0.85 -40.16
C LYS A 259 -32.30 -1.03 -38.98
N VAL A 260 -31.01 -1.20 -39.26
CA VAL A 260 -30.07 -1.62 -38.21
C VAL A 260 -28.85 -0.69 -38.10
N LEU A 261 -28.58 -0.22 -36.89
CA LEU A 261 -27.35 0.50 -36.61
C LEU A 261 -26.38 -0.36 -35.81
N VAL A 262 -25.14 -0.47 -36.27
CA VAL A 262 -24.11 -1.23 -35.56
C VAL A 262 -23.01 -0.30 -35.07
N LEU A 263 -22.80 -0.26 -33.76
CA LEU A 263 -21.79 0.60 -33.17
C LEU A 263 -20.61 -0.23 -32.70
N ASN A 264 -19.39 0.24 -33.01
CA ASN A 264 -18.17 -0.51 -32.70
C ASN A 264 -17.10 0.45 -32.25
N PRO A 265 -16.23 0.02 -31.31
CA PRO A 265 -15.24 0.99 -30.81
C PRO A 265 -14.11 1.27 -31.78
N SER A 266 -13.99 0.49 -32.86
CA SER A 266 -12.83 0.60 -33.74
C SER A 266 -13.16 1.21 -35.09
N VAL A 267 -12.46 2.28 -35.47
CA VAL A 267 -12.62 2.84 -36.81
C VAL A 267 -12.24 1.81 -37.89
N ALA A 268 -11.11 1.14 -37.72
CA ALA A 268 -10.67 0.15 -38.70
C ALA A 268 -11.70 -0.98 -38.87
N ALA A 269 -12.19 -1.52 -37.76
CA ALA A 269 -13.20 -2.58 -37.84
C ALA A 269 -14.45 -2.09 -38.56
N THR A 270 -14.93 -0.92 -38.15
CA THR A 270 -16.13 -0.33 -38.75
C THR A 270 -16.02 -0.16 -40.28
N LEU A 271 -14.92 0.39 -40.75
CA LEU A 271 -14.72 0.60 -42.19
C LEU A 271 -14.66 -0.76 -42.87
N GLY A 272 -14.11 -1.75 -42.16
CA GLY A 272 -13.98 -3.10 -42.67
C GLY A 272 -15.30 -3.84 -42.80
N PHE A 273 -16.19 -3.68 -41.82
CA PHE A 273 -17.53 -4.29 -41.92
C PHE A 273 -18.23 -3.78 -43.18
N GLY A 274 -18.05 -2.49 -43.48
CA GLY A 274 -18.72 -1.88 -44.62
C GLY A 274 -18.33 -2.51 -45.93
N ALA A 275 -17.03 -2.64 -46.16
CA ALA A 275 -16.52 -3.29 -47.36
C ALA A 275 -16.97 -4.75 -47.45
N TYR A 276 -16.92 -5.45 -46.33
CA TYR A 276 -17.31 -6.85 -46.28
C TYR A 276 -18.77 -7.08 -46.63
N MET A 277 -19.64 -6.20 -46.16
CA MET A 277 -21.07 -6.34 -46.43
C MET A 277 -21.41 -6.03 -47.88
N SER A 278 -20.74 -5.02 -48.45
CA SER A 278 -20.94 -4.69 -49.86
C SER A 278 -20.66 -5.92 -50.71
N LYS A 279 -19.46 -6.46 -50.57
CA LYS A 279 -18.99 -7.54 -51.44
C LYS A 279 -19.51 -8.92 -51.08
N ALA A 280 -20.21 -9.05 -49.95
CA ALA A 280 -20.73 -10.35 -49.56
C ALA A 280 -22.26 -10.41 -49.64
N HIS A 281 -22.94 -9.51 -48.93
CA HIS A 281 -24.39 -9.53 -48.88
C HIS A 281 -25.01 -8.53 -49.87
N GLY A 282 -24.19 -7.97 -50.74
CA GLY A 282 -24.67 -7.07 -51.78
C GLY A 282 -25.39 -5.82 -51.32
N ILE A 283 -25.08 -5.34 -50.12
CA ILE A 283 -25.60 -4.04 -49.70
C ILE A 283 -24.49 -3.13 -49.23
N ASP A 284 -24.51 -1.89 -49.72
CA ASP A 284 -23.52 -0.90 -49.35
C ASP A 284 -24.07 -0.14 -48.16
N PRO A 285 -23.62 -0.50 -46.96
CA PRO A 285 -24.16 0.14 -45.78
C PRO A 285 -23.72 1.59 -45.70
N ASN A 286 -24.51 2.41 -45.00
CA ASN A 286 -24.04 3.70 -44.57
C ASN A 286 -22.84 3.46 -43.65
N ILE A 287 -21.86 4.35 -43.72
CA ILE A 287 -20.66 4.26 -42.89
C ILE A 287 -20.48 5.58 -42.20
N ARG A 288 -20.30 5.56 -40.88
CA ARG A 288 -20.12 6.82 -40.15
C ARG A 288 -18.90 6.77 -39.22
N THR A 289 -17.83 7.46 -39.64
CA THR A 289 -16.60 7.57 -38.85
C THR A 289 -16.07 8.99 -39.06
N GLY A 290 -15.20 9.45 -38.17
CA GLY A 290 -14.62 10.76 -38.34
C GLY A 290 -13.93 10.91 -39.68
N VAL A 291 -13.14 9.90 -40.04
CA VAL A 291 -12.35 9.95 -41.27
C VAL A 291 -13.16 9.68 -42.56
N ARG A 292 -14.24 8.92 -42.45
CA ARG A 292 -15.00 8.58 -43.64
C ARG A 292 -16.48 8.39 -43.32
N THR A 293 -17.31 9.24 -43.92
CA THR A 293 -18.74 9.13 -43.74
C THR A 293 -19.39 8.97 -45.12
N ILE A 294 -20.19 7.93 -45.27
CA ILE A 294 -20.88 7.67 -46.53
C ILE A 294 -22.35 7.38 -46.28
N THR A 295 -23.21 8.15 -46.93
CA THR A 295 -24.65 7.88 -46.90
C THR A 295 -25.06 7.21 -48.21
N THR A 296 -25.54 5.97 -48.10
CA THR A 296 -25.98 5.22 -49.28
C THR A 296 -27.50 5.06 -49.32
N GLY A 297 -28.16 5.36 -48.20
CA GLY A 297 -29.60 5.12 -48.09
C GLY A 297 -29.97 3.69 -47.70
N ALA A 298 -28.98 2.82 -47.58
CA ALA A 298 -29.20 1.43 -47.15
C ALA A 298 -29.83 1.34 -45.75
N PRO A 299 -30.44 0.18 -45.44
CA PRO A 299 -31.08 0.03 -44.12
C PRO A 299 -30.07 -0.45 -43.07
N VAL A 300 -28.78 -0.48 -43.42
CA VAL A 300 -27.75 -0.84 -42.45
C VAL A 300 -26.71 0.27 -42.37
N THR A 301 -26.36 0.64 -41.15
CA THR A 301 -25.37 1.69 -40.94
C THR A 301 -24.35 1.19 -39.95
N TYR A 302 -23.07 1.28 -40.32
CA TYR A 302 -21.98 1.01 -39.38
C TYR A 302 -21.37 2.31 -38.89
N SER A 303 -21.29 2.47 -37.58
CA SER A 303 -20.72 3.68 -36.99
C SER A 303 -19.79 3.33 -35.82
N THR A 304 -18.81 4.19 -35.55
CA THR A 304 -18.10 4.12 -34.28
C THR A 304 -18.98 4.71 -33.18
N TYR A 305 -18.70 4.37 -31.92
CA TYR A 305 -19.37 5.04 -30.82
C TYR A 305 -19.00 6.53 -30.81
N GLY A 306 -17.75 6.84 -31.13
CA GLY A 306 -17.32 8.24 -31.15
C GLY A 306 -18.09 9.10 -32.15
N LYS A 307 -18.27 8.57 -33.36
CA LYS A 307 -18.99 9.32 -34.39
C LYS A 307 -20.49 9.41 -34.07
N PHE A 308 -21.06 8.33 -33.55
CA PHE A 308 -22.45 8.32 -33.05
C PHE A 308 -22.66 9.45 -32.02
N LEU A 309 -21.75 9.56 -31.05
CA LEU A 309 -21.81 10.66 -30.08
C LEU A 309 -21.66 12.02 -30.77
N ALA A 310 -20.70 12.12 -31.67
CA ALA A 310 -20.50 13.39 -32.38
C ALA A 310 -21.78 13.77 -33.15
N ASP A 311 -22.47 12.76 -33.69
CA ASP A 311 -23.73 12.97 -34.40
C ASP A 311 -24.92 13.35 -33.52
N GLY A 312 -24.74 13.32 -32.20
CA GLY A 312 -25.81 13.66 -31.28
C GLY A 312 -26.65 12.49 -30.76
N GLY A 313 -26.17 11.27 -30.96
CA GLY A 313 -26.91 10.11 -30.47
C GLY A 313 -27.99 9.66 -31.44
N CYS A 314 -29.12 9.20 -30.91
CA CYS A 314 -30.16 8.54 -31.68
C CYS A 314 -31.05 9.52 -32.43
N SER A 315 -31.09 9.38 -33.75
CA SER A 315 -32.02 10.11 -34.59
C SER A 315 -33.40 9.47 -34.53
N GLY A 316 -34.43 10.27 -34.27
CA GLY A 316 -35.80 9.77 -34.22
C GLY A 316 -36.18 8.99 -35.46
N GLY A 317 -36.80 7.82 -35.26
CA GLY A 317 -37.32 7.01 -36.36
C GLY A 317 -36.29 6.38 -37.29
N ALA A 318 -35.01 6.54 -36.97
CA ALA A 318 -33.95 6.08 -37.87
C ALA A 318 -33.72 4.56 -37.87
N TYR A 319 -33.87 3.90 -36.72
CA TYR A 319 -33.52 2.49 -36.65
C TYR A 319 -34.52 1.64 -35.86
N ASP A 320 -34.68 0.40 -36.28
CA ASP A 320 -35.46 -0.56 -35.53
C ASP A 320 -34.56 -1.28 -34.52
N ILE A 321 -33.31 -1.53 -34.89
CA ILE A 321 -32.38 -2.29 -34.08
C ILE A 321 -31.04 -1.57 -33.96
N ILE A 322 -30.52 -1.45 -32.74
CA ILE A 322 -29.18 -0.89 -32.55
C ILE A 322 -28.31 -1.91 -31.84
N ILE A 323 -27.25 -2.32 -32.51
CA ILE A 323 -26.36 -3.32 -31.96
C ILE A 323 -25.16 -2.60 -31.40
N CYS A 324 -24.96 -2.71 -30.09
CA CYS A 324 -23.79 -2.14 -29.46
C CYS A 324 -22.75 -3.26 -29.44
N ASP A 325 -21.88 -3.24 -30.44
CA ASP A 325 -20.87 -4.28 -30.64
C ASP A 325 -19.72 -4.07 -29.67
N GLU A 326 -19.04 -5.15 -29.31
CA GLU A 326 -17.99 -5.12 -28.27
C GLU A 326 -18.43 -4.41 -26.99
N CYS A 327 -19.63 -4.75 -26.50
CA CYS A 327 -20.23 -4.00 -25.40
C CYS A 327 -19.51 -4.19 -24.05
N HIS A 328 -18.55 -5.11 -24.01
CA HIS A 328 -17.71 -5.29 -22.81
C HIS A 328 -16.65 -4.19 -22.68
N SER A 329 -16.46 -3.40 -23.74
CA SER A 329 -15.36 -2.44 -23.78
C SER A 329 -15.53 -1.36 -22.72
N THR A 330 -14.45 -1.05 -22.00
CA THR A 330 -14.55 -0.07 -20.92
C THR A 330 -13.81 1.25 -21.17
N ASP A 331 -13.58 1.58 -22.43
CA ASP A 331 -13.09 2.91 -22.76
C ASP A 331 -14.25 3.90 -22.61
N SER A 332 -13.94 5.15 -22.30
CA SER A 332 -14.98 6.11 -21.95
C SER A 332 -15.92 6.36 -23.13
N THR A 333 -15.38 6.31 -24.35
CA THR A 333 -16.21 6.55 -25.53
C THR A 333 -17.32 5.49 -25.66
N THR A 334 -16.94 4.22 -25.50
CA THR A 334 -17.94 3.15 -25.58
C THR A 334 -18.98 3.25 -24.47
N ILE A 335 -18.52 3.48 -23.24
CA ILE A 335 -19.45 3.59 -22.13
C ILE A 335 -20.44 4.75 -22.34
N LEU A 336 -19.91 5.91 -22.71
CA LEU A 336 -20.79 7.06 -22.95
C LEU A 336 -21.71 6.77 -24.14
N GLY A 337 -21.18 6.14 -25.18
CA GLY A 337 -22.00 5.78 -26.34
C GLY A 337 -23.13 4.81 -26.00
N ILE A 338 -22.82 3.75 -25.27
CA ILE A 338 -23.84 2.79 -24.88
C ILE A 338 -24.89 3.38 -23.92
N GLY A 339 -24.44 4.19 -22.97
CA GLY A 339 -25.36 4.89 -22.09
C GLY A 339 -26.31 5.79 -22.88
N THR A 340 -25.76 6.44 -23.90
CA THR A 340 -26.57 7.26 -24.81
C THR A 340 -27.63 6.43 -25.56
N VAL A 341 -27.23 5.30 -26.13
CA VAL A 341 -28.19 4.39 -26.76
C VAL A 341 -29.29 3.96 -25.77
N LEU A 342 -28.89 3.50 -24.60
CA LEU A 342 -29.82 3.00 -23.60
C LEU A 342 -30.81 4.08 -23.13
N ASP A 343 -30.35 5.32 -23.07
CA ASP A 343 -31.23 6.40 -22.63
C ASP A 343 -32.16 6.88 -23.75
N GLN A 344 -31.76 6.71 -25.00
CA GLN A 344 -32.47 7.36 -26.11
C GLN A 344 -33.23 6.43 -27.05
N ALA A 345 -32.84 5.18 -27.08
CA ALA A 345 -33.33 4.27 -28.12
C ALA A 345 -34.86 4.16 -28.18
N GLU A 346 -35.49 3.93 -27.03
CA GLU A 346 -36.93 3.71 -27.03
C GLU A 346 -37.69 4.92 -27.56
N THR A 347 -37.34 6.09 -27.05
CA THR A 347 -37.97 7.32 -27.51
C THR A 347 -37.71 7.55 -28.99
N ALA A 348 -36.56 7.09 -29.48
CA ALA A 348 -36.22 7.27 -30.88
C ALA A 348 -36.89 6.25 -31.79
N GLY A 349 -37.73 5.39 -31.22
CA GLY A 349 -38.52 4.45 -32.00
C GLY A 349 -37.89 3.10 -32.29
N ALA A 350 -36.80 2.76 -31.61
CA ALA A 350 -36.17 1.45 -31.78
C ALA A 350 -36.98 0.37 -31.05
N ARG A 351 -36.94 -0.85 -31.57
CA ARG A 351 -37.61 -1.98 -30.91
C ARG A 351 -36.62 -2.85 -30.14
N LEU A 352 -35.37 -2.84 -30.57
CA LEU A 352 -34.37 -3.72 -29.98
C LEU A 352 -32.97 -3.09 -29.85
N VAL A 353 -32.38 -3.19 -28.65
CA VAL A 353 -30.97 -2.90 -28.47
C VAL A 353 -30.28 -4.23 -28.17
N VAL A 354 -29.25 -4.55 -28.93
CA VAL A 354 -28.50 -5.78 -28.68
C VAL A 354 -27.14 -5.42 -28.10
N LEU A 355 -26.84 -5.99 -26.95
CA LEU A 355 -25.54 -5.79 -26.32
C LEU A 355 -24.67 -6.99 -26.64
N ALA A 356 -23.78 -6.84 -27.62
CA ALA A 356 -23.07 -7.99 -28.19
C ALA A 356 -21.62 -8.04 -27.79
N THR A 357 -21.15 -9.22 -27.37
CA THR A 357 -19.74 -9.43 -27.02
C THR A 357 -19.43 -10.92 -26.94
N ALA A 358 -18.17 -11.28 -27.16
CA ALA A 358 -17.72 -12.66 -26.91
C ALA A 358 -17.31 -12.82 -25.45
N THR A 359 -17.04 -11.70 -24.79
CA THR A 359 -16.48 -11.73 -23.43
C THR A 359 -17.24 -10.84 -22.47
N PRO A 360 -18.44 -11.26 -22.05
CA PRO A 360 -19.23 -10.49 -21.08
C PRO A 360 -18.60 -10.54 -19.67
N PRO A 361 -19.03 -9.64 -18.77
CA PRO A 361 -18.44 -9.62 -17.42
C PRO A 361 -18.43 -11.01 -16.78
N GLY A 362 -17.30 -11.39 -16.19
CA GLY A 362 -17.22 -12.65 -15.47
C GLY A 362 -16.74 -13.79 -16.35
N SER A 363 -16.55 -13.49 -17.62
CA SER A 363 -16.07 -14.50 -18.55
C SER A 363 -14.59 -14.73 -18.33
N VAL A 364 -14.13 -15.94 -18.66
CA VAL A 364 -12.72 -16.30 -18.50
C VAL A 364 -12.20 -16.88 -19.80
N THR A 365 -10.90 -16.77 -20.03
CA THR A 365 -10.33 -17.28 -21.27
C THR A 365 -10.15 -18.81 -21.17
N VAL A 366 -10.53 -19.51 -22.23
CA VAL A 366 -10.37 -20.96 -22.30
C VAL A 366 -9.53 -21.31 -23.52
N PRO A 367 -9.02 -22.57 -23.58
CA PRO A 367 -8.15 -22.96 -24.69
C PRO A 367 -8.85 -22.84 -26.04
N HIS A 368 -8.05 -22.53 -27.07
CA HIS A 368 -8.53 -22.38 -28.44
C HIS A 368 -7.82 -23.40 -29.35
N PRO A 369 -8.61 -24.18 -30.11
CA PRO A 369 -8.12 -25.32 -30.89
C PRO A 369 -6.97 -25.00 -31.84
N ASN A 370 -6.91 -23.75 -32.28
CA ASN A 370 -5.98 -23.32 -33.32
C ASN A 370 -4.69 -22.75 -32.74
N ILE A 371 -4.69 -22.50 -31.45
CA ILE A 371 -3.60 -21.73 -30.85
C ILE A 371 -2.86 -22.52 -29.77
N GLU A 372 -1.57 -22.72 -30.00
CA GLU A 372 -0.71 -23.36 -29.02
C GLU A 372 -0.11 -22.26 -28.15
N GLU A 373 -0.21 -22.43 -26.85
CA GLU A 373 0.26 -21.43 -25.89
C GLU A 373 1.55 -21.89 -25.20
N VAL A 374 2.63 -21.16 -25.45
CA VAL A 374 3.92 -21.56 -24.93
C VAL A 374 4.48 -20.51 -24.01
N ALA A 375 4.60 -20.85 -22.73
CA ALA A 375 5.22 -19.94 -21.78
C ALA A 375 6.64 -19.62 -22.21
N LEU A 376 7.00 -18.35 -22.16
CA LEU A 376 8.38 -17.94 -22.40
C LEU A 376 9.24 -18.40 -21.23
N SER A 377 10.53 -18.55 -21.47
CA SER A 377 11.45 -18.92 -20.41
C SER A 377 12.56 -17.90 -20.39
N ASN A 378 13.63 -18.20 -19.65
CA ASN A 378 14.77 -17.32 -19.62
C ASN A 378 15.75 -17.66 -20.73
N THR A 379 15.53 -18.80 -21.37
CA THR A 379 16.34 -19.18 -22.53
C THR A 379 15.79 -18.46 -23.75
N GLY A 380 16.60 -17.58 -24.31
CA GLY A 380 16.21 -16.77 -25.44
C GLY A 380 17.20 -15.63 -25.60
N GLU A 381 17.32 -15.13 -26.82
CA GLU A 381 18.31 -14.11 -27.16
C GLU A 381 17.81 -12.68 -26.89
N ILE A 382 16.50 -12.52 -26.71
CA ILE A 382 15.89 -11.20 -26.58
C ILE A 382 15.19 -11.05 -25.24
N PRO A 383 15.70 -10.14 -24.39
CA PRO A 383 15.10 -9.90 -23.07
C PRO A 383 13.70 -9.33 -23.23
N PHE A 384 12.72 -9.93 -22.56
CA PHE A 384 11.34 -9.46 -22.68
C PHE A 384 10.61 -9.55 -21.35
N TYR A 385 10.41 -8.40 -20.72
CA TYR A 385 9.64 -8.35 -19.48
C TYR A 385 10.09 -9.38 -18.44
N GLY A 386 11.41 -9.49 -18.26
CA GLY A 386 11.96 -10.39 -17.26
C GLY A 386 12.18 -11.80 -17.75
N LYS A 387 11.66 -12.09 -18.93
CA LYS A 387 11.92 -13.38 -19.58
C LYS A 387 12.69 -13.15 -20.88
N ALA A 388 12.61 -14.08 -21.82
CA ALA A 388 13.36 -13.97 -23.07
C ALA A 388 12.67 -14.58 -24.27
N ILE A 389 12.83 -13.93 -25.43
CA ILE A 389 12.28 -14.43 -26.70
C ILE A 389 13.36 -15.05 -27.59
N PRO A 390 13.24 -16.34 -27.88
CA PRO A 390 14.11 -17.03 -28.85
C PRO A 390 14.09 -16.31 -30.21
N ILE A 391 15.25 -15.79 -30.61
CA ILE A 391 15.38 -15.08 -31.89
C ILE A 391 14.82 -15.89 -33.05
N GLU A 392 14.86 -17.22 -32.91
CA GLU A 392 14.38 -18.12 -33.94
C GLU A 392 12.86 -18.15 -34.03
N ALA A 393 12.19 -17.57 -33.04
CA ALA A 393 10.73 -17.60 -33.00
C ALA A 393 10.09 -16.47 -33.82
N ILE A 394 10.86 -15.42 -34.08
CA ILE A 394 10.35 -14.29 -34.85
C ILE A 394 11.16 -14.03 -36.12
N ARG A 395 12.09 -14.93 -36.42
CA ARG A 395 13.00 -14.76 -37.57
C ARG A 395 12.26 -14.76 -38.91
N GLY A 396 11.55 -15.84 -39.19
CA GLY A 396 10.76 -15.92 -40.41
C GLY A 396 9.29 -15.64 -40.14
N GLY A 397 8.71 -14.79 -40.98
CA GLY A 397 7.27 -14.59 -40.95
C GLY A 397 6.80 -13.21 -40.52
N ARG A 398 5.56 -13.17 -40.02
CA ARG A 398 4.94 -11.95 -39.54
C ARG A 398 4.47 -12.18 -38.10
N HIS A 399 4.87 -11.30 -37.20
CA HIS A 399 4.61 -11.53 -35.79
C HIS A 399 4.15 -10.25 -35.09
N LEU A 400 3.42 -10.44 -33.99
CA LEU A 400 2.91 -9.32 -33.20
C LEU A 400 3.35 -9.44 -31.75
N ILE A 401 3.98 -8.38 -31.24
CA ILE A 401 4.44 -8.37 -29.86
C ILE A 401 3.73 -7.25 -29.11
N PHE A 402 2.97 -7.60 -28.08
CA PHE A 402 2.29 -6.59 -27.30
C PHE A 402 3.16 -6.10 -26.16
N CYS A 403 3.41 -4.78 -26.13
CA CYS A 403 4.08 -4.14 -25.02
C CYS A 403 3.12 -3.16 -24.35
N HIS A 404 3.37 -2.86 -23.08
CA HIS A 404 2.49 -1.99 -22.32
C HIS A 404 2.57 -0.52 -22.74
N SER A 405 3.72 -0.09 -23.27
CA SER A 405 3.91 1.32 -23.59
C SER A 405 4.53 1.59 -24.95
N LYS A 406 4.40 2.84 -25.39
CA LYS A 406 5.05 3.31 -26.61
C LYS A 406 6.57 3.28 -26.44
N LYS A 407 7.05 3.80 -25.32
CA LYS A 407 8.49 3.82 -25.05
C LYS A 407 9.10 2.42 -25.18
N LYS A 408 8.37 1.41 -24.69
CA LYS A 408 8.84 0.02 -24.76
C LYS A 408 8.78 -0.53 -26.19
N CYS A 409 7.80 -0.08 -26.96
CA CYS A 409 7.69 -0.45 -28.36
C CYS A 409 8.85 0.15 -29.16
N ASP A 410 9.16 1.42 -28.89
CA ASP A 410 10.26 2.09 -29.58
C ASP A 410 11.59 1.41 -29.30
N GLU A 411 11.84 1.09 -28.03
CA GLU A 411 13.07 0.39 -27.65
C GLU A 411 13.19 -0.96 -28.33
N LEU A 412 12.18 -1.82 -28.12
CA LEU A 412 12.23 -3.19 -28.63
C LEU A 412 12.30 -3.22 -30.16
N ALA A 413 11.71 -2.21 -30.78
CA ALA A 413 11.80 -2.06 -32.23
C ALA A 413 13.26 -1.85 -32.61
N ALA A 414 13.88 -0.85 -31.99
CA ALA A 414 15.28 -0.52 -32.23
C ALA A 414 16.20 -1.71 -32.03
N LYS A 415 15.96 -2.48 -30.98
CA LYS A 415 16.71 -3.71 -30.72
C LYS A 415 16.42 -4.74 -31.82
N LEU A 416 15.79 -4.29 -32.90
CA LEU A 416 15.44 -5.19 -34.00
C LEU A 416 15.82 -4.60 -35.36
N SER A 417 15.83 -3.27 -35.45
CA SER A 417 16.26 -2.60 -36.67
C SER A 417 17.79 -2.60 -36.81
N GLY A 418 18.48 -2.66 -35.67
CA GLY A 418 19.92 -2.77 -35.65
C GLY A 418 20.41 -4.21 -35.54
N LEU A 419 19.53 -5.09 -35.02
CA LEU A 419 19.86 -6.51 -34.82
C LEU A 419 19.51 -7.32 -36.06
N GLY A 420 19.06 -6.63 -37.11
CA GLY A 420 18.83 -7.25 -38.40
C GLY A 420 17.47 -7.90 -38.60
N ILE A 421 16.41 -7.14 -38.32
CA ILE A 421 15.05 -7.58 -38.66
C ILE A 421 14.14 -6.41 -39.02
N ASN A 422 13.24 -6.65 -39.96
CA ASN A 422 12.22 -5.65 -40.29
C ASN A 422 11.26 -5.62 -39.13
N ALA A 423 11.12 -4.46 -38.51
CA ALA A 423 10.25 -4.32 -37.36
C ALA A 423 9.77 -2.88 -37.29
N VAL A 424 8.49 -2.71 -36.97
CA VAL A 424 7.94 -1.38 -36.84
C VAL A 424 7.16 -1.29 -35.53
N ALA A 425 7.10 -0.10 -34.95
CA ALA A 425 6.30 0.11 -33.75
C ALA A 425 4.95 0.69 -34.14
N TYR A 426 3.89 0.26 -33.48
CA TYR A 426 2.59 0.91 -33.67
C TYR A 426 1.91 1.28 -32.35
N TYR A 427 1.43 2.51 -32.27
CA TYR A 427 0.72 3.00 -31.10
C TYR A 427 -0.07 4.26 -31.43
N ARG A 428 -0.87 4.73 -30.49
CA ARG A 428 -1.66 5.93 -30.72
C ARG A 428 -0.79 7.04 -31.30
N GLY A 429 -1.32 7.75 -32.29
CA GLY A 429 -0.63 8.89 -32.86
C GLY A 429 0.05 8.58 -34.18
N LEU A 430 0.31 7.30 -34.44
CA LEU A 430 0.93 6.90 -35.69
C LEU A 430 -0.12 6.51 -36.70
N ASP A 431 0.25 6.58 -37.97
CA ASP A 431 -0.66 6.19 -39.04
C ASP A 431 -0.57 4.67 -39.24
N VAL A 432 -1.72 4.05 -39.46
CA VAL A 432 -1.83 2.60 -39.63
C VAL A 432 -0.98 2.06 -40.78
N SER A 433 -0.70 2.89 -41.78
CA SER A 433 0.06 2.42 -42.94
C SER A 433 1.52 2.10 -42.62
N VAL A 434 2.01 2.49 -41.44
CA VAL A 434 3.36 2.12 -41.04
C VAL A 434 3.47 0.60 -40.87
N ILE A 435 2.33 -0.06 -40.69
CA ILE A 435 2.30 -1.52 -40.63
C ILE A 435 2.17 -2.09 -42.03
N PRO A 436 3.19 -2.82 -42.49
CA PRO A 436 3.10 -3.49 -43.79
C PRO A 436 2.04 -4.59 -43.74
N THR A 437 1.26 -4.76 -44.80
CA THR A 437 0.27 -5.83 -44.86
C THR A 437 0.83 -7.08 -45.55
N ILE A 438 1.85 -6.88 -46.37
CA ILE A 438 2.56 -8.00 -46.99
C ILE A 438 4.04 -7.94 -46.63
N GLY A 439 4.72 -9.09 -46.70
CA GLY A 439 6.14 -9.15 -46.41
C GLY A 439 6.42 -9.46 -44.95
N ASP A 440 7.62 -9.96 -44.68
CA ASP A 440 7.98 -10.33 -43.30
C ASP A 440 8.10 -9.12 -42.39
N VAL A 441 7.61 -9.29 -41.17
CA VAL A 441 7.60 -8.19 -40.22
C VAL A 441 7.35 -8.66 -38.80
N VAL A 442 7.86 -7.89 -37.86
CA VAL A 442 7.50 -8.06 -36.47
C VAL A 442 6.88 -6.75 -36.05
N VAL A 443 5.60 -6.79 -35.73
CA VAL A 443 4.93 -5.57 -35.28
C VAL A 443 5.00 -5.51 -33.77
N VAL A 444 5.43 -4.37 -33.25
CA VAL A 444 5.55 -4.18 -31.82
C VAL A 444 4.60 -3.07 -31.41
N ALA A 445 3.55 -3.42 -30.67
CA ALA A 445 2.45 -2.49 -30.47
C ALA A 445 1.85 -2.48 -29.08
N THR A 446 1.23 -1.34 -28.76
CA THR A 446 0.35 -1.24 -27.61
C THR A 446 -1.02 -1.75 -28.05
N ASP A 447 -1.99 -1.66 -27.15
CA ASP A 447 -3.35 -2.09 -27.47
C ASP A 447 -4.04 -1.18 -28.47
N ALA A 448 -3.42 -0.04 -28.77
CA ALA A 448 -3.91 0.85 -29.81
C ALA A 448 -4.10 0.06 -31.12
N LEU A 449 -3.37 -1.03 -31.25
CA LEU A 449 -3.49 -1.87 -32.44
C LEU A 449 -4.91 -2.37 -32.63
N MET A 450 -5.53 -2.74 -31.51
CA MET A 450 -6.82 -3.40 -31.52
C MET A 450 -7.89 -2.60 -32.26
N THR A 451 -7.79 -1.28 -32.25
CA THR A 451 -8.78 -0.43 -32.90
C THR A 451 -8.25 0.24 -34.16
N GLY A 452 -6.95 0.10 -34.41
CA GLY A 452 -6.36 0.73 -35.56
C GLY A 452 -6.09 -0.20 -36.74
N TYR A 453 -6.03 -1.50 -36.47
CA TYR A 453 -5.60 -2.47 -37.48
C TYR A 453 -6.32 -3.81 -37.29
N THR A 454 -6.84 -4.40 -38.37
CA THR A 454 -7.66 -5.60 -38.23
C THR A 454 -6.98 -6.97 -38.46
N GLY A 455 -5.79 -6.96 -39.07
CA GLY A 455 -5.17 -8.21 -39.49
C GLY A 455 -4.70 -9.17 -38.41
N ASP A 456 -4.27 -10.36 -38.81
CA ASP A 456 -3.80 -11.38 -37.88
C ASP A 456 -2.36 -11.77 -38.20
N PHE A 457 -1.75 -12.56 -37.31
CA PHE A 457 -0.32 -12.85 -37.39
C PHE A 457 0.03 -14.31 -37.16
N ASP A 458 1.24 -14.69 -37.58
CA ASP A 458 1.75 -16.05 -37.39
C ASP A 458 1.79 -16.40 -35.91
N SER A 459 2.20 -15.44 -35.09
CA SER A 459 2.13 -15.64 -33.64
C SER A 459 1.98 -14.33 -32.89
N VAL A 460 1.54 -14.44 -31.65
CA VAL A 460 1.44 -13.30 -30.75
C VAL A 460 2.30 -13.55 -29.51
N ILE A 461 3.11 -12.56 -29.14
CA ILE A 461 3.84 -12.62 -27.88
C ILE A 461 3.29 -11.53 -26.95
N ASP A 462 2.95 -11.92 -25.73
CA ASP A 462 2.20 -11.04 -24.83
C ASP A 462 2.99 -10.75 -23.55
N CYS A 463 3.17 -9.47 -23.22
CA CYS A 463 3.79 -9.09 -21.96
C CYS A 463 2.83 -9.31 -20.78
N ASN A 464 1.56 -9.56 -21.10
CA ASN A 464 0.52 -9.78 -20.11
C ASN A 464 0.28 -8.62 -19.12
N THR A 465 0.72 -7.41 -19.48
CA THR A 465 0.43 -6.23 -18.64
C THR A 465 -0.15 -5.07 -19.47
N CYS A 466 -0.84 -4.17 -18.77
CA CYS A 466 -1.56 -3.06 -19.40
C CYS A 466 -1.31 -1.80 -18.57
N VAL A 467 -1.35 -0.65 -19.24
CA VAL A 467 -1.35 0.61 -18.50
C VAL A 467 -2.79 1.01 -18.18
N THR A 468 -3.07 1.37 -16.93
CA THR A 468 -4.42 1.74 -16.56
C THR A 468 -4.40 3.00 -15.71
N GLN A 469 -5.56 3.67 -15.61
CA GLN A 469 -5.70 4.88 -14.82
C GLN A 469 -6.65 4.62 -13.67
N THR A 470 -6.32 5.13 -12.50
CA THR A 470 -7.17 4.94 -11.32
C THR A 470 -7.28 6.25 -10.56
N VAL A 471 -8.47 6.56 -10.07
CA VAL A 471 -8.63 7.77 -9.27
C VAL A 471 -8.36 7.46 -7.80
N ASP A 472 -7.64 8.36 -7.15
CA ASP A 472 -7.42 8.33 -5.71
C ASP A 472 -8.01 9.63 -5.13
N PHE A 473 -8.95 9.50 -4.21
CA PHE A 473 -9.54 10.66 -3.56
C PHE A 473 -8.60 11.13 -2.44
N SER A 474 -7.51 11.77 -2.86
CA SER A 474 -6.33 11.95 -2.02
C SER A 474 -6.37 13.19 -1.12
N LEU A 475 -7.29 14.10 -1.39
CA LEU A 475 -7.51 15.30 -0.57
C LEU A 475 -6.26 16.16 -0.43
N ASP A 476 -5.44 16.17 -1.48
CA ASP A 476 -4.17 16.88 -1.43
C ASP A 476 -3.90 17.79 -2.64
N PRO A 477 -4.85 18.67 -2.98
CA PRO A 477 -6.04 19.04 -2.21
C PRO A 477 -7.31 18.30 -2.56
N THR A 478 -7.37 17.60 -3.69
CA THR A 478 -8.67 17.12 -4.15
C THR A 478 -8.62 15.65 -4.54
N PHE A 479 -8.34 15.36 -5.80
CA PHE A 479 -8.16 13.98 -6.24
C PHE A 479 -6.92 13.86 -7.09
N THR A 480 -6.51 12.62 -7.32
CA THR A 480 -5.36 12.32 -8.15
C THR A 480 -5.78 11.27 -9.17
N ILE A 481 -5.39 11.45 -10.43
CA ILE A 481 -5.55 10.37 -11.40
C ILE A 481 -4.18 9.73 -11.57
N GLU A 482 -4.05 8.46 -11.21
CA GLU A 482 -2.76 7.77 -11.24
C GLU A 482 -2.68 6.82 -12.44
N THR A 483 -1.51 6.77 -13.06
CA THR A 483 -1.28 5.86 -14.18
C THR A 483 -0.33 4.76 -13.72
N THR A 484 -0.76 3.50 -13.83
CA THR A 484 0.06 2.39 -13.39
C THR A 484 0.05 1.25 -14.39
N THR A 485 1.06 0.39 -14.32
CA THR A 485 1.10 -0.80 -15.16
C THR A 485 0.63 -1.96 -14.32
N VAL A 486 -0.34 -2.72 -14.83
CA VAL A 486 -0.98 -3.79 -14.05
C VAL A 486 -1.16 -5.07 -14.87
N PRO A 487 -1.31 -6.21 -14.18
CA PRO A 487 -1.53 -7.47 -14.91
C PRO A 487 -2.82 -7.38 -15.72
N GLN A 488 -2.84 -7.99 -16.90
CA GLN A 488 -3.97 -7.90 -17.81
C GLN A 488 -5.19 -8.64 -17.26
N ASP A 489 -6.37 -8.21 -17.70
CA ASP A 489 -7.60 -8.94 -17.40
C ASP A 489 -7.91 -9.95 -18.51
N ALA A 490 -8.96 -10.74 -18.30
CA ALA A 490 -9.30 -11.83 -19.21
C ALA A 490 -9.71 -11.32 -20.59
N VAL A 491 -10.34 -10.15 -20.63
CA VAL A 491 -10.65 -9.54 -21.91
C VAL A 491 -9.37 -9.21 -22.69
N SER A 492 -8.42 -8.58 -22.01
CA SER A 492 -7.14 -8.26 -22.64
C SER A 492 -6.47 -9.51 -23.17
N ARG A 493 -6.45 -10.56 -22.35
CA ARG A 493 -5.74 -11.78 -22.73
C ARG A 493 -6.33 -12.40 -23.98
N SER A 494 -7.65 -12.58 -23.99
CA SER A 494 -8.31 -13.21 -25.14
C SER A 494 -8.26 -12.35 -26.41
N GLN A 495 -8.31 -11.03 -26.26
CA GLN A 495 -8.21 -10.15 -27.43
C GLN A 495 -6.79 -10.09 -28.02
N ARG A 496 -5.78 -10.06 -27.16
CA ARG A 496 -4.41 -10.08 -27.65
C ARG A 496 -4.12 -11.45 -28.29
N ARG A 497 -4.54 -12.51 -27.63
CA ARG A 497 -4.31 -13.86 -28.13
C ARG A 497 -5.03 -14.10 -29.46
N GLY A 498 -6.17 -13.43 -29.65
CA GLY A 498 -6.97 -13.61 -30.86
C GLY A 498 -6.38 -13.01 -32.12
N ARG A 499 -5.25 -12.33 -32.00
CA ARG A 499 -4.56 -11.81 -33.18
C ARG A 499 -3.74 -12.90 -33.88
N THR A 500 -3.87 -14.13 -33.40
CA THR A 500 -3.23 -15.26 -34.06
C THR A 500 -4.21 -16.42 -34.05
N GLY A 501 -3.99 -17.42 -34.91
CA GLY A 501 -4.84 -18.58 -34.95
C GLY A 501 -6.18 -18.35 -35.63
N ARG A 502 -6.25 -17.30 -36.44
CA ARG A 502 -7.45 -16.99 -37.19
C ARG A 502 -7.58 -17.88 -38.42
N GLY A 503 -8.35 -18.96 -38.28
CA GLY A 503 -8.63 -19.86 -39.39
C GLY A 503 -7.51 -20.85 -39.69
N ARG A 504 -6.32 -20.55 -39.19
CA ARG A 504 -5.12 -21.34 -39.44
C ARG A 504 -4.28 -21.41 -38.17
N ARG A 505 -3.28 -22.28 -38.14
CA ARG A 505 -2.54 -22.57 -36.90
C ARG A 505 -1.78 -21.35 -36.36
N GLY A 506 -1.89 -21.13 -35.06
CA GLY A 506 -1.27 -19.98 -34.42
C GLY A 506 -0.49 -20.32 -33.16
N ILE A 507 0.39 -19.39 -32.78
CA ILE A 507 1.19 -19.54 -31.56
C ILE A 507 1.09 -18.33 -30.61
N TYR A 508 0.73 -18.58 -29.36
CA TYR A 508 0.65 -17.52 -28.35
C TYR A 508 1.66 -17.76 -27.24
N ARG A 509 2.67 -16.89 -27.17
CA ARG A 509 3.68 -16.96 -26.12
C ARG A 509 3.45 -15.87 -25.08
N PHE A 510 3.62 -16.22 -23.81
CA PHE A 510 3.30 -15.32 -22.70
C PHE A 510 4.34 -15.32 -21.58
N VAL A 511 4.35 -14.23 -20.81
CA VAL A 511 5.25 -14.08 -19.69
C VAL A 511 4.63 -14.63 -18.41
N THR A 512 3.34 -14.38 -18.22
CA THR A 512 2.61 -14.89 -17.06
C THR A 512 1.32 -15.60 -17.47
N PRO A 513 0.95 -16.66 -16.75
CA PRO A 513 -0.16 -17.55 -17.11
C PRO A 513 -1.59 -17.06 -16.80
N GLY A 514 -1.80 -16.34 -15.71
CA GLY A 514 -3.17 -16.05 -15.31
C GLY A 514 -3.85 -14.89 -16.02
N GLU A 515 -4.96 -14.42 -15.45
CA GLU A 515 -5.62 -13.21 -15.92
C GLU A 515 -6.45 -12.65 -14.79
N ARG A 516 -6.48 -11.32 -14.66
CA ARG A 516 -7.39 -10.66 -13.73
C ARG A 516 -8.83 -10.77 -14.23
N PRO A 517 -9.79 -10.66 -13.31
CA PRO A 517 -11.19 -10.85 -13.71
C PRO A 517 -11.71 -9.72 -14.58
N SER A 518 -12.64 -10.01 -15.48
CA SER A 518 -13.16 -9.02 -16.41
C SER A 518 -14.45 -8.39 -15.91
N GLY A 519 -14.86 -7.30 -16.54
CA GLY A 519 -16.18 -6.75 -16.32
C GLY A 519 -16.27 -5.63 -15.30
N MET A 520 -15.12 -5.13 -14.87
CA MET A 520 -15.10 -4.00 -13.91
C MET A 520 -14.26 -2.87 -14.45
N PHE A 521 -14.67 -1.64 -14.15
CA PHE A 521 -13.84 -0.49 -14.53
C PHE A 521 -13.82 0.60 -13.44
N ASP A 522 -12.81 1.46 -13.51
CA ASP A 522 -12.52 2.41 -12.44
C ASP A 522 -13.33 3.70 -12.58
N SER A 523 -13.56 4.36 -11.46
CA SER A 523 -14.21 5.66 -11.43
C SER A 523 -13.52 6.70 -12.34
N SER A 524 -12.20 6.59 -12.50
CA SER A 524 -11.50 7.51 -13.42
C SER A 524 -12.10 7.48 -14.82
N VAL A 525 -12.63 6.34 -15.24
CA VAL A 525 -13.29 6.27 -16.54
C VAL A 525 -14.56 7.14 -16.59
N LEU A 526 -15.31 7.20 -15.50
CA LEU A 526 -16.46 8.12 -15.44
C LEU A 526 -15.99 9.56 -15.56
N CYS A 527 -14.93 9.90 -14.83
CA CYS A 527 -14.28 11.20 -15.01
C CYS A 527 -14.05 11.50 -16.51
N GLU A 528 -13.43 10.54 -17.21
CA GLU A 528 -13.17 10.69 -18.65
C GLU A 528 -14.43 10.91 -19.48
N CYS A 529 -15.53 10.29 -19.08
CA CYS A 529 -16.82 10.49 -19.77
C CYS A 529 -17.29 11.94 -19.62
N TYR A 530 -17.25 12.49 -18.41
CA TYR A 530 -17.63 13.90 -18.24
C TYR A 530 -16.70 14.79 -19.02
N ASP A 531 -15.41 14.44 -19.02
CA ASP A 531 -14.40 15.23 -19.70
C ASP A 531 -14.71 15.28 -21.21
N ALA A 532 -15.07 14.14 -21.79
CA ALA A 532 -15.37 14.05 -23.23
C ALA A 532 -16.69 14.73 -23.56
N GLY A 533 -17.67 14.56 -22.68
CA GLY A 533 -18.93 15.29 -22.80
C GLY A 533 -18.69 16.78 -22.95
N CYS A 534 -17.86 17.32 -22.05
CA CYS A 534 -17.50 18.74 -22.09
C CYS A 534 -16.59 19.15 -23.26
N ALA A 535 -15.59 18.32 -23.56
CA ALA A 535 -14.59 18.69 -24.57
C ALA A 535 -15.06 18.47 -26.00
N TRP A 536 -15.75 17.36 -26.24
CA TRP A 536 -16.08 16.92 -27.61
C TRP A 536 -17.55 16.98 -27.99
N TYR A 537 -18.45 16.68 -27.06
CA TYR A 537 -19.83 16.37 -27.46
C TYR A 537 -20.86 17.42 -27.03
N GLU A 538 -20.38 18.55 -26.52
CA GLU A 538 -21.28 19.60 -26.09
C GLU A 538 -22.36 19.11 -25.14
N LEU A 539 -21.97 18.24 -24.22
CA LEU A 539 -22.90 17.75 -23.21
C LEU A 539 -22.63 18.48 -21.90
N THR A 540 -23.68 19.05 -21.31
CA THR A 540 -23.55 19.54 -19.96
C THR A 540 -23.29 18.32 -19.08
N PRO A 541 -22.66 18.53 -17.92
CA PRO A 541 -22.47 17.41 -17.00
C PRO A 541 -23.79 16.77 -16.58
N ALA A 542 -24.86 17.54 -16.44
CA ALA A 542 -26.17 16.96 -16.13
C ALA A 542 -26.61 15.99 -17.23
N GLU A 543 -26.43 16.39 -18.49
CA GLU A 543 -26.75 15.53 -19.64
C GLU A 543 -25.90 14.25 -19.64
N THR A 544 -24.61 14.40 -19.42
CA THR A 544 -23.72 13.25 -19.28
C THR A 544 -24.22 12.29 -18.18
N SER A 545 -24.60 12.82 -17.02
CA SER A 545 -25.13 11.99 -15.94
C SER A 545 -26.33 11.15 -16.36
N VAL A 546 -27.25 11.74 -17.14
CA VAL A 546 -28.42 11.02 -17.62
C VAL A 546 -28.02 9.81 -18.46
N ARG A 547 -27.01 9.99 -19.30
CA ARG A 547 -26.61 8.90 -20.16
C ARG A 547 -25.88 7.81 -19.37
N LEU A 548 -24.98 8.22 -18.48
CA LEU A 548 -24.24 7.28 -17.65
C LEU A 548 -25.14 6.54 -16.66
N ARG A 549 -26.21 7.18 -16.18
CA ARG A 549 -27.18 6.53 -15.32
C ARG A 549 -27.88 5.38 -16.05
N ALA A 550 -28.25 5.62 -17.31
CA ALA A 550 -28.86 4.56 -18.12
C ALA A 550 -27.92 3.35 -18.26
N TYR A 551 -26.63 3.62 -18.41
CA TYR A 551 -25.64 2.55 -18.51
C TYR A 551 -25.58 1.79 -17.19
N LEU A 552 -25.41 2.54 -16.11
CA LEU A 552 -25.29 1.94 -14.78
C LEU A 552 -26.55 1.21 -14.37
N ASN A 553 -27.70 1.67 -14.85
CA ASN A 553 -28.96 1.02 -14.50
C ASN A 553 -29.21 -0.28 -15.27
N THR A 554 -28.34 -0.60 -16.22
CA THR A 554 -28.56 -1.74 -17.13
C THR A 554 -27.74 -2.96 -16.75
N PRO A 555 -28.41 -4.08 -16.46
CA PRO A 555 -27.77 -5.34 -16.02
C PRO A 555 -26.95 -5.99 -17.14
N GLY A 556 -25.89 -6.69 -16.78
CA GLY A 556 -25.14 -7.45 -17.76
C GLY A 556 -24.00 -6.70 -18.45
N LEU A 557 -23.79 -5.43 -18.09
CA LEU A 557 -22.69 -4.63 -18.64
C LEU A 557 -21.57 -4.57 -17.62
N PRO A 558 -20.37 -4.13 -18.05
CA PRO A 558 -19.29 -3.86 -17.09
C PRO A 558 -19.78 -2.96 -15.94
N VAL A 559 -19.24 -3.13 -14.74
CA VAL A 559 -19.72 -2.38 -13.60
C VAL A 559 -18.65 -1.45 -13.02
N CYS A 560 -19.10 -0.41 -12.32
CA CYS A 560 -18.20 0.56 -11.73
C CYS A 560 -18.90 1.18 -10.52
N GLN A 561 -18.12 1.69 -9.58
CA GLN A 561 -18.68 2.45 -8.47
C GLN A 561 -19.52 3.63 -8.98
N ASP A 562 -20.64 3.88 -8.33
CA ASP A 562 -21.54 4.96 -8.73
C ASP A 562 -21.08 6.30 -8.17
N HIS A 563 -20.23 6.99 -8.92
CA HIS A 563 -19.71 8.29 -8.51
C HIS A 563 -20.23 9.41 -9.41
N LEU A 564 -21.39 9.17 -10.04
CA LEU A 564 -21.98 10.14 -10.97
C LEU A 564 -22.23 11.53 -10.36
N GLU A 565 -22.95 11.59 -9.24
CA GLU A 565 -23.22 12.90 -8.64
C GLU A 565 -21.92 13.65 -8.34
N PHE A 566 -20.91 12.92 -7.86
CA PHE A 566 -19.61 13.51 -7.55
C PHE A 566 -18.91 14.11 -8.77
N TRP A 567 -18.74 13.29 -9.82
CA TRP A 567 -18.09 13.79 -11.02
C TRP A 567 -18.90 14.90 -11.68
N GLU A 568 -20.22 14.76 -11.70
CA GLU A 568 -21.05 15.84 -12.23
C GLU A 568 -20.77 17.15 -11.49
N SER A 569 -20.71 17.09 -10.16
CA SER A 569 -20.49 18.30 -9.37
C SER A 569 -19.14 18.96 -9.72
N VAL A 570 -18.11 18.15 -9.91
CA VAL A 570 -16.79 18.68 -10.25
C VAL A 570 -16.81 19.46 -11.56
N PHE A 571 -17.25 18.80 -12.62
CA PHE A 571 -17.23 19.43 -13.94
C PHE A 571 -18.22 20.61 -14.06
N THR A 572 -19.31 20.55 -13.30
CA THR A 572 -20.27 21.65 -13.29
C THR A 572 -19.60 22.98 -12.87
N GLY A 573 -18.57 22.92 -12.05
CA GLY A 573 -17.90 24.13 -11.59
C GLY A 573 -16.81 24.65 -12.51
N LEU A 574 -16.46 23.88 -13.54
CA LEU A 574 -15.32 24.23 -14.39
C LEU A 574 -15.82 25.01 -15.59
N THR A 575 -16.13 26.28 -15.39
CA THR A 575 -16.79 27.09 -16.40
C THR A 575 -15.83 28.10 -17.01
N HIS A 576 -16.18 28.62 -18.17
CA HIS A 576 -15.39 29.63 -18.85
C HIS A 576 -13.98 29.11 -19.18
N ILE A 577 -13.88 27.87 -19.65
CA ILE A 577 -12.58 27.36 -20.08
C ILE A 577 -12.02 28.21 -21.23
N ASP A 578 -10.70 28.29 -21.33
CA ASP A 578 -10.09 28.96 -22.49
C ASP A 578 -10.27 28.10 -23.74
N ALA A 579 -10.93 28.65 -24.76
CA ALA A 579 -11.28 27.87 -25.94
C ALA A 579 -10.04 27.44 -26.73
N HIS A 580 -9.03 28.30 -26.74
CA HIS A 580 -7.82 27.96 -27.46
C HIS A 580 -7.06 26.80 -26.80
N PHE A 581 -6.86 26.86 -25.49
CA PHE A 581 -6.18 25.76 -24.80
C PHE A 581 -6.93 24.43 -25.01
N LEU A 582 -8.25 24.48 -24.91
CA LEU A 582 -9.05 23.26 -25.11
C LEU A 582 -8.91 22.73 -26.53
N SER A 583 -8.89 23.63 -27.51
CA SER A 583 -8.74 23.21 -28.90
C SER A 583 -7.42 22.47 -29.07
N GLN A 584 -6.39 22.94 -28.38
CA GLN A 584 -5.07 22.32 -28.46
C GLN A 584 -5.00 20.96 -27.76
N THR A 585 -5.53 20.86 -26.54
CA THR A 585 -5.50 19.58 -25.83
C THR A 585 -6.33 18.53 -26.57
N LYS A 586 -7.45 18.97 -27.14
CA LYS A 586 -8.28 18.07 -27.93
C LYS A 586 -7.48 17.47 -29.10
N GLN A 587 -6.82 18.33 -29.86
CA GLN A 587 -6.10 17.88 -31.06
C GLN A 587 -4.90 17.01 -30.71
N ALA A 588 -4.28 17.27 -29.57
CA ALA A 588 -3.09 16.54 -29.16
C ALA A 588 -3.43 15.09 -28.84
N GLY A 589 -4.68 14.82 -28.52
CA GLY A 589 -5.16 13.45 -28.40
C GLY A 589 -4.84 12.71 -27.11
N ASP A 590 -4.19 13.37 -26.15
CA ASP A 590 -3.92 12.73 -24.85
C ASP A 590 -5.18 12.72 -23.97
N ASN A 591 -5.13 11.99 -22.85
CA ASN A 591 -6.29 11.85 -21.98
C ASN A 591 -6.62 13.15 -21.24
N PHE A 592 -7.87 13.27 -20.80
CA PHE A 592 -8.36 14.43 -20.02
C PHE A 592 -8.08 15.80 -20.67
N PRO A 593 -8.39 15.93 -21.97
CA PRO A 593 -8.16 17.25 -22.57
C PRO A 593 -8.90 18.36 -21.83
N TYR A 594 -10.10 18.10 -21.33
CA TYR A 594 -10.82 19.18 -20.64
C TYR A 594 -10.14 19.56 -19.31
N LEU A 595 -9.83 18.57 -18.49
CA LEU A 595 -9.18 18.86 -17.20
C LEU A 595 -7.81 19.50 -17.39
N VAL A 596 -7.09 19.06 -18.42
CA VAL A 596 -5.78 19.65 -18.70
C VAL A 596 -5.93 21.11 -19.13
N ALA A 597 -6.82 21.35 -20.10
CA ALA A 597 -6.97 22.70 -20.62
C ALA A 597 -7.53 23.60 -19.54
N TYR A 598 -8.32 23.01 -18.64
CA TYR A 598 -8.89 23.81 -17.56
C TYR A 598 -7.84 24.25 -16.55
N GLN A 599 -6.95 23.33 -16.17
CA GLN A 599 -5.83 23.68 -15.31
C GLN A 599 -4.95 24.73 -16.00
N ALA A 600 -4.71 24.56 -17.30
CA ALA A 600 -3.91 25.52 -18.07
C ALA A 600 -4.58 26.90 -18.11
N THR A 601 -5.90 26.92 -18.20
CA THR A 601 -6.66 28.18 -18.21
C THR A 601 -6.46 28.93 -16.91
N VAL A 602 -6.61 28.23 -15.79
CA VAL A 602 -6.48 28.86 -14.49
C VAL A 602 -5.05 29.42 -14.31
N CYS A 603 -4.05 28.62 -14.68
CA CYS A 603 -2.64 29.04 -14.68
C CYS A 603 -2.41 30.32 -15.52
N ALA A 604 -2.82 30.27 -16.79
CA ALA A 604 -2.58 31.38 -17.71
C ALA A 604 -3.19 32.68 -17.17
N ARG A 605 -4.41 32.59 -16.66
CA ARG A 605 -5.11 33.75 -16.13
C ARG A 605 -4.47 34.28 -14.85
N ALA A 606 -3.70 33.45 -14.15
CA ALA A 606 -2.98 33.93 -12.96
C ALA A 606 -1.52 34.25 -13.30
N GLN A 607 -1.17 34.15 -14.57
CA GLN A 607 0.23 34.17 -15.00
C GLN A 607 1.15 33.28 -14.16
N ALA A 608 0.65 32.08 -13.86
CA ALA A 608 1.35 31.11 -13.02
C ALA A 608 1.74 29.90 -13.85
N PRO A 609 2.82 29.21 -13.45
CA PRO A 609 3.29 28.07 -14.22
C PRO A 609 2.38 26.86 -14.01
N PRO A 610 2.40 25.92 -14.96
CA PRO A 610 1.67 24.67 -14.75
C PRO A 610 2.34 23.83 -13.66
N PRO A 611 1.68 22.73 -13.26
CA PRO A 611 2.18 21.86 -12.18
C PRO A 611 3.61 21.38 -12.45
N SER A 612 3.92 21.13 -13.71
CA SER A 612 5.28 20.80 -14.12
C SER A 612 5.44 21.21 -15.58
N TRP A 613 6.63 21.01 -16.15
CA TRP A 613 6.81 21.24 -17.57
C TRP A 613 6.84 19.95 -18.39
N ASP A 614 6.26 18.88 -17.82
CA ASP A 614 5.94 17.68 -18.57
C ASP A 614 5.19 18.04 -19.86
N GLN A 615 5.24 17.16 -20.85
CA GLN A 615 4.56 17.39 -22.12
C GLN A 615 3.03 17.52 -21.98
N MET A 616 2.47 17.00 -20.88
CA MET A 616 1.04 17.18 -20.63
C MET A 616 0.66 18.67 -20.69
N TRP A 617 1.58 19.52 -20.27
CA TRP A 617 1.35 20.97 -20.18
C TRP A 617 1.94 21.77 -21.37
N LYS A 618 2.13 21.11 -22.50
CA LYS A 618 2.81 21.76 -23.62
C LYS A 618 2.08 22.97 -24.22
N CYS A 619 0.77 23.08 -24.01
CA CYS A 619 0.05 24.25 -24.54
C CYS A 619 0.48 25.56 -23.88
N LEU A 620 1.19 25.47 -22.76
CA LEU A 620 1.70 26.63 -22.03
C LEU A 620 3.18 26.95 -22.32
N ILE A 621 3.85 26.08 -23.08
CA ILE A 621 5.31 26.18 -23.25
C ILE A 621 5.75 27.53 -23.80
N ARG A 622 5.02 28.04 -24.79
CA ARG A 622 5.39 29.32 -25.38
C ARG A 622 5.26 30.49 -24.40
N LEU A 623 4.45 30.31 -23.36
CA LEU A 623 4.27 31.34 -22.34
C LEU A 623 5.27 31.24 -21.19
N LYS A 624 6.13 30.24 -21.24
CA LYS A 624 7.06 29.94 -20.15
C LYS A 624 7.78 31.15 -19.54
N PRO A 625 8.29 32.07 -20.39
CA PRO A 625 9.04 33.21 -19.85
C PRO A 625 8.19 34.18 -19.03
N THR A 626 6.87 34.13 -19.17
CA THR A 626 6.00 35.07 -18.45
C THR A 626 5.26 34.47 -17.24
N LEU A 627 5.42 33.17 -17.00
CA LEU A 627 4.70 32.52 -15.90
C LEU A 627 5.59 32.37 -14.68
N HIS A 628 5.07 32.75 -13.52
CA HIS A 628 5.89 32.76 -12.32
C HIS A 628 5.02 32.51 -11.09
N GLY A 629 5.66 32.13 -9.98
CA GLY A 629 4.94 31.94 -8.73
C GLY A 629 4.40 30.52 -8.62
N PRO A 630 3.60 30.26 -7.58
CA PRO A 630 3.02 28.93 -7.33
C PRO A 630 1.85 28.60 -8.25
N THR A 631 1.69 27.31 -8.51
CA THR A 631 0.60 26.83 -9.34
C THR A 631 -0.67 26.79 -8.52
N PRO A 632 -1.74 27.41 -9.03
CA PRO A 632 -3.03 27.24 -8.36
C PRO A 632 -3.58 25.86 -8.73
N LEU A 633 -3.22 24.86 -7.92
CA LEU A 633 -3.45 23.46 -8.28
C LEU A 633 -4.90 23.03 -8.07
N LEU A 634 -5.51 22.46 -9.11
CA LEU A 634 -6.92 22.07 -9.05
C LEU A 634 -7.14 20.62 -8.65
N TYR A 635 -6.20 19.77 -9.06
CA TYR A 635 -6.25 18.31 -8.90
C TYR A 635 -4.90 17.81 -9.39
N ARG A 636 -4.64 16.51 -9.25
CA ARG A 636 -3.34 16.00 -9.69
C ARG A 636 -3.48 15.00 -10.83
N LEU A 637 -2.85 15.32 -11.97
CA LEU A 637 -2.88 14.45 -13.15
C LEU A 637 -1.50 13.91 -13.45
N GLY A 638 -0.55 14.21 -12.58
CA GLY A 638 0.80 13.73 -12.72
C GLY A 638 1.67 14.36 -11.65
N ALA A 639 2.98 14.23 -11.81
CA ALA A 639 3.92 14.83 -10.85
C ALA A 639 3.76 16.35 -10.84
N VAL A 640 3.73 16.92 -9.63
CA VAL A 640 3.70 18.37 -9.48
C VAL A 640 5.07 18.83 -8.97
N GLN A 641 5.80 19.54 -9.80
CA GLN A 641 7.15 19.95 -9.43
C GLN A 641 7.19 21.38 -8.94
N ASN A 642 6.24 22.19 -9.38
CA ASN A 642 6.17 23.58 -8.93
C ASN A 642 5.54 23.69 -7.55
N GLU A 643 5.86 24.77 -6.83
CA GLU A 643 5.21 25.07 -5.57
C GLU A 643 3.75 25.33 -5.89
N VAL A 644 2.88 25.07 -4.93
CA VAL A 644 1.46 25.15 -5.21
C VAL A 644 0.77 26.12 -4.27
N THR A 645 -0.32 26.72 -4.75
CA THR A 645 -1.22 27.45 -3.88
C THR A 645 -2.59 26.85 -3.97
N LEU A 646 -3.34 26.93 -2.87
CA LEU A 646 -4.66 26.32 -2.80
C LEU A 646 -5.77 27.35 -2.66
N THR A 647 -5.45 28.62 -2.87
CA THR A 647 -6.40 29.71 -2.63
C THR A 647 -7.40 29.98 -3.75
N HIS A 648 -7.16 29.41 -4.93
CA HIS A 648 -8.02 29.73 -6.08
C HIS A 648 -9.44 29.22 -5.86
N PRO A 649 -10.45 30.03 -6.22
CA PRO A 649 -11.84 29.61 -5.99
C PRO A 649 -12.21 28.24 -6.61
N ILE A 650 -11.61 27.89 -7.74
CA ILE A 650 -11.92 26.59 -8.35
C ILE A 650 -11.34 25.44 -7.50
N THR A 651 -10.16 25.65 -6.94
CA THR A 651 -9.60 24.68 -6.01
C THR A 651 -10.53 24.50 -4.81
N LYS A 652 -11.00 25.62 -4.26
CA LYS A 652 -11.92 25.58 -3.13
C LYS A 652 -13.23 24.90 -3.47
N TYR A 653 -13.72 25.14 -4.68
CA TYR A 653 -14.93 24.50 -5.16
C TYR A 653 -14.78 22.97 -5.24
N ILE A 654 -13.68 22.51 -5.82
CA ILE A 654 -13.45 21.08 -5.95
C ILE A 654 -13.24 20.43 -4.57
N MET A 655 -12.53 21.10 -3.68
CA MET A 655 -12.39 20.61 -2.31
C MET A 655 -13.76 20.39 -1.68
N ALA A 656 -14.66 21.35 -1.84
CA ALA A 656 -16.03 21.20 -1.34
C ALA A 656 -16.70 19.98 -1.98
N CYS A 657 -16.46 19.75 -3.27
CA CYS A 657 -17.02 18.57 -3.94
C CYS A 657 -16.57 17.26 -3.29
N MET A 658 -15.36 17.26 -2.70
CA MET A 658 -14.82 16.03 -2.09
C MET A 658 -15.60 15.56 -0.87
N SER A 659 -16.56 16.37 -0.41
CA SER A 659 -17.38 15.96 0.74
C SER A 659 -18.55 15.04 0.39
N ALA A 660 -18.79 14.84 -0.90
CA ALA A 660 -19.87 13.96 -1.32
C ALA A 660 -19.68 12.55 -0.74
N ASP A 661 -20.79 11.85 -0.53
CA ASP A 661 -20.74 10.43 -0.27
C ASP A 661 -20.01 9.76 -1.42
N LEU A 662 -18.98 9.00 -1.11
CA LEU A 662 -18.24 8.26 -2.14
C LEU A 662 -18.16 6.80 -1.70
N GLU A 663 -18.87 5.92 -2.40
CA GLU A 663 -18.79 4.49 -2.11
C GLU A 663 -17.49 3.90 -2.66
N VAL A 664 -16.73 3.21 -1.81
CA VAL A 664 -15.50 2.58 -2.24
C VAL A 664 -15.42 1.14 -1.74
N VAL A 665 -14.90 0.23 -2.56
CA VAL A 665 -14.80 -1.16 -2.17
C VAL A 665 -13.76 -1.34 -1.06
N THR A 666 -13.98 -2.35 -0.22
CA THR A 666 -13.03 -2.72 0.83
C THR A 666 -12.66 -4.20 0.69
N GLY B 22 13.67 -17.16 8.12
CA GLY B 22 13.35 -16.11 7.16
C GLY B 22 14.59 -15.48 6.51
N SER B 23 15.00 -16.03 5.37
CA SER B 23 16.16 -15.53 4.65
C SER B 23 15.77 -14.57 3.54
N VAL B 24 16.68 -13.65 3.19
CA VAL B 24 16.53 -12.85 1.99
C VAL B 24 16.74 -13.82 0.81
N VAL B 25 16.03 -13.62 -0.29
CA VAL B 25 16.11 -14.53 -1.45
C VAL B 25 16.35 -13.81 -2.78
N ILE B 26 17.28 -14.32 -3.57
CA ILE B 26 17.51 -13.80 -4.92
C ILE B 26 16.41 -14.29 -5.87
N VAL B 27 15.68 -13.36 -6.48
CA VAL B 27 14.56 -13.72 -7.34
C VAL B 27 14.75 -13.21 -8.76
N GLY B 28 15.86 -12.54 -9.00
CA GLY B 28 16.17 -12.01 -10.32
C GLY B 28 17.51 -11.33 -10.34
N ARG B 29 17.84 -10.72 -11.48
CA ARG B 29 19.10 -10.01 -11.61
C ARG B 29 18.96 -8.91 -12.63
N ILE B 30 19.83 -7.91 -12.55
CA ILE B 30 19.89 -6.82 -13.51
C ILE B 30 21.22 -6.89 -14.26
N ILE B 31 21.17 -7.26 -15.54
CA ILE B 31 22.37 -7.40 -16.36
C ILE B 31 22.87 -6.07 -16.92
N LEU B 32 24.12 -5.74 -16.62
CA LEU B 32 24.73 -4.50 -17.08
C LEU B 32 25.52 -4.73 -18.37
N SER B 33 25.57 -3.71 -19.22
CA SER B 33 26.27 -3.83 -20.51
C SER B 33 27.78 -3.94 -20.32
N GLY B 34 28.46 -4.48 -21.32
CA GLY B 34 29.89 -4.72 -21.25
C GLY B 34 30.74 -3.47 -21.43
N SER B 35 30.27 -2.54 -22.27
CA SER B 35 30.98 -1.28 -22.51
C SER B 35 30.19 -0.42 -23.50
N GLY B 36 30.63 0.82 -23.67
CA GLY B 36 29.97 1.75 -24.57
C GLY B 36 28.54 2.04 -24.15
N SER B 37 28.37 3.09 -23.33
CA SER B 37 27.07 3.45 -22.80
C SER B 37 26.49 2.37 -21.88
N ILE B 38 26.22 2.74 -20.64
CA ILE B 38 25.69 1.81 -19.65
C ILE B 38 24.22 1.47 -19.92
N THR B 39 23.95 0.20 -20.16
CA THR B 39 22.58 -0.25 -20.39
C THR B 39 22.29 -1.45 -19.51
N ALA B 40 21.02 -1.70 -19.23
CA ALA B 40 20.67 -2.79 -18.34
C ALA B 40 19.33 -3.41 -18.69
N TYR B 41 19.17 -4.68 -18.34
CA TYR B 41 17.89 -5.34 -18.49
C TYR B 41 17.71 -6.38 -17.39
N SER B 42 16.47 -6.78 -17.14
CA SER B 42 16.19 -7.65 -16.00
C SER B 42 15.93 -9.08 -16.40
N GLN B 43 16.24 -10.00 -15.48
CA GLN B 43 15.94 -11.42 -15.68
C GLN B 43 15.30 -11.98 -14.41
N GLN B 44 14.06 -12.42 -14.51
CA GLN B 44 13.42 -13.05 -13.35
C GLN B 44 13.86 -14.50 -13.26
N THR B 45 14.14 -14.97 -12.05
CA THR B 45 14.66 -16.31 -11.86
C THR B 45 13.84 -17.11 -10.85
N ARG B 46 12.99 -16.40 -10.11
CA ARG B 46 12.20 -17.03 -9.06
C ARG B 46 10.81 -16.38 -9.00
N GLY B 47 9.78 -17.21 -8.81
CA GLY B 47 8.43 -16.72 -8.65
C GLY B 47 8.04 -16.66 -7.18
N LEU B 48 6.77 -16.38 -6.92
CA LEU B 48 6.32 -16.21 -5.54
C LEU B 48 6.52 -17.47 -4.70
N LEU B 49 6.16 -18.63 -5.24
CA LEU B 49 6.27 -19.85 -4.45
C LEU B 49 7.72 -20.26 -4.19
N GLY B 50 8.56 -20.14 -5.21
CA GLY B 50 9.98 -20.46 -5.09
C GLY B 50 10.64 -19.53 -4.07
N CYS B 51 10.20 -18.28 -4.07
CA CYS B 51 10.72 -17.29 -3.15
C CYS B 51 10.43 -17.68 -1.70
N ILE B 52 9.16 -17.97 -1.42
CA ILE B 52 8.74 -18.27 -0.06
C ILE B 52 9.36 -19.56 0.50
N ILE B 53 9.37 -20.61 -0.30
CA ILE B 53 9.99 -21.86 0.09
C ILE B 53 11.46 -21.64 0.44
N THR B 54 12.16 -20.93 -0.44
CA THR B 54 13.58 -20.64 -0.26
C THR B 54 13.88 -19.82 0.99
N SER B 55 13.09 -18.78 1.23
CA SER B 55 13.28 -17.96 2.44
C SER B 55 13.11 -18.79 3.71
N LEU B 56 12.19 -19.74 3.67
CA LEU B 56 11.90 -20.60 4.83
C LEU B 56 13.04 -21.60 5.06
N THR B 57 13.52 -22.20 3.98
CA THR B 57 14.60 -23.18 4.09
C THR B 57 15.98 -22.52 4.19
N GLY B 58 16.15 -21.37 3.56
CA GLY B 58 17.44 -20.70 3.53
C GLY B 58 18.41 -21.43 2.62
N ARG B 59 17.85 -22.35 1.83
CA ARG B 59 18.63 -23.15 0.89
C ARG B 59 18.25 -22.83 -0.54
N ASP B 60 19.21 -22.31 -1.29
CA ASP B 60 19.02 -21.87 -2.67
C ASP B 60 20.19 -22.37 -3.49
N LYS B 61 19.91 -23.22 -4.47
CA LYS B 61 20.99 -23.83 -5.25
C LYS B 61 21.16 -23.20 -6.62
N ASN B 62 20.35 -22.19 -6.92
CA ASN B 62 20.52 -21.45 -8.17
C ASN B 62 21.88 -20.79 -8.22
N GLN B 63 22.57 -20.91 -9.35
CA GLN B 63 23.83 -20.22 -9.56
C GLN B 63 23.56 -18.72 -9.61
N VAL B 64 24.49 -17.96 -9.05
CA VAL B 64 24.34 -16.52 -9.00
C VAL B 64 25.11 -15.89 -10.14
N GLU B 65 24.41 -15.18 -11.02
CA GLU B 65 25.04 -14.54 -12.17
C GLU B 65 24.90 -13.03 -12.11
N GLY B 66 25.85 -12.31 -12.71
CA GLY B 66 25.80 -10.86 -12.77
C GLY B 66 26.24 -10.18 -11.49
N GLU B 67 26.33 -8.85 -11.52
CA GLU B 67 26.73 -8.08 -10.33
C GLU B 67 25.55 -7.57 -9.49
N VAL B 68 24.43 -7.24 -10.13
CA VAL B 68 23.26 -6.73 -9.40
C VAL B 68 22.15 -7.77 -9.29
N GLN B 69 21.74 -8.05 -8.05
CA GLN B 69 20.70 -9.04 -7.80
C GLN B 69 19.41 -8.36 -7.39
N VAL B 70 18.29 -8.94 -7.79
CA VAL B 70 17.00 -8.55 -7.24
C VAL B 70 16.67 -9.50 -6.11
N VAL B 71 16.47 -8.95 -4.91
CA VAL B 71 16.31 -9.79 -3.73
C VAL B 71 14.95 -9.52 -3.10
N SER B 72 14.44 -10.51 -2.36
CA SER B 72 13.13 -10.38 -1.74
C SER B 72 13.06 -11.05 -0.39
N THR B 73 12.23 -10.47 0.48
CA THR B 73 11.77 -11.13 1.67
C THR B 73 10.31 -11.45 1.35
N ALA B 74 9.59 -12.04 2.29
CA ALA B 74 8.16 -12.25 2.06
C ALA B 74 7.43 -10.91 2.14
N THR B 75 8.12 -9.93 2.72
CA THR B 75 7.52 -8.63 2.97
C THR B 75 7.80 -7.60 1.86
N GLN B 76 9.03 -7.60 1.33
CA GLN B 76 9.45 -6.53 0.42
C GLN B 76 10.48 -6.99 -0.63
N SER B 77 10.74 -6.12 -1.59
CA SER B 77 11.66 -6.45 -2.66
C SER B 77 12.60 -5.28 -2.97
N PHE B 78 13.88 -5.58 -3.18
CA PHE B 78 14.87 -4.54 -3.42
C PHE B 78 16.09 -5.10 -4.17
N LEU B 79 17.23 -4.41 -4.08
CA LEU B 79 18.42 -4.83 -4.85
C LEU B 79 19.63 -5.12 -3.95
N ALA B 80 20.55 -5.93 -4.47
CA ALA B 80 21.81 -6.17 -3.80
C ALA B 80 22.92 -6.09 -4.84
N THR B 81 24.02 -5.42 -4.48
CA THR B 81 25.12 -5.19 -5.41
C THR B 81 26.43 -5.83 -4.93
N CYS B 82 27.07 -6.61 -5.79
CA CYS B 82 28.33 -7.27 -5.44
C CYS B 82 29.51 -6.37 -5.73
N VAL B 83 30.32 -6.11 -4.70
CA VAL B 83 31.54 -5.33 -4.84
C VAL B 83 32.67 -6.01 -4.04
N ASN B 84 33.76 -6.32 -4.71
CA ASN B 84 34.91 -6.96 -4.06
C ASN B 84 34.57 -8.22 -3.26
N GLY B 85 33.82 -9.12 -3.88
CA GLY B 85 33.53 -10.41 -3.30
C GLY B 85 32.39 -10.42 -2.29
N VAL B 86 31.77 -9.26 -2.08
CA VAL B 86 30.68 -9.15 -1.11
C VAL B 86 29.38 -8.68 -1.75
N CYS B 87 28.30 -9.40 -1.47
CA CYS B 87 26.98 -9.01 -1.92
C CYS B 87 26.40 -8.03 -0.89
N TRP B 88 26.30 -6.76 -1.27
CA TRP B 88 25.92 -5.71 -0.33
C TRP B 88 24.46 -5.28 -0.55
N THR B 89 23.78 -4.93 0.54
CA THR B 89 22.48 -4.27 0.44
C THR B 89 22.24 -3.37 1.66
N VAL B 90 21.03 -2.85 1.80
CA VAL B 90 20.74 -1.89 2.88
C VAL B 90 20.23 -2.61 4.14
N TYR B 91 20.61 -2.11 5.32
CA TYR B 91 20.09 -2.69 6.56
C TYR B 91 18.58 -2.49 6.66
N HIS B 92 18.11 -1.33 6.19
CA HIS B 92 16.68 -1.04 6.35
C HIS B 92 15.79 -1.99 5.55
N GLY B 93 16.36 -2.66 4.55
CA GLY B 93 15.64 -3.66 3.79
C GLY B 93 15.86 -5.09 4.28
N ALA B 94 17.12 -5.46 4.49
CA ALA B 94 17.45 -6.84 4.85
C ALA B 94 17.46 -7.11 6.35
N GLY B 95 17.60 -6.06 7.15
CA GLY B 95 17.76 -6.25 8.59
C GLY B 95 18.95 -7.15 8.89
N SER B 96 18.79 -8.07 9.83
CA SER B 96 19.85 -9.01 10.19
C SER B 96 19.69 -10.36 9.50
N LYS B 97 18.89 -10.39 8.44
CA LYS B 97 18.52 -11.65 7.79
C LYS B 97 19.69 -12.35 7.10
N THR B 98 19.65 -13.68 7.16
CA THR B 98 20.57 -14.51 6.39
C THR B 98 20.19 -14.47 4.91
N LEU B 99 21.10 -14.84 4.04
CA LEU B 99 20.80 -14.94 2.62
C LEU B 99 20.70 -16.42 2.27
N ALA B 100 19.66 -16.80 1.52
CA ALA B 100 19.52 -18.19 1.12
C ALA B 100 20.73 -18.58 0.27
N GLY B 101 21.33 -19.73 0.59
CA GLY B 101 22.53 -20.17 -0.09
C GLY B 101 22.56 -21.67 -0.38
N PRO B 102 23.57 -22.14 -1.11
CA PRO B 102 23.61 -23.52 -1.62
C PRO B 102 23.66 -24.57 -0.52
N LYS B 103 24.15 -24.21 0.67
CA LYS B 103 24.26 -25.18 1.75
C LYS B 103 23.40 -24.80 2.96
N GLY B 104 22.49 -23.86 2.77
CA GLY B 104 21.71 -23.32 3.87
C GLY B 104 21.90 -21.83 3.98
N PRO B 105 21.23 -21.20 4.95
CA PRO B 105 21.30 -19.74 5.01
C PRO B 105 22.71 -19.24 5.30
N ILE B 106 23.08 -18.15 4.63
CA ILE B 106 24.36 -17.50 4.85
C ILE B 106 24.16 -16.40 5.87
N THR B 107 24.95 -16.42 6.94
CA THR B 107 24.87 -15.37 7.93
C THR B 107 25.64 -14.16 7.42
N GLN B 108 25.13 -12.97 7.69
CA GLN B 108 25.79 -11.77 7.21
C GLN B 108 27.24 -11.75 7.66
N MET B 109 28.14 -11.39 6.76
CA MET B 109 29.55 -11.26 7.11
C MET B 109 29.78 -9.87 7.72
N TYR B 110 28.98 -8.90 7.28
CA TYR B 110 29.14 -7.54 7.74
C TYR B 110 27.78 -6.91 8.02
N THR B 111 27.70 -6.13 9.09
CA THR B 111 26.47 -5.47 9.48
C THR B 111 26.80 -4.11 10.07
N ASN B 112 26.50 -3.05 9.31
CA ASN B 112 26.77 -1.70 9.76
C ASN B 112 25.48 -0.89 9.75
N VAL B 113 24.80 -0.85 10.90
CA VAL B 113 23.53 -0.15 10.99
C VAL B 113 23.75 1.35 10.82
N ASP B 114 24.86 1.86 11.35
CA ASP B 114 25.16 3.28 11.22
C ASP B 114 25.17 3.72 9.76
N GLN B 115 25.71 2.88 8.88
CA GLN B 115 25.86 3.20 7.47
C GLN B 115 24.72 2.63 6.62
N ASP B 116 23.78 1.96 7.28
CA ASP B 116 22.65 1.31 6.61
C ASP B 116 23.14 0.26 5.60
N LEU B 117 24.13 -0.52 5.99
CA LEU B 117 24.78 -1.44 5.07
C LEU B 117 24.95 -2.83 5.67
N VAL B 118 24.60 -3.85 4.90
CA VAL B 118 24.92 -5.22 5.30
C VAL B 118 25.54 -5.95 4.12
N GLY B 119 26.28 -7.03 4.40
CA GLY B 119 26.90 -7.79 3.33
C GLY B 119 27.04 -9.27 3.63
N TRP B 120 26.82 -10.09 2.59
CA TRP B 120 27.04 -11.52 2.69
C TRP B 120 28.18 -11.88 1.75
N GLN B 121 29.05 -12.78 2.20
CA GLN B 121 30.11 -13.29 1.34
C GLN B 121 29.49 -13.79 0.04
N ALA B 122 29.87 -13.18 -1.08
CA ALA B 122 29.25 -13.48 -2.38
C ALA B 122 29.30 -14.95 -2.75
N PRO B 123 28.16 -15.49 -3.20
CA PRO B 123 28.01 -16.88 -3.66
C PRO B 123 28.73 -17.10 -4.98
N PRO B 124 29.11 -18.36 -5.26
CA PRO B 124 29.83 -18.73 -6.49
C PRO B 124 29.08 -18.33 -7.75
N GLY B 125 29.81 -18.01 -8.81
CA GLY B 125 29.22 -17.57 -10.05
C GLY B 125 29.01 -16.08 -10.09
N ALA B 126 29.17 -15.44 -8.93
CA ALA B 126 28.91 -14.01 -8.82
C ALA B 126 30.06 -13.19 -9.37
N ARG B 127 29.72 -12.19 -10.16
CA ARG B 127 30.69 -11.20 -10.59
C ARG B 127 30.62 -10.05 -9.61
N SER B 128 31.72 -9.33 -9.46
CA SER B 128 31.75 -8.16 -8.60
C SER B 128 32.13 -6.94 -9.42
N LEU B 129 31.51 -5.81 -9.10
CA LEU B 129 31.93 -4.54 -9.63
C LEU B 129 33.27 -4.18 -8.98
N THR B 130 34.01 -3.27 -9.60
CA THR B 130 35.21 -2.77 -8.96
C THR B 130 35.02 -1.32 -8.57
N PRO B 131 35.54 -0.94 -7.40
CA PRO B 131 35.44 0.43 -6.89
C PRO B 131 35.93 1.50 -7.88
N CYS B 132 35.14 2.55 -8.05
CA CYS B 132 35.50 3.65 -8.96
C CYS B 132 36.78 4.34 -8.49
N THR B 133 37.71 4.54 -9.41
CA THR B 133 38.99 5.16 -9.06
C THR B 133 39.20 6.48 -9.78
N CYS B 134 38.31 6.79 -10.73
CA CYS B 134 38.48 7.96 -11.58
C CYS B 134 38.08 9.27 -10.92
N GLY B 135 37.10 9.20 -10.01
CA GLY B 135 36.63 10.39 -9.33
C GLY B 135 35.61 11.16 -10.16
N SER B 136 35.01 10.48 -11.13
CA SER B 136 33.99 11.08 -11.95
C SER B 136 32.78 11.49 -11.12
N SER B 137 32.22 12.65 -11.43
CA SER B 137 31.00 13.11 -10.78
C SER B 137 29.78 12.85 -11.66
N ASP B 138 30.01 12.20 -12.80
CA ASP B 138 28.92 11.79 -13.68
C ASP B 138 28.53 10.35 -13.36
N LEU B 139 27.47 10.21 -12.57
CA LEU B 139 27.08 8.89 -12.09
C LEU B 139 25.79 8.39 -12.74
N TYR B 140 25.58 7.09 -12.67
CA TYR B 140 24.39 6.49 -13.22
C TYR B 140 23.83 5.50 -12.21
N LEU B 141 22.55 5.63 -11.90
CA LEU B 141 21.89 4.74 -10.95
C LEU B 141 21.10 3.69 -11.69
N VAL B 142 21.24 2.43 -11.28
CA VAL B 142 20.51 1.34 -11.90
C VAL B 142 19.35 0.95 -10.99
N THR B 143 18.14 1.00 -11.55
CA THR B 143 16.95 0.75 -10.74
C THR B 143 16.51 -0.70 -10.87
N ARG B 144 15.58 -1.11 -10.02
CA ARG B 144 15.11 -2.49 -10.04
C ARG B 144 14.37 -2.80 -11.34
N HIS B 145 14.00 -1.76 -12.08
CA HIS B 145 13.32 -1.97 -13.35
C HIS B 145 14.33 -1.89 -14.50
N ALA B 146 15.60 -2.02 -14.17
CA ALA B 146 16.68 -1.95 -15.16
C ALA B 146 16.74 -0.63 -15.90
N ASP B 147 16.18 0.43 -15.30
CA ASP B 147 16.37 1.78 -15.84
C ASP B 147 17.77 2.26 -15.44
N VAL B 148 18.39 3.08 -16.29
CA VAL B 148 19.68 3.65 -15.97
C VAL B 148 19.55 5.17 -15.94
N ILE B 149 19.76 5.76 -14.77
CA ILE B 149 19.38 7.14 -14.51
C ILE B 149 20.55 8.05 -14.17
N PRO B 150 20.75 9.10 -14.97
CA PRO B 150 21.86 10.05 -14.79
C PRO B 150 21.80 10.73 -13.42
N VAL B 151 22.90 10.67 -12.69
CA VAL B 151 22.99 11.38 -11.41
C VAL B 151 24.30 12.16 -11.36
N ARG B 152 24.21 13.41 -10.91
CA ARG B 152 25.39 14.24 -10.75
C ARG B 152 25.83 14.26 -9.29
N ARG B 153 27.02 13.69 -9.03
CA ARG B 153 27.54 13.60 -7.67
C ARG B 153 27.79 14.98 -7.06
N ARG B 154 27.28 15.19 -5.85
CA ARG B 154 27.38 16.50 -5.19
C ARG B 154 28.05 16.41 -3.83
N GLY B 155 28.68 15.27 -3.54
CA GLY B 155 29.33 15.07 -2.26
C GLY B 155 29.73 13.62 -2.12
N ASP B 156 30.13 13.21 -0.92
CA ASP B 156 30.58 11.84 -0.70
C ASP B 156 29.44 10.83 -0.84
N SER B 157 28.23 11.24 -0.45
CA SER B 157 27.12 10.31 -0.36
C SER B 157 25.84 10.88 -0.95
N ARG B 158 25.96 11.95 -1.73
CA ARG B 158 24.78 12.57 -2.35
C ARG B 158 24.94 12.81 -3.86
N GLY B 159 23.83 12.69 -4.59
CA GLY B 159 23.82 13.02 -6.00
C GLY B 159 22.50 13.64 -6.43
N SER B 160 22.56 14.65 -7.29
CA SER B 160 21.34 15.25 -7.81
C SER B 160 20.84 14.49 -9.04
N LEU B 161 19.53 14.23 -9.09
CA LEU B 161 18.97 13.64 -10.28
C LEU B 161 18.90 14.72 -11.32
N LEU B 162 19.18 14.37 -12.57
CA LEU B 162 19.08 15.35 -13.65
C LEU B 162 17.62 15.61 -13.94
N SER B 163 16.81 14.56 -13.89
CA SER B 163 15.37 14.68 -14.05
C SER B 163 14.64 14.18 -12.81
N PRO B 164 14.10 15.11 -12.00
CA PRO B 164 13.36 14.70 -10.79
C PRO B 164 12.21 13.76 -11.12
N ARG B 165 11.94 12.81 -10.22
CA ARG B 165 10.91 11.80 -10.47
C ARG B 165 10.08 11.63 -9.22
N PRO B 166 8.82 11.21 -9.38
CA PRO B 166 8.03 10.83 -8.21
C PRO B 166 8.79 9.75 -7.43
N VAL B 167 8.85 9.90 -6.11
CA VAL B 167 9.63 8.97 -5.29
C VAL B 167 9.18 7.52 -5.51
N SER B 168 7.91 7.31 -5.80
CA SER B 168 7.41 5.97 -6.10
C SER B 168 8.25 5.30 -7.19
N TYR B 169 8.81 6.09 -8.07
CA TYR B 169 9.62 5.57 -9.17
C TYR B 169 10.85 4.82 -8.65
N LEU B 170 11.40 5.26 -7.52
CA LEU B 170 12.64 4.72 -7.00
C LEU B 170 12.47 3.63 -5.95
N LYS B 171 11.24 3.40 -5.52
CA LYS B 171 11.07 2.44 -4.45
C LYS B 171 11.33 1.03 -4.95
N GLY B 172 11.97 0.23 -4.10
CA GLY B 172 12.41 -1.10 -4.49
C GLY B 172 13.77 -1.06 -5.15
N SER B 173 14.39 0.12 -5.23
CA SER B 173 15.70 0.22 -5.85
C SER B 173 16.84 0.31 -4.84
N SER B 174 16.52 0.39 -3.55
CA SER B 174 17.58 0.47 -2.55
C SER B 174 18.50 -0.74 -2.72
N GLY B 175 19.80 -0.53 -2.55
CA GLY B 175 20.77 -1.59 -2.77
C GLY B 175 21.34 -1.60 -4.18
N GLY B 176 20.75 -0.80 -5.06
CA GLY B 176 21.23 -0.70 -6.44
C GLY B 176 22.47 0.18 -6.57
N PRO B 177 23.31 -0.10 -7.57
CA PRO B 177 24.59 0.60 -7.74
C PRO B 177 24.47 2.00 -8.31
N LEU B 178 25.32 2.89 -7.82
CA LEU B 178 25.65 4.11 -8.54
C LEU B 178 26.95 3.80 -9.29
N LEU B 179 26.92 3.92 -10.61
CA LEU B 179 28.08 3.62 -11.45
C LEU B 179 28.72 4.90 -11.98
N CYS B 180 30.03 4.87 -12.17
CA CYS B 180 30.72 5.96 -12.85
C CYS B 180 30.70 5.65 -14.33
N PRO B 181 31.13 6.61 -15.18
CA PRO B 181 31.07 6.39 -16.63
C PRO B 181 31.76 5.11 -17.09
N SER B 182 32.71 4.59 -16.31
CA SER B 182 33.43 3.36 -16.67
C SER B 182 32.73 2.09 -16.22
N GLY B 183 31.55 2.23 -15.62
CA GLY B 183 30.85 1.08 -15.09
C GLY B 183 31.44 0.59 -13.77
N HIS B 184 32.19 1.45 -13.08
CA HIS B 184 32.75 1.09 -11.79
C HIS B 184 31.84 1.55 -10.65
N ALA B 185 31.85 0.81 -9.54
CA ALA B 185 30.96 1.08 -8.42
C ALA B 185 31.35 2.31 -7.61
N VAL B 186 30.44 3.27 -7.52
CA VAL B 186 30.67 4.45 -6.69
C VAL B 186 30.02 4.29 -5.30
N GLY B 187 28.96 3.49 -5.25
CA GLY B 187 28.23 3.30 -4.00
C GLY B 187 26.94 2.56 -4.25
N ILE B 188 26.13 2.40 -3.21
CA ILE B 188 24.78 1.84 -3.39
C ILE B 188 23.69 2.74 -2.82
N PHE B 189 22.60 2.82 -3.58
CA PHE B 189 21.44 3.67 -3.31
C PHE B 189 20.76 3.26 -2.01
N ARG B 190 20.46 4.22 -1.15
CA ARG B 190 19.72 3.90 0.08
C ARG B 190 18.48 4.76 0.35
N ALA B 191 18.45 5.98 -0.17
CA ALA B 191 17.35 6.88 0.13
C ALA B 191 17.22 7.98 -0.93
N ALA B 192 15.99 8.49 -1.10
CA ALA B 192 15.73 9.61 -2.00
C ALA B 192 15.45 10.88 -1.20
N VAL B 193 16.04 12.00 -1.63
CA VAL B 193 15.82 13.30 -1.02
C VAL B 193 14.69 13.99 -1.79
N CYS B 194 13.57 14.23 -1.13
CA CYS B 194 12.35 14.67 -1.81
C CYS B 194 11.86 16.08 -1.48
N THR B 195 11.27 16.71 -2.49
CA THR B 195 10.54 17.96 -2.30
C THR B 195 9.09 17.66 -2.60
N ARG B 196 8.24 17.74 -1.57
CA ARG B 196 6.83 17.42 -1.73
C ARG B 196 6.60 16.10 -2.46
N GLY B 197 7.41 15.09 -2.12
CA GLY B 197 7.20 13.77 -2.66
C GLY B 197 7.85 13.54 -4.01
N VAL B 198 8.54 14.55 -4.52
CA VAL B 198 9.29 14.38 -5.76
C VAL B 198 10.78 14.27 -5.46
N ALA B 199 11.40 13.18 -5.92
CA ALA B 199 12.80 12.96 -5.65
C ALA B 199 13.64 13.87 -6.51
N LYS B 200 14.47 14.70 -5.87
CA LYS B 200 15.37 15.57 -6.62
C LYS B 200 16.83 15.14 -6.48
N ALA B 201 17.12 14.35 -5.44
CA ALA B 201 18.48 13.86 -5.21
C ALA B 201 18.44 12.48 -4.58
N VAL B 202 19.58 11.79 -4.60
CA VAL B 202 19.65 10.46 -3.98
C VAL B 202 20.75 10.42 -2.91
N ASP B 203 20.55 9.54 -1.94
CA ASP B 203 21.53 9.31 -0.90
C ASP B 203 22.07 7.90 -1.12
N PHE B 204 23.39 7.74 -1.02
CA PHE B 204 23.97 6.44 -1.23
C PHE B 204 25.12 6.16 -0.27
N VAL B 205 25.36 4.88 -0.02
CA VAL B 205 26.47 4.45 0.81
C VAL B 205 27.70 4.32 -0.08
N PRO B 206 28.70 5.19 0.12
CA PRO B 206 29.85 5.17 -0.80
C PRO B 206 30.71 3.93 -0.63
N VAL B 207 31.41 3.53 -1.68
CA VAL B 207 32.27 2.36 -1.66
C VAL B 207 33.34 2.38 -0.55
N GLU B 208 33.75 3.58 -0.14
CA GLU B 208 34.72 3.71 0.95
C GLU B 208 34.15 3.16 2.26
N SER B 209 32.85 3.34 2.47
CA SER B 209 32.19 2.81 3.65
C SER B 209 32.19 1.29 3.62
N MET B 210 32.08 0.73 2.43
CA MET B 210 32.15 -0.71 2.28
C MET B 210 33.51 -1.23 2.73
N GLU B 211 34.57 -0.55 2.31
CA GLU B 211 35.93 -0.99 2.62
C GLU B 211 36.19 -0.89 4.11
N THR B 212 35.85 0.25 4.69
CA THR B 212 36.07 0.46 6.12
C THR B 212 35.22 -0.49 6.96
N THR B 213 33.96 -0.68 6.56
CA THR B 213 33.11 -1.71 7.17
C THR B 213 33.78 -3.10 7.14
N MET B 214 34.38 -3.45 6.01
CA MET B 214 35.01 -4.77 5.88
C MET B 214 36.13 -4.99 6.91
N ARG B 215 36.85 -3.91 7.25
CA ARG B 215 37.99 -4.04 8.15
C ARG B 215 37.69 -3.57 9.56
N SER B 216 36.42 -3.38 9.88
CA SER B 216 36.06 -3.03 11.25
C SER B 216 36.13 -4.29 12.10
N PRO B 217 36.53 -4.15 13.36
CA PRO B 217 36.67 -5.28 14.28
C PRO B 217 35.35 -6.03 14.38
N VAL B 218 34.95 -6.65 13.27
CA VAL B 218 33.63 -7.25 13.11
C VAL B 218 33.19 -7.97 14.39
N PHE B 219 33.95 -8.97 14.79
CA PHE B 219 33.61 -9.77 15.96
C PHE B 219 34.13 -9.15 17.26
N THR B 220 33.60 -7.98 17.61
CA THR B 220 33.95 -7.35 18.89
C THR B 220 32.84 -7.50 19.92
N ASP B 221 33.23 -7.86 21.14
CA ASP B 221 32.31 -7.88 22.27
C ASP B 221 32.74 -6.81 23.26
N ASN B 222 31.88 -5.82 23.46
CA ASN B 222 32.16 -4.71 24.34
C ASN B 222 31.68 -5.03 25.76
N SER B 223 32.02 -6.23 26.22
CA SER B 223 31.31 -6.87 27.33
C SER B 223 31.80 -6.54 28.73
N SER B 224 32.87 -5.74 28.84
CA SER B 224 33.44 -5.41 30.15
C SER B 224 33.49 -3.90 30.40
N PRO B 225 33.32 -3.49 31.66
CA PRO B 225 33.30 -2.08 32.09
C PRO B 225 34.46 -1.28 31.52
N PRO B 226 34.16 -0.35 30.61
CA PRO B 226 35.21 0.43 29.95
C PRO B 226 36.07 1.18 30.95
N ALA B 227 37.34 1.33 30.61
CA ALA B 227 38.26 2.10 31.45
C ALA B 227 37.89 3.56 31.38
N VAL B 228 38.17 4.30 32.44
CA VAL B 228 37.98 5.74 32.43
C VAL B 228 39.19 6.38 31.74
N PRO B 229 38.95 7.08 30.62
CA PRO B 229 40.02 7.70 29.83
C PRO B 229 40.50 9.02 30.43
N GLN B 230 41.66 9.48 30.02
CA GLN B 230 42.18 10.76 30.48
C GLN B 230 41.37 11.90 29.90
N SER B 231 40.92 11.72 28.66
CA SER B 231 40.11 12.72 27.98
C SER B 231 38.73 12.15 27.66
N PHE B 232 37.73 13.02 27.61
CA PHE B 232 36.34 12.60 27.39
C PHE B 232 36.18 11.60 26.25
N GLN B 233 35.47 10.50 26.53
CA GLN B 233 35.17 9.48 25.53
C GLN B 233 33.75 8.95 25.71
N VAL B 234 33.12 8.55 24.60
CA VAL B 234 31.87 7.80 24.66
C VAL B 234 32.20 6.34 24.42
N ALA B 235 31.74 5.45 25.29
CA ALA B 235 32.01 4.02 25.13
C ALA B 235 30.74 3.20 25.11
N HIS B 236 30.82 1.99 24.56
CA HIS B 236 29.68 1.09 24.49
C HIS B 236 29.92 -0.12 25.39
N LEU B 237 28.90 -0.48 26.14
CA LEU B 237 28.96 -1.66 26.99
C LEU B 237 27.89 -2.60 26.51
N HIS B 238 28.29 -3.72 25.92
CA HIS B 238 27.35 -4.71 25.44
C HIS B 238 27.52 -5.99 26.25
N ALA B 239 26.53 -6.33 27.05
CA ALA B 239 26.58 -7.52 27.88
C ALA B 239 25.15 -7.99 28.20
N PRO B 240 24.97 -9.30 28.40
CA PRO B 240 23.66 -9.92 28.60
C PRO B 240 22.94 -9.38 29.83
N THR B 241 21.62 -9.44 29.79
CA THR B 241 20.81 -9.12 30.96
C THR B 241 21.29 -9.97 32.13
N GLY B 242 21.43 -9.35 33.30
CA GLY B 242 21.80 -10.05 34.51
C GLY B 242 23.29 -10.03 34.77
N SER B 243 24.04 -9.37 33.89
CA SER B 243 25.49 -9.37 33.98
C SER B 243 26.03 -8.23 34.85
N GLY B 244 25.13 -7.34 35.28
CA GLY B 244 25.50 -6.28 36.21
C GLY B 244 25.87 -4.93 35.60
N LYS B 245 25.44 -4.68 34.37
CA LYS B 245 25.68 -3.38 33.74
C LYS B 245 25.16 -2.23 34.61
N SER B 246 24.04 -2.43 35.29
CA SER B 246 23.42 -1.32 36.02
C SER B 246 23.68 -1.33 37.52
N THR B 247 24.33 -2.38 38.00
CA THR B 247 24.61 -2.51 39.43
C THR B 247 26.11 -2.70 39.69
N LYS B 248 26.65 -3.81 39.20
CA LYS B 248 28.05 -4.16 39.45
C LYS B 248 29.00 -3.12 38.88
N VAL B 249 28.70 -2.67 37.66
CA VAL B 249 29.56 -1.73 36.97
C VAL B 249 29.69 -0.39 37.73
N PRO B 250 28.56 0.24 38.06
CA PRO B 250 28.68 1.49 38.84
C PRO B 250 29.28 1.29 40.24
N ALA B 251 29.07 0.13 40.86
CA ALA B 251 29.68 -0.15 42.17
C ALA B 251 31.21 -0.23 42.06
N ALA B 252 31.70 -0.75 40.94
CA ALA B 252 33.14 -0.84 40.70
C ALA B 252 33.76 0.54 40.44
N TYR B 253 33.06 1.37 39.68
CA TYR B 253 33.51 2.73 39.42
C TYR B 253 33.56 3.55 40.72
N ALA B 254 32.52 3.39 41.53
CA ALA B 254 32.42 4.14 42.77
C ALA B 254 33.56 3.73 43.71
N ALA B 255 33.86 2.43 43.75
CA ALA B 255 34.96 1.94 44.57
C ALA B 255 36.30 2.54 44.13
N GLN B 256 36.36 2.95 42.86
CA GLN B 256 37.59 3.54 42.32
C GLN B 256 37.63 5.04 42.57
N GLY B 257 36.62 5.56 43.25
CA GLY B 257 36.60 6.98 43.57
C GLY B 257 35.81 7.87 42.63
N TYR B 258 35.15 7.27 41.64
CA TYR B 258 34.34 8.07 40.70
C TYR B 258 32.89 8.31 41.14
N LYS B 259 32.33 9.44 40.67
CA LYS B 259 30.91 9.74 40.85
C LYS B 259 30.16 9.32 39.58
N VAL B 260 29.16 8.45 39.75
CA VAL B 260 28.45 7.85 38.62
C VAL B 260 26.96 8.19 38.61
N LEU B 261 26.47 8.55 37.42
CA LEU B 261 25.04 8.69 37.18
C LEU B 261 24.58 7.56 36.25
N VAL B 262 23.52 6.85 36.63
CA VAL B 262 22.97 5.79 35.78
C VAL B 262 21.54 6.16 35.39
N LEU B 263 21.29 6.27 34.09
CA LEU B 263 19.96 6.63 33.59
C LEU B 263 19.23 5.41 33.03
N ASN B 264 17.95 5.25 33.38
CA ASN B 264 17.23 4.05 33.00
C ASN B 264 15.81 4.46 32.57
N PRO B 265 15.22 3.77 31.58
CA PRO B 265 13.90 4.24 31.12
C PRO B 265 12.75 3.83 32.04
N SER B 266 13.03 3.06 33.09
CA SER B 266 11.95 2.53 33.93
C SER B 266 11.92 3.14 35.33
N VAL B 267 10.78 3.72 35.70
CA VAL B 267 10.59 4.20 37.07
C VAL B 267 10.77 3.06 38.06
N ALA B 268 10.12 1.92 37.79
CA ALA B 268 10.18 0.78 38.70
C ALA B 268 11.60 0.25 38.85
N ALA B 269 12.32 0.14 37.74
CA ALA B 269 13.70 -0.31 37.81
C ALA B 269 14.51 0.67 38.66
N THR B 270 14.31 1.96 38.40
CA THR B 270 15.13 2.99 39.03
C THR B 270 14.93 2.99 40.54
N LEU B 271 13.67 2.96 40.97
CA LEU B 271 13.37 2.90 42.40
C LEU B 271 13.99 1.65 43.00
N GLY B 272 13.97 0.57 42.23
CA GLY B 272 14.46 -0.72 42.70
C GLY B 272 15.95 -0.78 43.00
N PHE B 273 16.74 0.02 42.31
CA PHE B 273 18.19 0.00 42.50
C PHE B 273 18.62 0.40 43.90
N GLY B 274 17.87 1.29 44.54
CA GLY B 274 18.19 1.74 45.88
C GLY B 274 18.40 0.57 46.81
N ALA B 275 17.36 -0.25 47.00
CA ALA B 275 17.42 -1.39 47.90
C ALA B 275 18.46 -2.41 47.46
N TYR B 276 18.49 -2.76 46.18
CA TYR B 276 19.45 -3.74 45.69
C TYR B 276 20.90 -3.32 45.94
N MET B 277 21.20 -2.05 45.68
CA MET B 277 22.58 -1.58 45.82
C MET B 277 23.05 -1.54 47.27
N SER B 278 22.14 -1.18 48.17
CA SER B 278 22.47 -1.15 49.58
C SER B 278 22.82 -2.55 50.05
N LYS B 279 21.97 -3.52 49.72
CA LYS B 279 22.17 -4.91 50.10
C LYS B 279 23.37 -5.55 49.40
N ALA B 280 23.52 -5.34 48.09
CA ALA B 280 24.54 -6.04 47.33
C ALA B 280 25.90 -5.35 47.30
N HIS B 281 25.92 -4.05 47.52
CA HIS B 281 27.19 -3.34 47.39
C HIS B 281 27.46 -2.34 48.50
N GLY B 282 26.60 -2.28 49.51
CA GLY B 282 26.81 -1.37 50.62
C GLY B 282 26.79 0.08 50.20
N ILE B 283 26.03 0.37 49.15
CA ILE B 283 25.84 1.74 48.70
C ILE B 283 24.37 2.12 48.77
N ASP B 284 24.08 3.23 49.43
CA ASP B 284 22.73 3.79 49.45
C ASP B 284 22.70 4.92 48.45
N PRO B 285 22.33 4.62 47.19
CA PRO B 285 22.48 5.59 46.10
C PRO B 285 21.45 6.71 46.15
N ASN B 286 21.76 7.85 45.53
CA ASN B 286 20.72 8.83 45.30
C ASN B 286 19.73 8.23 44.31
N ILE B 287 18.45 8.53 44.49
CA ILE B 287 17.42 8.04 43.57
C ILE B 287 16.61 9.22 43.04
N ARG B 288 16.44 9.30 41.72
CA ARG B 288 15.67 10.41 41.15
C ARG B 288 14.61 9.95 40.15
N THR B 289 13.35 10.10 40.54
CA THR B 289 12.21 9.85 39.67
C THR B 289 11.18 10.97 39.89
N GLY B 290 10.17 11.03 39.03
CA GLY B 290 9.09 12.01 39.21
C GLY B 290 8.35 11.80 40.51
N VAL B 291 8.05 10.56 40.84
CA VAL B 291 7.19 10.28 41.98
C VAL B 291 7.97 10.26 43.30
N ARG B 292 9.29 10.07 43.23
CA ARG B 292 10.09 9.94 44.45
C ARG B 292 11.57 10.28 44.21
N THR B 293 12.08 11.25 44.97
CA THR B 293 13.49 11.58 44.96
C THR B 293 14.12 11.33 46.35
N ILE B 294 15.31 10.76 46.35
CA ILE B 294 16.06 10.50 47.58
C ILE B 294 17.52 10.91 47.37
N THR B 295 17.98 11.90 48.12
CA THR B 295 19.37 12.32 48.05
C THR B 295 20.08 11.93 49.33
N THR B 296 21.06 11.03 49.21
CA THR B 296 21.86 10.57 50.34
C THR B 296 23.25 11.17 50.34
N GLY B 297 23.64 11.77 49.21
CA GLY B 297 25.01 12.26 49.06
C GLY B 297 25.98 11.20 48.58
N ALA B 298 25.47 10.00 48.29
CA ALA B 298 26.29 8.93 47.76
C ALA B 298 26.94 9.34 46.44
N PRO B 299 28.03 8.64 46.05
CA PRO B 299 28.71 8.92 44.77
C PRO B 299 28.05 8.22 43.59
N VAL B 300 26.95 7.52 43.84
CA VAL B 300 26.18 6.88 42.76
C VAL B 300 24.74 7.39 42.79
N THR B 301 24.23 7.76 41.63
CA THR B 301 22.87 8.26 41.51
C THR B 301 22.13 7.48 40.43
N TYR B 302 20.94 7.00 40.73
CA TYR B 302 20.05 6.42 39.73
C TYR B 302 18.92 7.38 39.41
N SER B 303 18.68 7.59 38.11
CA SER B 303 17.61 8.48 37.66
C SER B 303 16.94 7.88 36.44
N THR B 304 15.66 8.15 36.25
CA THR B 304 15.05 7.90 34.95
C THR B 304 15.51 8.96 33.96
N TYR B 305 15.38 8.68 32.66
CA TYR B 305 15.68 9.71 31.66
C TYR B 305 14.75 10.91 31.79
N GLY B 306 13.47 10.66 32.08
CA GLY B 306 12.49 11.74 32.18
C GLY B 306 12.77 12.72 33.31
N LYS B 307 13.17 12.20 34.46
CA LYS B 307 13.46 13.05 35.60
C LYS B 307 14.75 13.83 35.37
N PHE B 308 15.73 13.19 34.71
CA PHE B 308 16.97 13.83 34.30
C PHE B 308 16.69 15.01 33.37
N LEU B 309 15.77 14.82 32.43
CA LEU B 309 15.32 15.93 31.59
C LEU B 309 14.54 16.98 32.38
N ALA B 310 13.64 16.55 33.26
CA ALA B 310 12.90 17.51 34.08
C ALA B 310 13.86 18.33 34.92
N ASP B 311 15.00 17.74 35.28
CA ASP B 311 16.01 18.39 36.11
C ASP B 311 16.89 19.34 35.32
N GLY B 312 16.75 19.35 34.00
CA GLY B 312 17.53 20.25 33.17
C GLY B 312 18.77 19.62 32.56
N GLY B 313 18.93 18.31 32.71
CA GLY B 313 20.08 17.63 32.14
C GLY B 313 21.30 17.62 33.05
N CYS B 314 22.48 17.81 32.47
CA CYS B 314 23.75 17.73 33.20
C CYS B 314 24.09 18.94 34.08
N SER B 315 24.43 18.67 35.33
CA SER B 315 24.92 19.68 36.26
C SER B 315 26.45 19.78 36.21
N GLY B 316 26.96 20.99 36.14
CA GLY B 316 28.41 21.21 36.10
C GLY B 316 29.12 20.53 37.26
N GLY B 317 30.13 19.73 36.93
CA GLY B 317 30.98 19.10 37.95
C GLY B 317 30.35 17.98 38.77
N ALA B 318 29.14 17.56 38.42
CA ALA B 318 28.42 16.60 39.26
C ALA B 318 28.89 15.15 39.13
N TYR B 319 29.30 14.74 37.92
CA TYR B 319 29.57 13.33 37.66
C TYR B 319 30.81 13.10 36.80
N ASP B 320 31.58 12.07 37.13
CA ASP B 320 32.72 11.66 36.31
C ASP B 320 32.27 10.73 35.18
N ILE B 321 31.29 9.88 35.49
CA ILE B 321 30.81 8.85 34.58
C ILE B 321 29.28 8.90 34.51
N ILE B 322 28.74 8.85 33.29
CA ILE B 322 27.29 8.80 33.09
C ILE B 322 26.97 7.56 32.25
N ILE B 323 26.21 6.64 32.83
CA ILE B 323 25.88 5.40 32.16
C ILE B 323 24.45 5.52 31.63
N CYS B 324 24.31 5.46 30.31
CA CYS B 324 22.99 5.46 29.69
C CYS B 324 22.54 4.02 29.55
N ASP B 325 21.77 3.55 30.52
CA ASP B 325 21.33 2.16 30.58
C ASP B 325 20.17 1.91 29.61
N GLU B 326 20.08 0.70 29.08
CA GLU B 326 19.10 0.35 28.05
C GLU B 326 19.14 1.36 26.90
N CYS B 327 20.33 1.66 26.41
CA CYS B 327 20.53 2.72 25.42
C CYS B 327 19.99 2.38 24.03
N HIS B 328 19.48 1.16 23.87
CA HIS B 328 18.82 0.76 22.65
C HIS B 328 17.37 1.26 22.59
N SER B 329 16.81 1.67 23.73
CA SER B 329 15.39 2.05 23.79
C SER B 329 15.07 3.20 22.83
N THR B 330 13.95 3.07 22.13
CA THR B 330 13.60 4.06 21.12
C THR B 330 12.36 4.88 21.46
N ASP B 331 12.03 4.95 22.75
CA ASP B 331 10.97 5.86 23.16
C ASP B 331 11.56 7.26 23.11
N SER B 332 10.71 8.25 22.93
CA SER B 332 11.21 9.61 22.74
C SER B 332 11.94 10.16 23.98
N THR B 333 11.53 9.72 25.16
CA THR B 333 12.18 10.20 26.38
C THR B 333 13.63 9.70 26.48
N THR B 334 13.86 8.43 26.17
CA THR B 334 15.22 7.92 26.21
C THR B 334 16.12 8.63 25.17
N ILE B 335 15.61 8.76 23.96
CA ILE B 335 16.38 9.35 22.87
C ILE B 335 16.75 10.78 23.20
N LEU B 336 15.80 11.55 23.73
CA LEU B 336 16.09 12.93 24.08
C LEU B 336 17.05 12.98 25.27
N GLY B 337 16.82 12.10 26.24
CA GLY B 337 17.69 12.01 27.41
C GLY B 337 19.12 11.73 26.99
N ILE B 338 19.31 10.70 26.15
CA ILE B 338 20.65 10.33 25.72
C ILE B 338 21.27 11.45 24.89
N GLY B 339 20.47 12.06 24.02
CA GLY B 339 20.94 13.19 23.23
C GLY B 339 21.45 14.30 24.14
N THR B 340 20.71 14.57 25.20
CA THR B 340 21.09 15.61 26.14
C THR B 340 22.41 15.26 26.82
N VAL B 341 22.56 14.02 27.27
CA VAL B 341 23.82 13.56 27.85
C VAL B 341 24.96 13.78 26.87
N LEU B 342 24.78 13.32 25.64
CA LEU B 342 25.84 13.38 24.63
C LEU B 342 26.23 14.82 24.31
N ASP B 343 25.24 15.72 24.31
CA ASP B 343 25.53 17.14 24.06
C ASP B 343 26.18 17.88 25.24
N GLN B 344 25.89 17.45 26.47
CA GLN B 344 26.26 18.23 27.65
C GLN B 344 27.38 17.64 28.52
N ALA B 345 27.64 16.35 28.40
CA ALA B 345 28.45 15.64 29.39
C ALA B 345 29.88 16.17 29.52
N GLU B 346 30.56 16.34 28.38
CA GLU B 346 31.94 16.83 28.41
C GLU B 346 32.02 18.19 29.09
N THR B 347 31.14 19.10 28.70
CA THR B 347 31.15 20.44 29.29
C THR B 347 30.81 20.42 30.79
N ALA B 348 29.97 19.47 31.20
CA ALA B 348 29.63 19.33 32.61
C ALA B 348 30.73 18.64 33.42
N GLY B 349 31.85 18.34 32.77
CA GLY B 349 33.01 17.79 33.46
C GLY B 349 33.10 16.28 33.50
N ALA B 350 32.23 15.59 32.76
CA ALA B 350 32.30 14.13 32.68
C ALA B 350 33.50 13.70 31.87
N ARG B 351 34.02 12.52 32.20
CA ARG B 351 35.17 11.95 31.51
C ARG B 351 34.75 10.79 30.63
N LEU B 352 33.60 10.20 30.93
CA LEU B 352 33.18 8.99 30.24
C LEU B 352 31.66 8.89 30.19
N VAL B 353 31.13 8.64 29.00
CA VAL B 353 29.73 8.27 28.84
C VAL B 353 29.71 6.82 28.37
N VAL B 354 28.91 5.99 29.04
CA VAL B 354 28.79 4.60 28.68
C VAL B 354 27.39 4.33 28.13
N LEU B 355 27.33 3.78 26.92
CA LEU B 355 26.05 3.43 26.32
C LEU B 355 25.88 1.95 26.52
N ALA B 356 25.02 1.57 27.46
CA ALA B 356 24.92 0.17 27.88
C ALA B 356 23.64 -0.49 27.41
N THR B 357 23.78 -1.67 26.83
CA THR B 357 22.62 -2.45 26.41
C THR B 357 22.97 -3.92 26.17
N ALA B 358 21.99 -4.80 26.32
CA ALA B 358 22.12 -6.21 25.96
C ALA B 358 21.79 -6.46 24.49
N THR B 359 21.13 -5.50 23.86
CA THR B 359 20.62 -5.70 22.50
C THR B 359 20.89 -4.47 21.64
N PRO B 360 22.14 -4.29 21.22
CA PRO B 360 22.46 -3.14 20.38
C PRO B 360 21.83 -3.27 18.98
N PRO B 361 21.86 -2.19 18.20
CA PRO B 361 21.21 -2.24 16.88
C PRO B 361 21.78 -3.37 16.04
N GLY B 362 20.93 -4.15 15.42
CA GLY B 362 21.42 -5.25 14.61
C GLY B 362 21.39 -6.56 15.36
N SER B 363 21.08 -6.53 16.65
CA SER B 363 21.08 -7.77 17.41
C SER B 363 19.89 -8.65 17.08
N VAL B 364 20.05 -9.95 17.27
CA VAL B 364 18.97 -10.89 17.02
C VAL B 364 18.76 -11.82 18.21
N THR B 365 17.53 -12.26 18.41
CA THR B 365 17.26 -13.09 19.57
C THR B 365 17.85 -14.48 19.34
N VAL B 366 18.51 -15.02 20.36
CA VAL B 366 19.01 -16.39 20.31
C VAL B 366 18.34 -17.22 21.41
N PRO B 367 18.35 -18.55 21.27
CA PRO B 367 17.74 -19.40 22.30
C PRO B 367 18.34 -19.17 23.67
N HIS B 368 17.49 -19.26 24.68
CA HIS B 368 17.91 -19.08 26.05
C HIS B 368 17.85 -20.45 26.70
N PRO B 369 18.96 -20.88 27.32
CA PRO B 369 19.05 -22.22 27.92
C PRO B 369 17.95 -22.48 28.95
N ASN B 370 17.49 -21.43 29.63
CA ASN B 370 16.48 -21.61 30.67
C ASN B 370 15.04 -21.28 30.28
N ILE B 371 14.78 -21.18 28.98
CA ILE B 371 13.44 -20.86 28.49
C ILE B 371 13.07 -21.77 27.35
N GLU B 372 12.09 -22.63 27.57
CA GLU B 372 11.58 -23.48 26.51
C GLU B 372 10.57 -22.67 25.70
N GLU B 373 10.75 -22.64 24.37
CA GLU B 373 9.85 -21.86 23.53
C GLU B 373 8.90 -22.79 22.78
N VAL B 374 7.61 -22.58 22.94
CA VAL B 374 6.59 -23.48 22.39
C VAL B 374 5.55 -22.71 21.59
N ALA B 375 5.42 -23.00 20.30
CA ALA B 375 4.42 -22.33 19.47
C ALA B 375 3.02 -22.63 19.98
N LEU B 376 2.16 -21.62 20.04
CA LEU B 376 0.73 -21.88 20.27
C LEU B 376 0.15 -22.58 19.05
N SER B 377 -0.85 -23.43 19.28
CA SER B 377 -1.51 -24.12 18.19
C SER B 377 -2.95 -23.67 18.19
N ASN B 378 -3.79 -24.37 17.46
CA ASN B 378 -5.19 -23.99 17.40
C ASN B 378 -6.06 -24.67 18.46
N THR B 379 -5.48 -25.60 19.20
CA THR B 379 -6.23 -26.26 20.26
C THR B 379 -6.02 -25.55 21.61
N GLY B 380 -7.13 -25.26 22.27
CA GLY B 380 -7.10 -24.57 23.55
C GLY B 380 -8.42 -23.86 23.76
N GLU B 381 -8.77 -23.64 25.03
CA GLU B 381 -10.05 -23.04 25.40
C GLU B 381 -10.10 -21.53 25.19
N ILE B 382 -8.94 -20.90 25.12
CA ILE B 382 -8.87 -19.43 25.12
C ILE B 382 -8.29 -18.89 23.79
N PRO B 383 -9.15 -18.30 22.95
CA PRO B 383 -8.64 -17.76 21.68
C PRO B 383 -7.63 -16.64 21.91
N PHE B 384 -6.57 -16.62 21.11
CA PHE B 384 -5.49 -15.66 21.29
C PHE B 384 -4.83 -15.36 19.94
N TYR B 385 -5.20 -14.21 19.38
CA TYR B 385 -4.60 -13.72 18.14
C TYR B 385 -4.54 -14.78 17.03
N GLY B 386 -5.65 -15.49 16.83
CA GLY B 386 -5.76 -16.46 15.75
C GLY B 386 -5.39 -17.86 16.19
N LYS B 387 -4.73 -17.96 17.34
CA LYS B 387 -4.34 -19.24 17.90
C LYS B 387 -5.14 -19.45 19.16
N ALA B 388 -4.70 -20.36 20.03
CA ALA B 388 -5.41 -20.63 21.27
C ALA B 388 -4.47 -20.98 22.42
N ILE B 389 -4.91 -20.70 23.64
CA ILE B 389 -4.18 -21.02 24.84
C ILE B 389 -4.91 -22.14 25.61
N PRO B 390 -4.24 -23.28 25.85
CA PRO B 390 -4.86 -24.29 26.71
C PRO B 390 -5.00 -23.76 28.13
N ILE B 391 -6.18 -23.89 28.71
CA ILE B 391 -6.44 -23.37 30.04
C ILE B 391 -5.49 -23.99 31.07
N GLU B 392 -5.10 -25.24 30.85
CA GLU B 392 -4.17 -25.92 31.76
C GLU B 392 -2.84 -25.18 31.86
N ALA B 393 -2.49 -24.42 30.82
CA ALA B 393 -1.19 -23.75 30.78
C ALA B 393 -1.11 -22.53 31.71
N ILE B 394 -2.25 -22.03 32.16
CA ILE B 394 -2.27 -20.80 32.95
C ILE B 394 -3.12 -20.92 34.22
N ARG B 395 -3.72 -22.09 34.43
CA ARG B 395 -4.52 -22.28 35.63
C ARG B 395 -3.60 -22.69 36.79
N GLY B 396 -3.42 -21.77 37.72
CA GLY B 396 -2.43 -21.96 38.77
C GLY B 396 -1.08 -21.45 38.29
N GLY B 397 -0.29 -20.93 39.23
CA GLY B 397 0.99 -20.34 38.92
C GLY B 397 0.85 -18.88 38.51
N ARG B 398 1.96 -18.26 38.13
CA ARG B 398 1.97 -16.83 37.81
C ARG B 398 2.41 -16.69 36.37
N HIS B 399 1.55 -16.11 35.54
CA HIS B 399 1.76 -16.05 34.10
C HIS B 399 1.52 -14.64 33.56
N LEU B 400 2.24 -14.30 32.51
CA LEU B 400 2.15 -12.97 31.91
C LEU B 400 1.79 -13.12 30.43
N ILE B 401 0.77 -12.41 30.00
CA ILE B 401 0.35 -12.45 28.60
C ILE B 401 0.45 -11.06 27.99
N PHE B 402 1.31 -10.89 26.98
CA PHE B 402 1.43 -9.58 26.32
C PHE B 402 0.44 -9.43 25.17
N CYS B 403 -0.38 -8.37 25.24
CA CYS B 403 -1.30 -8.02 24.16
C CYS B 403 -0.87 -6.68 23.56
N HIS B 404 -1.29 -6.38 22.34
CA HIS B 404 -0.86 -5.15 21.69
C HIS B 404 -1.61 -3.91 22.18
N SER B 405 -2.82 -4.10 22.70
CA SER B 405 -3.64 -2.94 23.11
C SER B 405 -4.29 -3.11 24.48
N LYS B 406 -4.58 -1.98 25.12
CA LYS B 406 -5.30 -2.04 26.39
C LYS B 406 -6.65 -2.71 26.21
N LYS B 407 -7.29 -2.45 25.08
CA LYS B 407 -8.59 -3.02 24.82
C LYS B 407 -8.50 -4.54 24.85
N LYS B 408 -7.50 -5.10 24.15
CA LYS B 408 -7.31 -6.54 24.17
C LYS B 408 -7.02 -7.05 25.57
N CYS B 409 -6.27 -6.28 26.36
CA CYS B 409 -5.96 -6.66 27.75
C CYS B 409 -7.24 -6.77 28.58
N ASP B 410 -8.07 -5.75 28.52
CA ASP B 410 -9.34 -5.75 29.25
C ASP B 410 -10.19 -6.96 28.90
N GLU B 411 -10.30 -7.22 27.60
CA GLU B 411 -11.13 -8.31 27.08
C GLU B 411 -10.68 -9.68 27.56
N LEU B 412 -9.40 -9.99 27.34
CA LEU B 412 -8.85 -11.24 27.81
C LEU B 412 -8.91 -11.37 29.34
N ALA B 413 -8.60 -10.29 30.06
CA ALA B 413 -8.67 -10.35 31.52
C ALA B 413 -10.09 -10.65 32.02
N ALA B 414 -11.08 -10.06 31.37
CA ALA B 414 -12.47 -10.29 31.73
C ALA B 414 -12.84 -11.75 31.45
N LYS B 415 -12.52 -12.22 30.25
CA LYS B 415 -12.78 -13.62 29.92
C LYS B 415 -12.17 -14.59 30.94
N LEU B 416 -10.86 -14.45 31.21
CA LEU B 416 -10.20 -15.33 32.17
C LEU B 416 -10.87 -15.23 33.53
N SER B 417 -11.22 -14.01 33.94
CA SER B 417 -11.90 -13.78 35.22
C SER B 417 -13.21 -14.56 35.28
N GLY B 418 -13.93 -14.57 34.16
CA GLY B 418 -15.22 -15.24 34.08
C GLY B 418 -15.09 -16.74 34.25
N LEU B 419 -13.94 -17.27 33.88
CA LEU B 419 -13.64 -18.68 34.09
C LEU B 419 -13.00 -18.90 35.46
N GLY B 420 -13.15 -17.93 36.35
CA GLY B 420 -12.65 -18.04 37.72
C GLY B 420 -11.13 -18.07 37.86
N ILE B 421 -10.43 -17.76 36.78
CA ILE B 421 -8.97 -17.63 36.80
C ILE B 421 -8.64 -16.24 37.31
N ASN B 422 -7.79 -16.16 38.33
CA ASN B 422 -7.42 -14.87 38.90
C ASN B 422 -6.63 -14.09 37.86
N ALA B 423 -7.25 -13.08 37.28
CA ALA B 423 -6.62 -12.38 36.16
C ALA B 423 -6.80 -10.87 36.28
N VAL B 424 -5.77 -10.13 35.89
CA VAL B 424 -5.77 -8.67 35.97
C VAL B 424 -5.16 -8.04 34.72
N ALA B 425 -5.70 -6.90 34.31
CA ALA B 425 -5.15 -6.19 33.16
C ALA B 425 -4.20 -5.11 33.63
N TYR B 426 -3.07 -4.94 32.94
CA TYR B 426 -2.19 -3.79 33.22
C TYR B 426 -1.77 -3.07 31.94
N TYR B 427 -1.83 -1.75 31.99
CA TYR B 427 -1.40 -0.90 30.87
C TYR B 427 -1.29 0.55 31.35
N ARG B 428 -0.81 1.44 30.47
CA ARG B 428 -0.57 2.83 30.84
C ARG B 428 -1.76 3.49 31.51
N GLY B 429 -1.52 4.18 32.62
CA GLY B 429 -2.58 4.87 33.34
C GLY B 429 -3.13 4.13 34.54
N LEU B 430 -2.88 2.82 34.62
CA LEU B 430 -3.31 2.04 35.77
C LEU B 430 -2.22 2.03 36.84
N ASP B 431 -2.61 2.01 38.12
CA ASP B 431 -1.59 1.89 39.16
C ASP B 431 -1.06 0.47 39.18
N VAL B 432 0.26 0.34 39.29
CA VAL B 432 0.90 -0.96 39.28
C VAL B 432 0.39 -1.86 40.42
N SER B 433 -0.26 -1.29 41.43
CA SER B 433 -0.78 -2.12 42.52
C SER B 433 -1.84 -3.12 42.07
N VAL B 434 -2.40 -2.94 40.88
CA VAL B 434 -3.38 -3.92 40.37
C VAL B 434 -2.76 -5.30 40.21
N ILE B 435 -1.44 -5.36 40.05
CA ILE B 435 -0.76 -6.65 39.94
C ILE B 435 -0.37 -7.19 41.32
N PRO B 436 -0.92 -8.33 41.71
CA PRO B 436 -0.49 -8.92 42.98
C PRO B 436 0.93 -9.46 42.82
N THR B 437 1.79 -9.14 43.77
CA THR B 437 3.18 -9.53 43.71
C THR B 437 3.40 -10.97 44.16
N ILE B 438 2.36 -11.58 44.71
CA ILE B 438 2.45 -12.97 45.15
C ILE B 438 1.09 -13.61 44.93
N GLY B 439 1.07 -14.93 44.75
CA GLY B 439 -0.18 -15.63 44.54
C GLY B 439 -0.44 -15.94 43.08
N ASP B 440 -1.32 -16.91 42.82
CA ASP B 440 -1.70 -17.27 41.47
C ASP B 440 -2.22 -16.01 40.77
N VAL B 441 -1.74 -15.78 39.55
CA VAL B 441 -2.31 -14.71 38.75
C VAL B 441 -1.97 -14.86 37.27
N VAL B 442 -2.86 -14.36 36.42
CA VAL B 442 -2.51 -14.16 35.03
C VAL B 442 -2.59 -12.67 34.77
N VAL B 443 -1.45 -12.07 34.46
CA VAL B 443 -1.39 -10.64 34.21
C VAL B 443 -1.50 -10.50 32.71
N VAL B 444 -2.44 -9.69 32.26
CA VAL B 444 -2.59 -9.43 30.82
C VAL B 444 -2.21 -7.98 30.59
N ALA B 445 -1.11 -7.76 29.89
CA ALA B 445 -0.48 -6.44 29.90
C ALA B 445 0.02 -6.01 28.53
N THR B 446 0.18 -4.69 28.37
CA THR B 446 0.91 -4.15 27.23
C THR B 446 2.36 -3.98 27.67
N ASP B 447 3.16 -3.43 26.76
CA ASP B 447 4.56 -3.14 27.03
C ASP B 447 4.79 -2.11 28.12
N ALA B 448 3.71 -1.46 28.55
CA ALA B 448 3.78 -0.58 29.71
C ALA B 448 4.36 -1.33 30.92
N LEU B 449 4.11 -2.62 30.99
CA LEU B 449 4.63 -3.45 32.07
C LEU B 449 6.15 -3.29 32.20
N MET B 450 6.83 -3.13 31.08
CA MET B 450 8.29 -3.18 31.05
C MET B 450 8.90 -2.10 31.91
N THR B 451 8.23 -0.96 31.98
CA THR B 451 8.73 0.16 32.76
C THR B 451 7.92 0.41 34.03
N GLY B 452 6.76 -0.21 34.15
CA GLY B 452 5.91 0.04 35.32
C GLY B 452 6.04 -0.98 36.45
N TYR B 453 6.59 -2.15 36.13
CA TYR B 453 6.52 -3.27 37.06
C TYR B 453 7.80 -4.09 37.04
N THR B 454 8.34 -4.40 38.21
CA THR B 454 9.46 -5.32 38.32
C THR B 454 8.90 -6.66 38.77
N GLY B 455 9.27 -7.73 38.10
CA GLY B 455 8.83 -9.04 38.51
C GLY B 455 8.86 -10.01 37.35
N ASP B 456 9.16 -11.28 37.65
CA ASP B 456 9.24 -12.32 36.64
C ASP B 456 8.01 -13.22 36.76
N PHE B 457 7.86 -14.13 35.81
CA PHE B 457 6.69 -15.00 35.77
C PHE B 457 7.09 -16.42 35.40
N ASP B 458 6.19 -17.38 35.65
CA ASP B 458 6.45 -18.78 35.33
C ASP B 458 6.42 -19.04 33.83
N SER B 459 5.69 -18.21 33.09
CA SER B 459 5.68 -18.31 31.65
C SER B 459 5.29 -16.96 31.07
N VAL B 460 5.61 -16.77 29.79
CA VAL B 460 5.19 -15.57 29.07
C VAL B 460 4.50 -16.03 27.80
N ILE B 461 3.33 -15.45 27.51
CA ILE B 461 2.66 -15.71 26.24
C ILE B 461 2.65 -14.39 25.47
N ASP B 462 3.09 -14.43 24.21
CA ASP B 462 3.39 -13.22 23.44
C ASP B 462 2.54 -13.19 22.16
N CYS B 463 1.75 -12.13 21.99
CA CYS B 463 1.04 -11.94 20.72
C CYS B 463 2.01 -11.63 19.57
N ASN B 464 3.23 -11.22 19.91
CA ASN B 464 4.29 -10.96 18.91
C ASN B 464 4.06 -9.72 18.02
N THR B 465 3.15 -8.86 18.43
CA THR B 465 2.93 -7.61 17.72
C THR B 465 2.96 -6.42 18.69
N CYS B 466 3.19 -5.23 18.11
CA CYS B 466 3.26 -3.97 18.86
C CYS B 466 2.43 -2.92 18.12
N VAL B 467 1.98 -1.90 18.82
CA VAL B 467 1.38 -0.73 18.17
C VAL B 467 2.50 0.27 17.97
N THR B 468 2.59 0.85 16.77
CA THR B 468 3.65 1.82 16.49
C THR B 468 3.09 3.04 15.73
N GLN B 469 3.79 4.16 15.80
CA GLN B 469 3.36 5.34 15.09
C GLN B 469 4.34 5.67 13.96
N THR B 470 3.80 6.09 12.82
CA THR B 470 4.63 6.43 11.68
C THR B 470 4.11 7.72 11.05
N VAL B 471 5.02 8.57 10.60
CA VAL B 471 4.61 9.81 9.96
C VAL B 471 4.51 9.58 8.47
N ASP B 472 3.51 10.18 7.85
CA ASP B 472 3.33 10.14 6.42
C ASP B 472 3.26 11.61 5.99
N PHE B 473 4.13 12.00 5.08
CA PHE B 473 4.16 13.39 4.59
C PHE B 473 3.12 13.51 3.49
N SER B 474 1.87 13.53 3.92
CA SER B 474 0.73 13.30 3.06
C SER B 474 0.18 14.55 2.32
N LEU B 475 0.58 15.74 2.77
CA LEU B 475 0.25 16.99 2.08
C LEU B 475 -1.24 17.20 1.96
N ASP B 476 -1.97 16.78 3.00
CA ASP B 476 -3.43 16.80 2.95
C ASP B 476 -4.07 17.39 4.22
N PRO B 477 -3.61 18.57 4.66
CA PRO B 477 -2.71 19.48 3.96
C PRO B 477 -1.22 19.35 4.30
N THR B 478 -0.86 18.67 5.40
CA THR B 478 0.53 18.70 5.83
C THR B 478 1.15 17.32 6.06
N PHE B 479 1.07 16.84 7.30
CA PHE B 479 1.51 15.49 7.61
C PHE B 479 0.47 14.77 8.45
N THR B 480 0.67 13.46 8.59
CA THR B 480 -0.24 12.59 9.31
C THR B 480 0.62 11.70 10.18
N ILE B 481 0.19 11.50 11.43
CA ILE B 481 0.79 10.48 12.28
C ILE B 481 -0.18 9.31 12.33
N GLU B 482 0.30 8.17 11.86
CA GLU B 482 -0.54 7.00 11.69
C GLU B 482 -0.22 5.99 12.78
N THR B 483 -1.23 5.38 13.36
CA THR B 483 -1.02 4.31 14.33
C THR B 483 -1.35 2.98 13.69
N THR B 484 -0.41 2.03 13.70
CA THR B 484 -0.68 0.70 13.18
C THR B 484 -0.12 -0.40 14.08
N THR B 485 -0.63 -1.61 13.89
CA THR B 485 -0.14 -2.77 14.62
C THR B 485 0.79 -3.54 13.71
N VAL B 486 2.02 -3.71 14.14
CA VAL B 486 3.05 -4.38 13.32
C VAL B 486 3.73 -5.51 14.09
N PRO B 487 4.40 -6.42 13.34
CA PRO B 487 5.23 -7.49 13.94
C PRO B 487 6.29 -6.92 14.86
N GLN B 488 6.54 -7.59 16.00
CA GLN B 488 7.52 -7.11 16.96
C GLN B 488 8.91 -7.20 16.38
N ASP B 489 9.83 -6.40 16.91
CA ASP B 489 11.24 -6.48 16.50
C ASP B 489 12.01 -7.31 17.53
N ALA B 490 13.32 -7.47 17.31
CA ALA B 490 14.12 -8.39 18.12
C ALA B 490 14.23 -7.95 19.57
N VAL B 491 14.28 -6.64 19.79
CA VAL B 491 14.35 -6.10 21.14
C VAL B 491 13.06 -6.45 21.87
N SER B 492 11.92 -6.17 21.23
CA SER B 492 10.64 -6.48 21.84
C SER B 492 10.56 -7.97 22.19
N ARG B 493 10.93 -8.85 21.26
CA ARG B 493 10.81 -10.27 21.54
C ARG B 493 11.71 -10.69 22.72
N SER B 494 12.93 -10.15 22.75
CA SER B 494 13.89 -10.42 23.83
C SER B 494 13.37 -9.92 25.16
N GLN B 495 12.87 -8.70 25.16
CA GLN B 495 12.38 -8.11 26.40
C GLN B 495 11.11 -8.79 26.94
N ARG B 496 10.18 -9.12 26.05
CA ARG B 496 8.98 -9.82 26.49
C ARG B 496 9.32 -11.23 26.99
N ARG B 497 10.08 -11.98 26.21
CA ARG B 497 10.44 -13.35 26.59
C ARG B 497 11.21 -13.30 27.91
N GLY B 498 12.00 -12.24 28.07
CA GLY B 498 12.88 -12.11 29.23
C GLY B 498 12.16 -11.95 30.55
N ARG B 499 10.83 -11.85 30.52
CA ARG B 499 10.06 -11.79 31.77
C ARG B 499 9.87 -13.18 32.39
N THR B 500 10.43 -14.20 31.74
CA THR B 500 10.52 -15.53 32.37
C THR B 500 11.95 -16.04 32.23
N GLY B 501 12.29 -17.11 32.94
CA GLY B 501 13.61 -17.71 32.77
C GLY B 501 14.70 -17.19 33.69
N ARG B 502 14.41 -16.18 34.50
CA ARG B 502 15.39 -15.67 35.46
C ARG B 502 15.19 -16.32 36.83
N GLY B 503 15.97 -17.35 37.13
CA GLY B 503 15.87 -18.02 38.42
C GLY B 503 14.71 -18.99 38.51
N ARG B 504 14.08 -19.24 37.37
CA ARG B 504 13.05 -20.26 37.26
C ARG B 504 13.08 -20.78 35.83
N ARG B 505 12.79 -22.07 35.67
CA ARG B 505 12.71 -22.68 34.36
C ARG B 505 11.44 -22.22 33.66
N GLY B 506 11.60 -21.37 32.66
CA GLY B 506 10.45 -20.69 32.08
C GLY B 506 9.97 -21.29 30.78
N ILE B 507 8.75 -20.90 30.39
CA ILE B 507 8.20 -21.26 29.10
C ILE B 507 7.74 -19.99 28.41
N TYR B 508 8.08 -19.88 27.13
CA TYR B 508 7.68 -18.74 26.29
C TYR B 508 6.77 -19.28 25.20
N ARG B 509 5.50 -18.88 25.21
CA ARG B 509 4.56 -19.30 24.17
C ARG B 509 4.32 -18.14 23.19
N PHE B 510 4.24 -18.45 21.90
CA PHE B 510 4.18 -17.41 20.88
C PHE B 510 3.20 -17.74 19.76
N VAL B 511 2.68 -16.69 19.13
CA VAL B 511 1.80 -16.80 17.98
C VAL B 511 2.61 -16.99 16.70
N THR B 512 3.66 -16.19 16.50
CA THR B 512 4.48 -16.26 15.30
C THR B 512 5.95 -16.30 15.70
N PRO B 513 6.77 -17.03 14.92
CA PRO B 513 8.19 -17.24 15.24
C PRO B 513 9.14 -16.09 14.83
N GLY B 514 8.71 -15.19 13.97
CA GLY B 514 9.63 -14.20 13.44
C GLY B 514 10.20 -13.15 14.39
N GLU B 515 10.70 -12.07 13.81
CA GLU B 515 11.01 -10.84 14.53
C GLU B 515 11.64 -9.88 13.52
N ARG B 516 11.21 -8.61 13.57
CA ARG B 516 11.73 -7.59 12.66
C ARG B 516 13.06 -7.09 13.17
N PRO B 517 13.85 -6.44 12.29
CA PRO B 517 15.17 -5.93 12.67
C PRO B 517 15.07 -4.85 13.73
N SER B 518 16.02 -4.88 14.66
CA SER B 518 16.06 -3.91 15.76
C SER B 518 16.93 -2.72 15.38
N GLY B 519 16.82 -1.65 16.14
CA GLY B 519 17.77 -0.55 16.05
C GLY B 519 17.41 0.56 15.09
N MET B 520 16.16 0.56 14.61
CA MET B 520 15.69 1.66 13.77
C MET B 520 14.45 2.26 14.41
N PHE B 521 14.26 3.56 14.24
CA PHE B 521 13.00 4.14 14.69
C PHE B 521 12.48 5.15 13.67
N ASP B 522 11.18 5.49 13.78
CA ASP B 522 10.51 6.35 12.82
C ASP B 522 10.68 7.83 13.13
N SER B 523 10.56 8.65 12.09
CA SER B 523 10.65 10.09 12.19
C SER B 523 9.59 10.65 13.15
N SER B 524 8.49 9.92 13.33
CA SER B 524 7.45 10.41 14.25
C SER B 524 7.96 10.47 15.69
N VAL B 525 8.97 9.66 16.02
CA VAL B 525 9.55 9.71 17.36
C VAL B 525 10.34 11.01 17.54
N LEU B 526 10.95 11.48 16.46
CA LEU B 526 11.58 12.80 16.49
C LEU B 526 10.52 13.84 16.83
N CYS B 527 9.38 13.75 16.13
CA CYS B 527 8.29 14.67 16.38
C CYS B 527 7.91 14.64 17.87
N GLU B 528 7.82 13.43 18.42
CA GLU B 528 7.49 13.26 19.83
C GLU B 528 8.51 13.96 20.74
N CYS B 529 9.78 13.92 20.36
CA CYS B 529 10.83 14.60 21.13
C CYS B 529 10.61 16.12 21.18
N TYR B 530 10.30 16.72 20.03
CA TYR B 530 10.02 18.17 20.03
C TYR B 530 8.79 18.46 20.88
N ASP B 531 7.79 17.59 20.79
CA ASP B 531 6.54 17.76 21.51
C ASP B 531 6.83 17.78 23.01
N ALA B 532 7.66 16.83 23.46
CA ALA B 532 8.00 16.70 24.88
C ALA B 532 8.85 17.89 25.35
N GLY B 533 9.83 18.29 24.55
CA GLY B 533 10.63 19.44 24.87
C GLY B 533 9.75 20.66 25.13
N CYS B 534 8.73 20.83 24.30
CA CYS B 534 7.81 21.96 24.43
C CYS B 534 6.85 21.78 25.59
N ALA B 535 6.28 20.57 25.72
CA ALA B 535 5.22 20.30 26.68
C ALA B 535 5.73 20.20 28.11
N TRP B 536 6.85 19.50 28.29
CA TRP B 536 7.30 19.10 29.63
C TRP B 536 8.60 19.72 30.11
N TYR B 537 9.56 19.92 29.21
CA TYR B 537 10.92 20.21 29.63
C TYR B 537 11.39 21.63 29.31
N GLU B 538 10.46 22.47 28.88
CA GLU B 538 10.77 23.87 28.61
C GLU B 538 11.94 24.05 27.65
N LEU B 539 12.01 23.20 26.64
CA LEU B 539 13.02 23.33 25.61
C LEU B 539 12.46 24.00 24.36
N THR B 540 13.11 25.04 23.88
CA THR B 540 12.76 25.58 22.57
C THR B 540 13.05 24.49 21.55
N PRO B 541 12.36 24.51 20.42
CA PRO B 541 12.70 23.57 19.35
C PRO B 541 14.18 23.62 18.99
N ALA B 542 14.79 24.80 19.03
CA ALA B 542 16.23 24.91 18.76
C ALA B 542 17.08 24.07 19.73
N GLU B 543 16.77 24.14 21.01
CA GLU B 543 17.51 23.37 22.01
C GLU B 543 17.31 21.88 21.81
N THR B 544 16.07 21.48 21.51
CA THR B 544 15.82 20.07 21.23
C THR B 544 16.67 19.57 20.07
N SER B 545 16.78 20.39 19.02
CA SER B 545 17.57 20.02 17.85
C SER B 545 19.03 19.76 18.19
N VAL B 546 19.58 20.61 19.07
CA VAL B 546 20.98 20.45 19.47
C VAL B 546 21.16 19.09 20.13
N ARG B 547 20.21 18.70 20.96
CA ARG B 547 20.33 17.44 21.70
C ARG B 547 20.12 16.24 20.78
N LEU B 548 19.14 16.35 19.88
CA LEU B 548 18.88 15.28 18.93
C LEU B 548 20.03 15.14 17.94
N ARG B 549 20.64 16.27 17.56
CA ARG B 549 21.78 16.22 16.66
C ARG B 549 22.93 15.42 17.29
N ALA B 550 23.20 15.67 18.57
CA ALA B 550 24.24 14.92 19.27
C ALA B 550 23.95 13.42 19.21
N TYR B 551 22.70 13.04 19.45
CA TYR B 551 22.28 11.64 19.36
C TYR B 551 22.54 11.06 17.96
N LEU B 552 22.11 11.79 16.94
CA LEU B 552 22.25 11.31 15.56
C LEU B 552 23.71 11.28 15.10
N ASN B 553 24.53 12.15 15.68
CA ASN B 553 25.97 12.19 15.38
C ASN B 553 26.78 11.03 15.99
N THR B 554 26.14 10.23 16.84
CA THR B 554 26.87 9.24 17.65
C THR B 554 26.67 7.82 17.15
N PRO B 555 27.78 7.15 16.77
CA PRO B 555 27.76 5.78 16.24
C PRO B 555 27.31 4.75 17.27
N GLY B 556 26.67 3.69 16.79
CA GLY B 556 26.33 2.55 17.64
C GLY B 556 24.99 2.63 18.35
N LEU B 557 24.25 3.72 18.12
CA LEU B 557 22.90 3.88 18.66
C LEU B 557 21.84 3.60 17.59
N PRO B 558 20.58 3.39 18.01
CA PRO B 558 19.48 3.27 17.04
C PRO B 558 19.52 4.40 16.02
N VAL B 559 19.04 4.15 14.81
CA VAL B 559 19.14 5.12 13.73
C VAL B 559 17.76 5.53 13.22
N CYS B 560 17.70 6.72 12.63
CA CYS B 560 16.43 7.29 12.16
C CYS B 560 16.75 8.29 11.06
N GLN B 561 15.81 8.51 10.15
CA GLN B 561 15.98 9.53 9.12
C GLN B 561 16.24 10.89 9.77
N ASP B 562 17.13 11.68 9.18
CA ASP B 562 17.43 13.00 9.72
C ASP B 562 16.41 14.04 9.24
N HIS B 563 15.35 14.20 10.02
CA HIS B 563 14.34 15.22 9.75
C HIS B 563 14.35 16.32 10.82
N LEU B 564 15.49 16.53 11.46
CA LEU B 564 15.58 17.53 12.52
C LEU B 564 15.19 18.96 12.08
N GLU B 565 15.75 19.44 10.97
CA GLU B 565 15.40 20.77 10.48
C GLU B 565 13.90 20.90 10.22
N PHE B 566 13.31 19.86 9.62
CA PHE B 566 11.88 19.88 9.36
C PHE B 566 11.05 19.98 10.65
N TRP B 567 11.25 19.03 11.56
CA TRP B 567 10.48 19.06 12.80
C TRP B 567 10.72 20.37 13.57
N GLU B 568 11.95 20.87 13.57
CA GLU B 568 12.20 22.11 14.30
C GLU B 568 11.36 23.25 13.70
N SER B 569 11.30 23.31 12.39
CA SER B 569 10.56 24.38 11.72
C SER B 569 9.07 24.34 12.07
N VAL B 570 8.50 23.14 12.11
CA VAL B 570 7.09 23.00 12.41
C VAL B 570 6.78 23.56 13.79
N PHE B 571 7.50 23.07 14.79
CA PHE B 571 7.25 23.46 16.17
C PHE B 571 7.57 24.91 16.44
N THR B 572 8.51 25.45 15.68
CA THR B 572 8.92 26.84 15.88
C THR B 572 7.76 27.77 15.57
N GLY B 573 6.88 27.36 14.67
CA GLY B 573 5.72 28.18 14.34
C GLY B 573 4.56 28.06 15.31
N LEU B 574 4.64 27.12 16.25
CA LEU B 574 3.51 26.88 17.15
C LEU B 574 3.66 27.68 18.45
N THR B 575 3.35 28.97 18.36
CA THR B 575 3.56 29.91 19.45
C THR B 575 2.29 30.24 20.20
N HIS B 576 2.44 30.60 21.47
CA HIS B 576 1.36 31.08 22.31
C HIS B 576 0.26 30.05 22.51
N ILE B 577 0.66 28.82 22.80
CA ILE B 577 -0.31 27.78 23.07
C ILE B 577 -1.17 28.18 24.26
N ASP B 578 -2.40 27.70 24.31
CA ASP B 578 -3.23 27.92 25.48
C ASP B 578 -2.73 27.03 26.62
N ALA B 579 -2.32 27.65 27.73
CA ALA B 579 -1.69 26.89 28.81
C ALA B 579 -2.68 25.92 29.45
N HIS B 580 -3.96 26.27 29.39
CA HIS B 580 -4.98 25.44 30.00
C HIS B 580 -5.21 24.15 29.22
N PHE B 581 -5.30 24.26 27.89
CA PHE B 581 -5.43 23.06 27.06
C PHE B 581 -4.20 22.18 27.22
N LEU B 582 -3.03 22.79 27.20
CA LEU B 582 -1.78 22.05 27.35
C LEU B 582 -1.72 21.30 28.69
N SER B 583 -2.13 21.96 29.75
CA SER B 583 -2.19 21.29 31.06
C SER B 583 -3.09 20.06 30.97
N GLN B 584 -4.20 20.19 30.27
CA GLN B 584 -5.15 19.09 30.17
C GLN B 584 -4.62 17.91 29.39
N THR B 585 -4.01 18.17 28.24
CA THR B 585 -3.43 17.09 27.45
C THR B 585 -2.26 16.45 28.19
N LYS B 586 -1.46 17.25 28.89
CA LYS B 586 -0.38 16.68 29.68
C LYS B 586 -0.93 15.75 30.77
N GLN B 587 -1.95 16.20 31.49
CA GLN B 587 -2.49 15.41 32.60
C GLN B 587 -3.21 14.15 32.13
N ALA B 588 -3.81 14.20 30.94
CA ALA B 588 -4.49 13.02 30.41
C ALA B 588 -3.49 11.98 29.92
N GLY B 589 -2.26 12.41 29.69
CA GLY B 589 -1.17 11.48 29.46
C GLY B 589 -1.13 10.74 28.13
N ASP B 590 -1.95 11.13 27.15
CA ASP B 590 -1.86 10.53 25.82
C ASP B 590 -0.73 11.17 24.98
N ASN B 591 -0.43 10.60 23.82
CA ASN B 591 0.65 11.10 22.98
C ASN B 591 0.40 12.48 22.38
N PHE B 592 1.49 13.14 22.00
CA PHE B 592 1.47 14.44 21.35
C PHE B 592 0.66 15.50 22.09
N PRO B 593 0.88 15.61 23.42
CA PRO B 593 0.10 16.59 24.18
C PRO B 593 0.29 18.00 23.64
N TYR B 594 1.47 18.32 23.13
CA TYR B 594 1.68 19.67 22.58
C TYR B 594 0.90 19.89 21.26
N LEU B 595 1.08 18.99 20.30
CA LEU B 595 0.37 19.11 19.03
C LEU B 595 -1.16 19.08 19.23
N VAL B 596 -1.65 18.21 20.09
CA VAL B 596 -3.09 18.15 20.36
C VAL B 596 -3.60 19.45 21.00
N ALA B 597 -2.92 19.93 22.03
CA ALA B 597 -3.35 21.15 22.69
C ALA B 597 -3.18 22.33 21.75
N TYR B 598 -2.21 22.26 20.85
CA TYR B 598 -2.05 23.37 19.91
C TYR B 598 -3.16 23.42 18.86
N GLN B 599 -3.52 22.27 18.30
CA GLN B 599 -4.67 22.23 17.39
C GLN B 599 -5.89 22.77 18.12
N ALA B 600 -6.03 22.41 19.39
CA ALA B 600 -7.19 22.82 20.18
C ALA B 600 -7.21 24.33 20.39
N THR B 601 -6.03 24.90 20.59
CA THR B 601 -5.86 26.33 20.78
C THR B 601 -6.37 27.08 19.54
N VAL B 602 -5.91 26.61 18.37
CA VAL B 602 -6.30 27.21 17.11
C VAL B 602 -7.80 27.11 16.88
N CYS B 603 -8.38 25.94 17.18
CA CYS B 603 -9.83 25.76 17.07
C CYS B 603 -10.59 26.73 17.98
N ALA B 604 -10.17 26.80 19.23
CA ALA B 604 -10.82 27.71 20.17
C ALA B 604 -10.71 29.17 19.72
N ARG B 605 -9.54 29.55 19.22
CA ARG B 605 -9.35 30.94 18.82
C ARG B 605 -10.12 31.29 17.54
N ALA B 606 -10.44 30.26 16.76
CA ALA B 606 -11.29 30.43 15.57
C ALA B 606 -12.76 30.11 15.86
N GLN B 607 -13.06 29.82 17.12
CA GLN B 607 -14.40 29.33 17.50
C GLN B 607 -14.87 28.20 16.59
N ALA B 608 -13.95 27.28 16.29
CA ALA B 608 -14.23 26.19 15.36
C ALA B 608 -14.12 24.85 16.08
N PRO B 609 -14.86 23.83 15.62
CA PRO B 609 -14.82 22.51 16.26
C PRO B 609 -13.49 21.80 15.98
N PRO B 610 -13.13 20.84 16.83
CA PRO B 610 -11.91 20.06 16.58
C PRO B 610 -12.19 19.07 15.44
N PRO B 611 -11.15 18.39 14.94
CA PRO B 611 -11.28 17.49 13.79
C PRO B 611 -12.36 16.43 13.97
N SER B 612 -12.60 16.01 15.21
CA SER B 612 -13.69 15.11 15.54
C SER B 612 -13.98 15.28 17.02
N TRP B 613 -15.00 14.60 17.54
CA TRP B 613 -15.23 14.57 18.99
C TRP B 613 -14.73 13.30 19.69
N ASP B 614 -13.72 12.67 19.11
CA ASP B 614 -12.99 11.56 19.73
C ASP B 614 -12.40 12.02 21.05
N GLN B 615 -12.08 11.08 21.94
CA GLN B 615 -11.52 11.39 23.25
C GLN B 615 -10.24 12.24 23.15
N MET B 616 -9.53 12.14 22.04
CA MET B 616 -8.34 12.96 21.81
C MET B 616 -8.64 14.46 22.03
N TRP B 617 -9.87 14.88 21.68
CA TRP B 617 -10.20 16.31 21.67
C TRP B 617 -11.05 16.75 22.85
N LYS B 618 -11.08 15.92 23.88
CA LYS B 618 -11.92 16.15 25.06
C LYS B 618 -11.67 17.47 25.80
N CYS B 619 -10.51 18.08 25.59
CA CYS B 619 -10.26 19.37 26.24
C CYS B 619 -11.18 20.50 25.72
N LEU B 620 -11.82 20.27 24.57
CA LEU B 620 -12.74 21.27 24.01
C LEU B 620 -14.21 21.03 24.38
N ILE B 621 -14.50 19.95 25.11
CA ILE B 621 -15.89 19.50 25.27
C ILE B 621 -16.84 20.58 25.79
N ARG B 622 -16.37 21.35 26.75
CA ARG B 622 -17.22 22.36 27.37
C ARG B 622 -17.52 23.54 26.45
N LEU B 623 -16.66 23.75 25.45
CA LEU B 623 -16.83 24.82 24.49
C LEU B 623 -17.72 24.39 23.33
N LYS B 624 -18.02 23.09 23.27
CA LYS B 624 -18.70 22.49 22.12
C LYS B 624 -19.86 23.32 21.53
N PRO B 625 -20.83 23.72 22.37
CA PRO B 625 -21.98 24.43 21.79
C PRO B 625 -21.66 25.80 21.19
N THR B 626 -20.43 26.29 21.38
CA THR B 626 -20.05 27.57 20.80
C THR B 626 -19.11 27.45 19.60
N LEU B 627 -18.74 26.22 19.25
CA LEU B 627 -17.80 26.00 18.14
C LEU B 627 -18.57 25.60 16.89
N HIS B 628 -18.25 26.22 15.76
CA HIS B 628 -19.03 26.02 14.54
C HIS B 628 -18.18 26.19 13.30
N GLY B 629 -18.62 25.56 12.21
CA GLY B 629 -17.95 25.69 10.94
C GLY B 629 -16.86 24.65 10.78
N PRO B 630 -16.02 24.82 9.76
CA PRO B 630 -14.94 23.90 9.43
C PRO B 630 -13.75 24.00 10.40
N THR B 631 -13.08 22.88 10.62
CA THR B 631 -11.87 22.86 11.43
C THR B 631 -10.69 23.44 10.68
N PRO B 632 -9.99 24.40 11.29
CA PRO B 632 -8.71 24.87 10.73
C PRO B 632 -7.62 23.83 11.00
N LEU B 633 -7.52 22.87 10.10
CA LEU B 633 -6.73 21.67 10.34
C LEU B 633 -5.24 21.95 10.19
N LEU B 634 -4.45 21.56 11.20
CA LEU B 634 -3.02 21.79 11.14
C LEU B 634 -2.24 20.59 10.59
N TYR B 635 -2.79 19.40 10.85
CA TYR B 635 -2.12 18.14 10.59
C TYR B 635 -3.10 17.06 10.98
N ARG B 636 -2.81 15.81 10.66
CA ARG B 636 -3.75 14.73 10.97
C ARG B 636 -3.15 13.79 12.00
N LEU B 637 -3.82 13.67 13.14
CA LEU B 637 -3.37 12.86 14.27
C LEU B 637 -4.37 11.75 14.50
N GLY B 638 -5.39 11.71 13.68
CA GLY B 638 -6.42 10.68 13.75
C GLY B 638 -7.47 11.00 12.70
N ALA B 639 -8.61 10.30 12.77
CA ALA B 639 -9.67 10.51 11.81
C ALA B 639 -10.17 11.95 11.91
N VAL B 640 -10.52 12.53 10.77
CA VAL B 640 -11.08 13.87 10.76
C VAL B 640 -12.51 13.77 10.27
N GLN B 641 -13.45 14.01 11.16
CA GLN B 641 -14.86 13.89 10.80
C GLN B 641 -15.47 15.21 10.36
N ASN B 642 -14.96 16.32 10.87
CA ASN B 642 -15.52 17.64 10.53
C ASN B 642 -15.02 18.13 9.18
N GLU B 643 -15.78 19.02 8.55
CA GLU B 643 -15.27 19.74 7.38
C GLU B 643 -14.01 20.50 7.76
N VAL B 644 -13.17 20.76 6.77
CA VAL B 644 -11.85 21.33 7.00
C VAL B 644 -11.68 22.61 6.20
N THR B 645 -10.99 23.60 6.79
CA THR B 645 -10.54 24.77 6.06
C THR B 645 -9.04 24.90 6.13
N LEU B 646 -8.44 25.38 5.05
CA LEU B 646 -6.99 25.55 4.99
C LEU B 646 -6.59 27.02 5.01
N THR B 647 -7.50 27.89 5.45
CA THR B 647 -7.27 29.33 5.43
C THR B 647 -6.45 29.83 6.63
N HIS B 648 -6.27 29.02 7.67
CA HIS B 648 -5.58 29.53 8.86
C HIS B 648 -4.10 29.76 8.62
N PRO B 649 -3.55 30.87 9.15
CA PRO B 649 -2.12 31.18 9.03
C PRO B 649 -1.22 30.03 9.51
N ILE B 650 -1.56 29.41 10.64
CA ILE B 650 -0.74 28.31 11.12
C ILE B 650 -0.76 27.14 10.12
N THR B 651 -1.94 26.82 9.58
CA THR B 651 -2.01 25.79 8.54
C THR B 651 -1.10 26.13 7.35
N LYS B 652 -1.15 27.39 6.92
CA LYS B 652 -0.31 27.82 5.79
C LYS B 652 1.16 27.73 6.15
N TYR B 653 1.50 28.12 7.39
CA TYR B 653 2.88 28.01 7.85
C TYR B 653 3.41 26.56 7.83
N ILE B 654 2.61 25.62 8.31
CA ILE B 654 3.06 24.22 8.28
C ILE B 654 3.09 23.69 6.85
N MET B 655 2.11 24.07 6.03
CA MET B 655 2.18 23.71 4.61
C MET B 655 3.51 24.11 3.97
N ALA B 656 3.97 25.33 4.28
CA ALA B 656 5.25 25.80 3.77
C ALA B 656 6.41 24.97 4.31
N CYS B 657 6.34 24.58 5.58
CA CYS B 657 7.36 23.68 6.15
C CYS B 657 7.48 22.37 5.35
N MET B 658 6.40 21.93 4.71
CA MET B 658 6.43 20.67 3.97
C MET B 658 7.34 20.72 2.74
N SER B 659 7.77 21.92 2.33
CA SER B 659 8.60 22.04 1.12
C SER B 659 10.08 21.76 1.35
N ALA B 660 10.45 21.54 2.61
CA ALA B 660 11.84 21.24 2.96
C ALA B 660 12.32 19.92 2.36
N ASP B 661 13.63 19.80 2.19
CA ASP B 661 14.22 18.54 1.80
C ASP B 661 13.85 17.48 2.84
N LEU B 662 13.28 16.39 2.38
CA LEU B 662 12.93 15.30 3.27
C LEU B 662 13.48 14.01 2.67
N GLU B 663 14.52 13.47 3.30
CA GLU B 663 15.09 12.20 2.87
C GLU B 663 14.24 11.06 3.39
N VAL B 664 13.83 10.18 2.48
CA VAL B 664 13.02 9.02 2.86
C VAL B 664 13.55 7.78 2.15
N VAL B 665 13.40 6.61 2.78
CA VAL B 665 14.04 5.40 2.26
C VAL B 665 13.37 4.84 1.01
N THR B 666 14.17 4.15 0.20
CA THR B 666 13.68 3.53 -1.03
C THR B 666 13.90 2.02 -1.03
ZN ZN C . -33.51 -11.42 12.55
S SO4 D . -17.67 -11.71 -34.82
O1 SO4 D . -16.36 -11.69 -34.17
O2 SO4 D . -18.10 -10.35 -35.11
O3 SO4 D . -17.54 -12.47 -36.07
O4 SO4 D . -18.67 -12.34 -33.97
S SO4 E . -14.25 8.20 -35.05
O1 SO4 E . -14.81 9.53 -34.95
O2 SO4 E . -14.42 7.50 -33.79
O3 SO4 E . -14.91 7.45 -36.11
O4 SO4 E . -12.84 8.29 -35.38
ZN ZN F . 35.20 5.57 -12.11
S SO4 G . 22.14 -6.03 33.92
O1 SO4 G . 20.92 -6.63 33.34
O2 SO4 G . 21.96 -4.61 34.18
O3 SO4 G . 22.39 -6.71 35.18
O4 SO4 G . 23.30 -6.19 33.04
S SO4 H . 9.65 9.79 35.70
O1 SO4 H . 10.62 9.40 36.70
O2 SO4 H . 8.51 8.86 35.78
O3 SO4 H . 9.15 11.14 35.96
O4 SO4 H . 10.23 9.75 34.36
#